data_2K3W
#
_entry.id   2K3W
#
loop_
_entity.id
_entity.type
_entity.pdbx_description
1 polymer 'Vacuolar protein sorting-associating protein 4A'
2 polymer 'Charged multivesicular body protein 6'
#
loop_
_entity_poly.entity_id
_entity_poly.type
_entity_poly.pdbx_seq_one_letter_code
_entity_poly.pdbx_strand_id
1 'polypeptide(L)'
;MTTSTLQKAIDLVTKATEEDKAKNYEEALRLYQHAVEYFLHAIKYEAHSDKAKESIRAKCVQYLDRAEKLKDYLRSKEKH
GKKP
;
A
2 'polypeptide(L)' EQIELPEVPSEPLPEK B
#
# COMPACT_ATOMS: atom_id res chain seq x y z
N THR A 3 -9.91 -11.96 -9.89
CA THR A 3 -8.69 -11.16 -9.77
C THR A 3 -7.81 -11.71 -8.64
N SER A 4 -6.52 -11.86 -8.94
CA SER A 4 -5.58 -12.37 -7.96
C SER A 4 -5.51 -11.44 -6.76
N THR A 5 -5.17 -12.01 -5.60
CA THR A 5 -5.08 -11.22 -4.38
C THR A 5 -4.03 -10.12 -4.52
N LEU A 6 -2.89 -10.49 -5.09
CA LEU A 6 -1.81 -9.53 -5.27
C LEU A 6 -2.24 -8.43 -6.24
N GLN A 7 -2.89 -8.83 -7.31
CA GLN A 7 -3.34 -7.86 -8.31
C GLN A 7 -4.23 -6.83 -7.64
N LYS A 8 -5.12 -7.29 -6.78
CA LYS A 8 -6.00 -6.38 -6.06
C LYS A 8 -5.17 -5.47 -5.17
N ALA A 9 -4.16 -6.04 -4.51
CA ALA A 9 -3.32 -5.25 -3.62
C ALA A 9 -2.70 -4.08 -4.38
N ILE A 10 -2.15 -4.37 -5.55
CA ILE A 10 -1.53 -3.34 -6.38
C ILE A 10 -2.60 -2.33 -6.82
N ASP A 11 -3.75 -2.83 -7.20
CA ASP A 11 -4.81 -1.95 -7.67
C ASP A 11 -5.18 -0.94 -6.58
N LEU A 12 -5.41 -1.45 -5.36
CA LEU A 12 -5.79 -0.60 -4.25
C LEU A 12 -4.69 0.40 -3.91
N VAL A 13 -3.45 -0.06 -3.90
CA VAL A 13 -2.33 0.81 -3.59
C VAL A 13 -2.16 1.87 -4.67
N THR A 14 -2.32 1.46 -5.93
CA THR A 14 -2.15 2.38 -7.05
C THR A 14 -3.09 3.56 -6.86
N LYS A 15 -4.36 3.27 -6.63
CA LYS A 15 -5.33 4.32 -6.42
C LYS A 15 -4.94 5.13 -5.18
N ALA A 16 -4.49 4.44 -4.14
CA ALA A 16 -4.10 5.11 -2.92
C ALA A 16 -3.10 6.23 -3.22
N THR A 17 -2.13 5.93 -4.08
CA THR A 17 -1.12 6.91 -4.43
C THR A 17 -1.74 8.08 -5.17
N GLU A 18 -2.69 7.79 -6.05
CA GLU A 18 -3.36 8.85 -6.79
C GLU A 18 -4.12 9.77 -5.83
N GLU A 19 -4.74 9.17 -4.82
CA GLU A 19 -5.51 9.93 -3.86
C GLU A 19 -4.58 10.80 -3.02
N ASP A 20 -3.43 10.24 -2.65
CA ASP A 20 -2.46 10.98 -1.87
C ASP A 20 -2.03 12.24 -2.61
N LYS A 21 -1.84 12.10 -3.92
CA LYS A 21 -1.45 13.24 -4.74
C LYS A 21 -2.58 14.26 -4.78
N ALA A 22 -3.81 13.75 -4.87
CA ALA A 22 -4.98 14.62 -4.93
C ALA A 22 -5.25 15.23 -3.57
N LYS A 23 -4.32 15.02 -2.64
CA LYS A 23 -4.43 15.54 -1.29
C LYS A 23 -5.56 14.85 -0.53
N ASN A 24 -5.81 13.59 -0.90
CA ASN A 24 -6.87 12.81 -0.23
C ASN A 24 -6.23 11.84 0.77
N TYR A 25 -5.68 12.38 1.83
CA TYR A 25 -5.05 11.55 2.85
C TYR A 25 -6.04 10.53 3.40
N GLU A 26 -7.28 10.95 3.60
CA GLU A 26 -8.28 10.04 4.14
C GLU A 26 -8.52 8.87 3.19
N GLU A 27 -8.83 9.17 1.94
CA GLU A 27 -9.09 8.13 0.97
C GLU A 27 -7.83 7.31 0.76
N ALA A 28 -6.70 7.99 0.60
CA ALA A 28 -5.43 7.32 0.39
C ALA A 28 -5.13 6.39 1.55
N LEU A 29 -5.36 6.85 2.78
CA LEU A 29 -5.10 6.05 3.95
C LEU A 29 -5.92 4.77 3.93
N ARG A 30 -7.19 4.89 3.61
CA ARG A 30 -8.05 3.71 3.58
C ARG A 30 -7.55 2.70 2.56
N LEU A 31 -7.16 3.19 1.39
CA LEU A 31 -6.65 2.32 0.34
C LEU A 31 -5.32 1.71 0.74
N TYR A 32 -4.49 2.50 1.40
CA TYR A 32 -3.18 2.01 1.83
C TYR A 32 -3.33 0.81 2.75
N GLN A 33 -4.20 0.93 3.74
CA GLN A 33 -4.43 -0.15 4.68
C GLN A 33 -4.98 -1.38 3.97
N HIS A 34 -5.89 -1.14 3.02
CA HIS A 34 -6.49 -2.25 2.28
C HIS A 34 -5.43 -2.95 1.42
N ALA A 35 -4.69 -2.17 0.64
CA ALA A 35 -3.67 -2.72 -0.22
C ALA A 35 -2.75 -3.65 0.58
N VAL A 36 -2.28 -3.15 1.73
CA VAL A 36 -1.38 -3.94 2.56
C VAL A 36 -2.04 -5.26 2.95
N GLU A 37 -3.30 -5.19 3.31
CA GLU A 37 -4.02 -6.40 3.71
C GLU A 37 -3.93 -7.47 2.62
N TYR A 38 -4.23 -7.08 1.39
CA TYR A 38 -4.19 -8.02 0.28
C TYR A 38 -2.77 -8.52 0.04
N PHE A 39 -1.80 -7.64 0.18
CA PHE A 39 -0.41 -8.01 -0.02
C PHE A 39 0.02 -9.12 0.97
N LEU A 40 -0.30 -8.90 2.23
CA LEU A 40 0.05 -9.86 3.28
C LEU A 40 -0.68 -11.17 3.03
N HIS A 41 -1.92 -11.07 2.58
CA HIS A 41 -2.71 -12.27 2.30
C HIS A 41 -2.12 -13.04 1.11
N ALA A 42 -1.52 -12.31 0.18
CA ALA A 42 -0.95 -12.96 -0.99
C ALA A 42 0.26 -13.82 -0.63
N ILE A 43 1.15 -13.26 0.16
CA ILE A 43 2.33 -14.03 0.57
C ILE A 43 1.96 -15.21 1.47
N LYS A 44 0.92 -15.04 2.27
CA LYS A 44 0.50 -16.13 3.16
C LYS A 44 -0.37 -17.15 2.47
N TYR A 45 -1.38 -16.67 1.78
CA TYR A 45 -2.32 -17.56 1.09
C TYR A 45 -1.83 -17.95 -0.30
N GLU A 46 -0.86 -17.21 -0.82
CA GLU A 46 -0.31 -17.50 -2.15
C GLU A 46 1.18 -17.78 -2.03
N ALA A 47 1.69 -18.61 -2.92
CA ALA A 47 3.11 -19.00 -2.91
C ALA A 47 3.90 -18.12 -3.87
N HIS A 48 5.10 -17.74 -3.45
CA HIS A 48 5.97 -16.91 -4.27
C HIS A 48 7.42 -17.04 -3.83
N SER A 49 8.35 -16.75 -4.74
CA SER A 49 9.77 -16.87 -4.43
C SER A 49 10.14 -16.00 -3.24
N ASP A 50 11.33 -16.22 -2.71
CA ASP A 50 11.77 -15.44 -1.55
C ASP A 50 11.84 -13.96 -1.91
N LYS A 51 12.54 -13.65 -3.00
CA LYS A 51 12.69 -12.27 -3.43
C LYS A 51 11.31 -11.62 -3.53
N ALA A 52 10.32 -12.40 -3.92
CA ALA A 52 8.96 -11.89 -4.02
C ALA A 52 8.45 -11.50 -2.64
N LYS A 53 8.50 -12.44 -1.69
CA LYS A 53 8.03 -12.17 -0.34
C LYS A 53 8.72 -10.93 0.23
N GLU A 54 10.04 -10.89 0.13
CA GLU A 54 10.79 -9.77 0.64
C GLU A 54 10.27 -8.48 0.02
N SER A 55 9.94 -8.54 -1.26
CA SER A 55 9.42 -7.36 -1.94
C SER A 55 8.12 -6.91 -1.30
N ILE A 56 7.25 -7.87 -1.01
CA ILE A 56 5.96 -7.54 -0.43
C ILE A 56 6.14 -7.03 0.99
N ARG A 57 6.99 -7.71 1.76
CA ARG A 57 7.25 -7.33 3.14
C ARG A 57 7.87 -5.94 3.20
N ALA A 58 8.73 -5.64 2.23
CA ALA A 58 9.39 -4.33 2.17
C ALA A 58 8.39 -3.22 1.81
N LYS A 59 7.65 -3.45 0.75
CA LYS A 59 6.66 -2.48 0.33
C LYS A 59 5.54 -2.38 1.35
N CYS A 60 5.19 -3.50 1.94
CA CYS A 60 4.13 -3.54 2.93
C CYS A 60 4.44 -2.57 4.07
N VAL A 61 5.65 -2.67 4.62
CA VAL A 61 6.06 -1.79 5.70
C VAL A 61 6.08 -0.33 5.23
N GLN A 62 6.35 -0.14 3.95
CA GLN A 62 6.38 1.20 3.38
C GLN A 62 4.98 1.79 3.31
N TYR A 63 4.04 0.98 2.80
CA TYR A 63 2.66 1.43 2.68
C TYR A 63 2.07 1.73 4.05
N LEU A 64 2.26 0.81 4.98
CA LEU A 64 1.72 1.01 6.32
C LEU A 64 2.31 2.25 6.95
N ASP A 65 3.64 2.38 6.92
CA ASP A 65 4.28 3.54 7.50
C ASP A 65 3.61 4.81 7.01
N ARG A 66 3.37 4.88 5.70
CA ARG A 66 2.71 6.05 5.13
C ARG A 66 1.31 6.19 5.74
N ALA A 67 0.60 5.09 5.85
CA ALA A 67 -0.74 5.12 6.41
C ALA A 67 -0.70 5.59 7.86
N GLU A 68 0.34 5.19 8.58
CA GLU A 68 0.49 5.57 9.98
C GLU A 68 0.64 7.08 10.14
N LYS A 69 1.61 7.65 9.45
CA LYS A 69 1.84 9.09 9.55
C LYS A 69 0.61 9.85 9.05
N LEU A 70 -0.03 9.31 8.02
CA LEU A 70 -1.20 9.96 7.44
C LEU A 70 -2.29 10.09 8.48
N LYS A 71 -2.55 9.00 9.16
CA LYS A 71 -3.53 8.96 10.22
C LYS A 71 -3.04 9.70 11.45
N ASP A 72 -1.73 9.83 11.58
CA ASP A 72 -1.14 10.49 12.74
C ASP A 72 -1.47 11.98 12.80
N TYR A 73 -1.11 12.69 11.75
CA TYR A 73 -1.37 14.12 11.71
C TYR A 73 -2.84 14.38 11.41
N LEU A 74 -3.47 13.46 10.68
CA LEU A 74 -4.88 13.62 10.36
C LEU A 74 -5.69 13.66 11.66
N ARG A 75 -5.41 12.72 12.55
CA ARG A 75 -6.11 12.67 13.82
C ARG A 75 -5.81 13.94 14.61
N ILE B 3 7.44 -9.53 -10.71
CA ILE B 3 6.75 -8.76 -9.68
C ILE B 3 7.17 -7.30 -9.74
N GLU B 4 6.22 -6.43 -10.08
CA GLU B 4 6.51 -5.01 -10.16
C GLU B 4 5.53 -4.23 -9.31
N LEU B 5 6.03 -3.66 -8.21
CA LEU B 5 5.17 -2.90 -7.30
C LEU B 5 5.41 -1.40 -7.47
N PRO B 6 4.47 -0.59 -7.02
CA PRO B 6 4.60 0.90 -7.11
C PRO B 6 5.30 1.49 -5.89
N GLU B 7 5.69 2.76 -6.01
CA GLU B 7 6.37 3.45 -4.91
C GLU B 7 5.52 4.61 -4.41
N VAL B 8 5.26 4.61 -3.11
CA VAL B 8 4.45 5.65 -2.51
C VAL B 8 4.95 7.04 -2.92
N PRO B 9 4.05 7.97 -3.14
CA PRO B 9 4.42 9.36 -3.52
C PRO B 9 4.95 10.16 -2.34
N SER B 10 6.19 10.63 -2.45
CA SER B 10 6.79 11.41 -1.37
C SER B 10 6.32 12.85 -1.45
N GLU B 11 5.16 13.13 -0.87
CA GLU B 11 4.62 14.47 -0.88
C GLU B 11 5.14 15.27 0.32
N PRO B 12 4.96 16.58 0.31
CA PRO B 12 5.41 17.47 1.43
C PRO B 12 4.31 17.69 2.45
N LEU B 13 3.69 16.60 2.89
CA LEU B 13 2.62 16.68 3.87
C LEU B 13 3.18 16.63 5.29
N PRO B 14 2.44 17.15 6.24
CA PRO B 14 2.88 17.15 7.67
C PRO B 14 3.69 15.92 8.02
N THR A 3 -9.17 -12.60 -9.37
CA THR A 3 -7.90 -11.90 -9.49
C THR A 3 -6.96 -12.29 -8.36
N SER A 4 -5.69 -12.50 -8.70
CA SER A 4 -4.70 -12.87 -7.70
C SER A 4 -4.66 -11.83 -6.57
N THR A 5 -4.34 -12.30 -5.37
CA THR A 5 -4.28 -11.41 -4.21
C THR A 5 -3.23 -10.34 -4.43
N LEU A 6 -2.09 -10.71 -5.00
CA LEU A 6 -1.03 -9.77 -5.25
C LEU A 6 -1.47 -8.71 -6.27
N GLN A 7 -2.09 -9.17 -7.34
CA GLN A 7 -2.54 -8.27 -8.39
C GLN A 7 -3.50 -7.24 -7.82
N LYS A 8 -4.43 -7.69 -6.99
CA LYS A 8 -5.40 -6.80 -6.38
C LYS A 8 -4.70 -5.80 -5.47
N ALA A 9 -3.76 -6.29 -4.67
CA ALA A 9 -3.04 -5.42 -3.75
C ALA A 9 -2.37 -4.28 -4.51
N ILE A 10 -1.71 -4.62 -5.61
CA ILE A 10 -1.04 -3.62 -6.44
C ILE A 10 -2.07 -2.65 -7.02
N ASP A 11 -3.18 -3.19 -7.49
CA ASP A 11 -4.22 -2.35 -8.08
C ASP A 11 -4.70 -1.31 -7.08
N LEU A 12 -4.99 -1.76 -5.86
CA LEU A 12 -5.50 -0.85 -4.84
C LEU A 12 -4.48 0.22 -4.48
N VAL A 13 -3.23 -0.20 -4.32
CA VAL A 13 -2.17 0.74 -3.98
C VAL A 13 -1.92 1.71 -5.12
N THR A 14 -1.96 1.20 -6.35
CA THR A 14 -1.71 2.04 -7.52
C THR A 14 -2.69 3.21 -7.52
N LYS A 15 -3.98 2.90 -7.38
CA LYS A 15 -4.99 3.94 -7.34
C LYS A 15 -4.76 4.84 -6.13
N ALA A 16 -4.43 4.23 -5.01
CA ALA A 16 -4.17 4.99 -3.79
C ALA A 16 -3.17 6.11 -4.05
N THR A 17 -2.11 5.78 -4.79
CA THR A 17 -1.08 6.76 -5.10
C THR A 17 -1.64 7.87 -5.97
N GLU A 18 -2.49 7.50 -6.92
CA GLU A 18 -3.09 8.49 -7.80
C GLU A 18 -4.01 9.43 -7.00
N GLU A 19 -4.71 8.86 -6.02
CA GLU A 19 -5.61 9.65 -5.19
C GLU A 19 -4.81 10.58 -4.31
N ASP A 20 -3.71 10.09 -3.77
CA ASP A 20 -2.86 10.90 -2.92
C ASP A 20 -2.35 12.12 -3.69
N LYS A 21 -1.99 11.91 -4.95
CA LYS A 21 -1.52 13.02 -5.79
C LYS A 21 -2.66 14.00 -6.04
N ALA A 22 -3.87 13.45 -6.24
CA ALA A 22 -5.03 14.29 -6.49
C ALA A 22 -5.48 14.96 -5.20
N LYS A 23 -4.65 14.86 -4.16
CA LYS A 23 -4.97 15.46 -2.88
C LYS A 23 -6.16 14.77 -2.24
N ASN A 24 -6.36 13.50 -2.57
CA ASN A 24 -7.47 12.74 -1.99
C ASN A 24 -6.95 11.85 -0.86
N TYR A 25 -6.54 12.48 0.23
CA TYR A 25 -6.04 11.74 1.38
C TYR A 25 -7.06 10.72 1.87
N GLU A 26 -8.32 11.14 1.93
CA GLU A 26 -9.37 10.24 2.40
C GLU A 26 -9.48 9.00 1.52
N GLU A 27 -9.65 9.21 0.22
CA GLU A 27 -9.76 8.09 -0.71
C GLU A 27 -8.45 7.29 -0.74
N ALA A 28 -7.33 8.00 -0.81
CA ALA A 28 -6.03 7.36 -0.84
C ALA A 28 -5.83 6.50 0.41
N LEU A 29 -6.20 7.04 1.57
CA LEU A 29 -6.05 6.32 2.81
C LEU A 29 -6.80 5.00 2.77
N ARG A 30 -8.04 5.05 2.31
CA ARG A 30 -8.85 3.84 2.27
C ARG A 30 -8.20 2.79 1.39
N LEU A 31 -7.68 3.22 0.25
CA LEU A 31 -7.03 2.31 -0.68
C LEU A 31 -5.73 1.77 -0.08
N TYR A 32 -5.01 2.63 0.61
CA TYR A 32 -3.74 2.23 1.21
C TYR A 32 -3.96 1.10 2.21
N GLN A 33 -4.93 1.27 3.09
CA GLN A 33 -5.21 0.25 4.09
C GLN A 33 -5.68 -1.04 3.43
N HIS A 34 -6.54 -0.90 2.42
CA HIS A 34 -7.06 -2.06 1.72
C HIS A 34 -5.93 -2.81 1.00
N ALA A 35 -5.14 -2.07 0.24
CA ALA A 35 -4.03 -2.66 -0.50
C ALA A 35 -3.14 -3.47 0.43
N VAL A 36 -2.79 -2.88 1.56
CA VAL A 36 -1.94 -3.54 2.53
C VAL A 36 -2.56 -4.87 2.97
N GLU A 37 -3.87 -4.84 3.21
CA GLU A 37 -4.57 -6.05 3.62
C GLU A 37 -4.36 -7.17 2.62
N TYR A 38 -4.54 -6.86 1.34
CA TYR A 38 -4.35 -7.85 0.29
C TYR A 38 -2.90 -8.33 0.26
N PHE A 39 -1.98 -7.41 0.46
CA PHE A 39 -0.56 -7.76 0.46
C PHE A 39 -0.24 -8.76 1.56
N LEU A 40 -0.66 -8.44 2.78
CA LEU A 40 -0.43 -9.31 3.92
C LEU A 40 -1.11 -10.66 3.70
N HIS A 41 -2.29 -10.61 3.12
CA HIS A 41 -3.03 -11.83 2.85
C HIS A 41 -2.31 -12.70 1.81
N ALA A 42 -1.66 -12.04 0.87
CA ALA A 42 -0.95 -12.76 -0.18
C ALA A 42 0.21 -13.58 0.38
N ILE A 43 1.00 -12.96 1.22
CA ILE A 43 2.15 -13.65 1.80
C ILE A 43 1.72 -14.78 2.73
N LYS A 44 0.59 -14.58 3.41
CA LYS A 44 0.09 -15.60 4.33
C LYS A 44 -0.71 -16.68 3.62
N TYR A 45 -1.67 -16.24 2.82
CA TYR A 45 -2.54 -17.17 2.11
C TYR A 45 -1.94 -17.64 0.79
N GLU A 46 -0.94 -16.90 0.31
CA GLU A 46 -0.27 -17.26 -0.95
C GLU A 46 1.21 -17.47 -0.70
N ALA A 47 1.79 -18.42 -1.40
CA ALA A 47 3.20 -18.74 -1.25
C ALA A 47 4.06 -17.91 -2.19
N HIS A 48 5.27 -17.57 -1.76
CA HIS A 48 6.16 -16.77 -2.58
C HIS A 48 7.62 -17.00 -2.16
N SER A 49 8.52 -16.19 -2.70
CA SER A 49 9.94 -16.31 -2.38
C SER A 49 10.32 -15.40 -1.23
N ASP A 50 11.28 -15.84 -0.42
CA ASP A 50 11.73 -15.05 0.72
C ASP A 50 11.98 -13.60 0.29
N LYS A 51 12.47 -13.43 -0.94
CA LYS A 51 12.73 -12.10 -1.47
C LYS A 51 11.41 -11.35 -1.66
N ALA A 52 10.39 -12.08 -2.11
CA ALA A 52 9.07 -11.48 -2.32
C ALA A 52 8.49 -11.02 -1.00
N LYS A 53 8.37 -11.93 -0.05
CA LYS A 53 7.81 -11.60 1.26
C LYS A 53 8.47 -10.34 1.81
N GLU A 54 9.80 -10.35 1.86
CA GLU A 54 10.51 -9.19 2.38
C GLU A 54 10.05 -7.93 1.67
N SER A 55 9.84 -8.04 0.36
CA SER A 55 9.39 -6.88 -0.42
C SER A 55 8.00 -6.46 0.05
N ILE A 56 7.13 -7.43 0.28
CA ILE A 56 5.76 -7.13 0.70
C ILE A 56 5.76 -6.52 2.09
N ARG A 57 6.50 -7.13 3.00
CA ARG A 57 6.56 -6.64 4.38
C ARG A 57 7.07 -5.20 4.41
N ALA A 58 8.29 -4.99 3.90
CA ALA A 58 8.88 -3.66 3.88
C ALA A 58 7.91 -2.65 3.26
N LYS A 59 7.42 -2.96 2.08
CA LYS A 59 6.49 -2.08 1.39
C LYS A 59 5.21 -1.90 2.20
N CYS A 60 4.72 -2.99 2.76
CA CYS A 60 3.51 -2.95 3.56
C CYS A 60 3.63 -1.88 4.63
N VAL A 61 4.81 -1.78 5.23
CA VAL A 61 5.04 -0.77 6.26
C VAL A 61 4.96 0.62 5.65
N GLN A 62 5.66 0.81 4.52
CA GLN A 62 5.65 2.11 3.86
C GLN A 62 4.22 2.57 3.57
N TYR A 63 3.42 1.66 3.03
CA TYR A 63 2.03 1.97 2.73
C TYR A 63 1.26 2.33 3.99
N LEU A 64 1.35 1.47 5.00
CA LEU A 64 0.65 1.71 6.25
C LEU A 64 1.11 3.04 6.86
N ASP A 65 2.41 3.23 6.98
CA ASP A 65 2.93 4.45 7.55
C ASP A 65 2.25 5.66 6.91
N ARG A 66 2.18 5.66 5.59
CA ARG A 66 1.53 6.75 4.88
C ARG A 66 0.08 6.86 5.32
N ALA A 67 -0.60 5.72 5.40
CA ALA A 67 -2.00 5.72 5.82
C ALA A 67 -2.14 6.29 7.23
N GLU A 68 -1.17 5.99 8.08
CA GLU A 68 -1.21 6.47 9.46
C GLU A 68 -1.13 7.98 9.52
N LYS A 69 -0.08 8.54 8.94
CA LYS A 69 0.11 9.98 8.95
C LYS A 69 -1.08 10.67 8.28
N LEU A 70 -1.60 10.04 7.22
CA LEU A 70 -2.74 10.59 6.50
C LEU A 70 -3.93 10.73 7.43
N LYS A 71 -4.20 9.68 8.17
CA LYS A 71 -5.30 9.67 9.13
C LYS A 71 -4.96 10.55 10.33
N ASP A 72 -3.66 10.76 10.56
CA ASP A 72 -3.23 11.52 11.72
C ASP A 72 -3.65 12.99 11.64
N TYR A 73 -3.22 13.65 10.58
CA TYR A 73 -3.54 15.07 10.40
C TYR A 73 -4.97 15.23 9.90
N LEU A 74 -5.46 14.22 9.19
CA LEU A 74 -6.84 14.26 8.69
C LEU A 74 -7.80 14.33 9.86
N ARG A 75 -7.61 13.43 10.83
CA ARG A 75 -8.47 13.41 12.01
C ARG A 75 -8.29 14.68 12.82
N ILE B 3 8.73 -9.38 -9.02
CA ILE B 3 7.77 -8.58 -8.26
C ILE B 3 8.19 -7.11 -8.26
N GLU B 4 7.43 -6.29 -8.96
CA GLU B 4 7.71 -4.86 -9.04
C GLU B 4 6.57 -4.06 -8.44
N LEU B 5 6.80 -3.48 -7.27
CA LEU B 5 5.78 -2.68 -6.60
C LEU B 5 6.00 -1.19 -6.84
N PRO B 6 5.00 -0.40 -6.60
CA PRO B 6 5.10 1.08 -6.79
C PRO B 6 5.62 1.79 -5.55
N GLU B 7 6.19 2.98 -5.74
CA GLU B 7 6.71 3.76 -4.63
C GLU B 7 5.73 4.86 -4.23
N VAL B 8 5.37 4.87 -2.96
CA VAL B 8 4.43 5.85 -2.45
C VAL B 8 4.88 7.27 -2.81
N PRO B 9 3.97 8.08 -3.29
CA PRO B 9 4.29 9.49 -3.66
C PRO B 9 4.54 10.37 -2.44
N SER B 10 5.35 11.42 -2.63
CA SER B 10 5.67 12.34 -1.54
C SER B 10 5.07 13.71 -1.83
N GLU B 11 3.82 13.90 -1.42
CA GLU B 11 3.15 15.18 -1.63
C GLU B 11 3.46 16.13 -0.48
N PRO B 12 3.09 17.37 -0.62
CA PRO B 12 3.32 18.41 0.43
C PRO B 12 2.21 18.42 1.49
N LEU B 13 1.47 17.33 1.56
CA LEU B 13 0.38 17.24 2.52
C LEU B 13 0.83 17.75 3.89
N PRO B 14 -0.01 18.50 4.57
CA PRO B 14 0.32 19.06 5.91
C PRO B 14 1.24 18.15 6.70
N THR A 3 -9.46 -12.40 -9.54
CA THR A 3 -8.17 -11.74 -9.69
C THR A 3 -7.19 -12.21 -8.63
N SER A 4 -5.92 -12.29 -9.00
CA SER A 4 -4.89 -12.73 -8.07
C SER A 4 -4.80 -11.78 -6.88
N THR A 5 -4.40 -12.31 -5.73
CA THR A 5 -4.29 -11.51 -4.54
C THR A 5 -3.26 -10.41 -4.74
N LEU A 6 -2.13 -10.75 -5.35
CA LEU A 6 -1.08 -9.78 -5.59
C LEU A 6 -1.56 -8.69 -6.55
N GLN A 7 -2.19 -9.12 -7.62
CA GLN A 7 -2.67 -8.17 -8.62
C GLN A 7 -3.64 -7.18 -7.99
N LYS A 8 -4.52 -7.69 -7.13
CA LYS A 8 -5.48 -6.85 -6.48
C LYS A 8 -4.79 -5.86 -5.54
N ALA A 9 -3.82 -6.35 -4.80
CA ALA A 9 -3.10 -5.49 -3.86
C ALA A 9 -2.47 -4.31 -4.61
N ILE A 10 -1.82 -4.61 -5.73
CA ILE A 10 -1.18 -3.57 -6.53
C ILE A 10 -2.25 -2.60 -7.06
N ASP A 11 -3.35 -3.12 -7.49
CA ASP A 11 -4.40 -2.27 -8.03
C ASP A 11 -4.86 -1.26 -6.99
N LEU A 12 -5.15 -1.75 -5.79
CA LEU A 12 -5.63 -0.90 -4.70
C LEU A 12 -4.58 0.14 -4.31
N VAL A 13 -3.33 -0.29 -4.22
CA VAL A 13 -2.26 0.61 -3.85
C VAL A 13 -2.05 1.67 -4.94
N THR A 14 -2.13 1.24 -6.19
CA THR A 14 -1.93 2.15 -7.31
C THR A 14 -2.91 3.31 -7.21
N LYS A 15 -4.18 2.97 -7.05
CA LYS A 15 -5.19 4.01 -6.93
C LYS A 15 -4.89 4.84 -5.68
N ALA A 16 -4.49 4.19 -4.61
CA ALA A 16 -4.20 4.91 -3.39
C ALA A 16 -3.22 6.04 -3.65
N THR A 17 -2.18 5.75 -4.44
CA THR A 17 -1.17 6.75 -4.74
C THR A 17 -1.78 7.89 -5.54
N GLU A 18 -2.63 7.57 -6.50
CA GLU A 18 -3.25 8.62 -7.31
C GLU A 18 -4.10 9.54 -6.42
N GLU A 19 -4.81 8.94 -5.47
CA GLU A 19 -5.66 9.70 -4.57
C GLU A 19 -4.82 10.61 -3.71
N ASP A 20 -3.67 10.11 -3.28
CA ASP A 20 -2.78 10.90 -2.46
C ASP A 20 -2.34 12.15 -3.22
N LYS A 21 -2.09 11.99 -4.52
CA LYS A 21 -1.69 13.12 -5.34
C LYS A 21 -2.83 14.12 -5.44
N ALA A 22 -4.05 13.59 -5.58
CA ALA A 22 -5.23 14.44 -5.69
C ALA A 22 -5.58 15.06 -4.35
N LYS A 23 -4.68 14.89 -3.38
CA LYS A 23 -4.89 15.41 -2.03
C LYS A 23 -6.04 14.69 -1.34
N ASN A 24 -6.27 13.45 -1.73
CA ASN A 24 -7.33 12.65 -1.12
C ASN A 24 -6.75 11.72 -0.07
N TYR A 25 -6.30 12.29 1.03
CA TYR A 25 -5.72 11.49 2.11
C TYR A 25 -6.73 10.47 2.62
N GLU A 26 -7.98 10.88 2.75
CA GLU A 26 -9.01 9.97 3.23
C GLU A 26 -9.17 8.76 2.31
N GLU A 27 -9.38 9.04 1.03
CA GLU A 27 -9.55 7.95 0.06
C GLU A 27 -8.25 7.16 -0.07
N ALA A 28 -7.13 7.88 -0.18
CA ALA A 28 -5.85 7.23 -0.30
C ALA A 28 -5.57 6.34 0.89
N LEU A 29 -5.87 6.82 2.09
CA LEU A 29 -5.65 6.04 3.30
C LEU A 29 -6.43 4.75 3.26
N ARG A 30 -7.68 4.82 2.87
CA ARG A 30 -8.50 3.62 2.83
C ARG A 30 -7.90 2.60 1.87
N LEU A 31 -7.47 3.08 0.70
CA LEU A 31 -6.88 2.20 -0.29
C LEU A 31 -5.57 1.63 0.20
N TYR A 32 -4.78 2.46 0.89
CA TYR A 32 -3.48 2.01 1.40
C TYR A 32 -3.65 0.83 2.35
N GLN A 33 -4.59 0.97 3.28
CA GLN A 33 -4.82 -0.10 4.24
C GLN A 33 -5.32 -1.36 3.53
N HIS A 34 -6.20 -1.17 2.56
CA HIS A 34 -6.73 -2.30 1.82
C HIS A 34 -5.63 -3.00 1.03
N ALA A 35 -4.85 -2.23 0.29
CA ALA A 35 -3.76 -2.78 -0.49
C ALA A 35 -2.87 -3.66 0.39
N VAL A 36 -2.47 -3.12 1.53
CA VAL A 36 -1.61 -3.86 2.44
C VAL A 36 -2.27 -5.19 2.84
N GLU A 37 -3.55 -5.13 3.13
CA GLU A 37 -4.27 -6.34 3.52
C GLU A 37 -4.11 -7.43 2.47
N TYR A 38 -4.35 -7.08 1.22
CA TYR A 38 -4.22 -8.04 0.13
C TYR A 38 -2.79 -8.54 0.00
N PHE A 39 -1.84 -7.63 0.20
CA PHE A 39 -0.43 -7.99 0.09
C PHE A 39 -0.07 -9.06 1.12
N LEU A 40 -0.46 -8.82 2.37
CA LEU A 40 -0.19 -9.74 3.44
C LEU A 40 -0.88 -11.06 3.16
N HIS A 41 -2.09 -11.00 2.67
CA HIS A 41 -2.83 -12.22 2.37
C HIS A 41 -2.13 -13.02 1.27
N ALA A 42 -1.56 -12.32 0.31
CA ALA A 42 -0.89 -13.01 -0.80
C ALA A 42 0.32 -13.81 -0.34
N ILE A 43 1.16 -13.22 0.48
CA ILE A 43 2.32 -13.93 0.96
C ILE A 43 1.94 -15.15 1.81
N LYS A 44 0.83 -15.04 2.54
CA LYS A 44 0.38 -16.17 3.37
C LYS A 44 -0.46 -17.19 2.60
N TYR A 45 -1.41 -16.67 1.82
CA TYR A 45 -2.32 -17.54 1.06
C TYR A 45 -1.76 -17.84 -0.33
N GLU A 46 -0.80 -17.04 -0.78
CA GLU A 46 -0.19 -17.24 -2.10
C GLU A 46 1.31 -17.46 -1.94
N ALA A 47 1.82 -18.50 -2.56
CA ALA A 47 3.24 -18.83 -2.46
C ALA A 47 4.06 -17.97 -3.40
N HIS A 48 5.21 -17.53 -2.92
CA HIS A 48 6.10 -16.71 -3.73
C HIS A 48 7.54 -16.81 -3.22
N SER A 49 8.50 -16.50 -4.09
CA SER A 49 9.91 -16.59 -3.72
C SER A 49 10.18 -15.73 -2.49
N ASP A 50 11.14 -16.18 -1.69
CA ASP A 50 11.48 -15.46 -0.47
C ASP A 50 11.82 -14.01 -0.79
N LYS A 51 12.35 -13.80 -1.99
CA LYS A 51 12.69 -12.45 -2.41
C LYS A 51 11.43 -11.61 -2.53
N ALA A 52 10.37 -12.22 -3.07
CA ALA A 52 9.11 -11.52 -3.21
C ALA A 52 8.57 -11.16 -1.84
N LYS A 53 8.45 -12.14 -0.96
CA LYS A 53 7.94 -11.86 0.38
C LYS A 53 8.63 -10.65 0.97
N GLU A 54 9.95 -10.67 0.99
CA GLU A 54 10.67 -9.55 1.54
C GLU A 54 10.21 -8.26 0.89
N SER A 55 9.98 -8.32 -0.41
CA SER A 55 9.51 -7.14 -1.11
C SER A 55 8.13 -6.71 -0.60
N ILE A 56 7.25 -7.69 -0.40
CA ILE A 56 5.91 -7.40 0.06
C ILE A 56 5.93 -6.86 1.48
N ARG A 57 6.69 -7.54 2.35
CA ARG A 57 6.78 -7.13 3.75
C ARG A 57 7.34 -5.70 3.83
N ALA A 58 8.54 -5.51 3.30
CA ALA A 58 9.17 -4.20 3.34
C ALA A 58 8.22 -3.13 2.79
N LYS A 59 7.66 -3.40 1.63
CA LYS A 59 6.73 -2.45 1.02
C LYS A 59 5.49 -2.27 1.88
N CYS A 60 4.99 -3.37 2.42
CA CYS A 60 3.81 -3.32 3.26
C CYS A 60 4.02 -2.29 4.35
N VAL A 61 5.23 -2.22 4.88
CA VAL A 61 5.55 -1.26 5.91
C VAL A 61 5.46 0.15 5.33
N GLN A 62 6.09 0.36 4.17
CA GLN A 62 6.08 1.67 3.54
C GLN A 62 4.64 2.15 3.33
N TYR A 63 3.79 1.26 2.81
CA TYR A 63 2.40 1.61 2.58
C TYR A 63 1.70 1.92 3.89
N LEU A 64 1.85 1.03 4.86
CA LEU A 64 1.22 1.25 6.15
C LEU A 64 1.71 2.54 6.78
N ASP A 65 3.02 2.74 6.80
CA ASP A 65 3.58 3.95 7.39
C ASP A 65 2.89 5.17 6.82
N ARG A 66 2.70 5.18 5.50
CA ARG A 66 2.02 6.30 4.87
C ARG A 66 0.60 6.41 5.41
N ALA A 67 -0.07 5.28 5.52
CA ALA A 67 -1.43 5.28 6.02
C ALA A 67 -1.47 5.80 7.46
N GLU A 68 -0.45 5.46 8.24
CA GLU A 68 -0.39 5.89 9.62
C GLU A 68 -0.29 7.41 9.74
N LYS A 69 0.70 7.99 9.06
CA LYS A 69 0.88 9.43 9.11
C LYS A 69 -0.35 10.13 8.54
N LEU A 70 -0.94 9.54 7.50
CA LEU A 70 -2.11 10.13 6.86
C LEU A 70 -3.24 10.25 7.86
N LYS A 71 -3.49 9.17 8.55
CA LYS A 71 -4.52 9.11 9.57
C LYS A 71 -4.11 9.91 10.81
N ASP A 72 -2.79 10.09 10.99
CA ASP A 72 -2.28 10.80 12.15
C ASP A 72 -2.67 12.27 12.16
N TYR A 73 -2.32 12.97 11.09
CA TYR A 73 -2.65 14.39 11.02
C TYR A 73 -4.11 14.57 10.65
N LEU A 74 -4.66 13.62 9.91
CA LEU A 74 -6.07 13.72 9.52
C LEU A 74 -6.96 13.74 10.75
N ARG A 75 -6.72 12.81 11.67
CA ARG A 75 -7.50 12.76 12.90
C ARG A 75 -7.15 13.94 13.79
N ILE B 3 8.16 -9.94 -9.66
CA ILE B 3 7.25 -9.08 -8.91
C ILE B 3 7.52 -7.63 -9.22
N GLU B 4 6.43 -6.89 -9.42
CA GLU B 4 6.54 -5.48 -9.72
C GLU B 4 5.60 -4.68 -8.85
N LEU B 5 6.16 -3.80 -8.01
CA LEU B 5 5.35 -2.98 -7.11
C LEU B 5 5.56 -1.49 -7.39
N PRO B 6 4.64 -0.65 -6.98
CA PRO B 6 4.76 0.83 -7.17
C PRO B 6 5.41 1.52 -5.97
N GLU B 7 5.75 2.79 -6.13
CA GLU B 7 6.36 3.57 -5.06
C GLU B 7 5.39 4.61 -4.55
N VAL B 8 5.33 4.75 -3.23
CA VAL B 8 4.43 5.72 -2.62
C VAL B 8 4.87 7.16 -2.94
N PRO B 9 3.93 8.03 -3.25
CA PRO B 9 4.23 9.46 -3.56
C PRO B 9 4.61 10.24 -2.31
N SER B 10 5.31 11.36 -2.50
CA SER B 10 5.73 12.20 -1.39
C SER B 10 5.26 13.63 -1.62
N GLU B 11 4.00 13.90 -1.24
CA GLU B 11 3.45 15.24 -1.42
C GLU B 11 3.79 16.12 -0.22
N PRO B 12 3.55 17.41 -0.32
CA PRO B 12 3.80 18.36 0.81
C PRO B 12 2.84 18.13 1.96
N LEU B 13 2.68 16.88 2.36
CA LEU B 13 1.78 16.53 3.43
C LEU B 13 2.19 17.23 4.72
N PRO B 14 1.24 17.75 5.48
CA PRO B 14 1.54 18.45 6.76
C PRO B 14 2.77 17.89 7.47
N THR A 3 -9.40 -12.22 -10.13
CA THR A 3 -8.17 -11.43 -10.04
C THR A 3 -7.23 -12.01 -9.00
N SER A 4 -5.96 -12.11 -9.35
CA SER A 4 -4.96 -12.65 -8.43
C SER A 4 -4.82 -11.75 -7.21
N THR A 5 -4.43 -12.34 -6.09
CA THR A 5 -4.28 -11.59 -4.85
C THR A 5 -3.24 -10.49 -5.03
N LEU A 6 -2.12 -10.84 -5.64
CA LEU A 6 -1.06 -9.88 -5.84
C LEU A 6 -1.49 -8.77 -6.80
N GLN A 7 -2.12 -9.16 -7.90
CA GLN A 7 -2.57 -8.20 -8.88
C GLN A 7 -3.54 -7.19 -8.26
N LYS A 8 -4.51 -7.71 -7.51
CA LYS A 8 -5.49 -6.85 -6.87
C LYS A 8 -4.82 -5.91 -5.87
N ALA A 9 -3.91 -6.46 -5.08
CA ALA A 9 -3.21 -5.65 -4.09
C ALA A 9 -2.53 -4.45 -4.75
N ILE A 10 -1.89 -4.70 -5.89
CA ILE A 10 -1.22 -3.64 -6.62
C ILE A 10 -2.27 -2.63 -7.12
N ASP A 11 -3.38 -3.13 -7.60
CA ASP A 11 -4.43 -2.24 -8.12
C ASP A 11 -4.88 -1.27 -7.04
N LEU A 12 -5.15 -1.78 -5.84
CA LEU A 12 -5.62 -0.94 -4.75
C LEU A 12 -4.59 0.09 -4.35
N VAL A 13 -3.34 -0.34 -4.24
CA VAL A 13 -2.26 0.57 -3.87
C VAL A 13 -2.04 1.63 -4.94
N THR A 14 -2.16 1.21 -6.20
CA THR A 14 -1.97 2.14 -7.32
C THR A 14 -2.99 3.28 -7.20
N LYS A 15 -4.24 2.92 -6.97
CA LYS A 15 -5.28 3.92 -6.83
C LYS A 15 -4.95 4.82 -5.64
N ALA A 16 -4.46 4.21 -4.57
CA ALA A 16 -4.12 4.99 -3.37
C ALA A 16 -3.20 6.15 -3.72
N THR A 17 -2.19 5.86 -4.53
CA THR A 17 -1.23 6.88 -4.91
C THR A 17 -1.89 7.98 -5.71
N GLU A 18 -2.82 7.60 -6.58
CA GLU A 18 -3.53 8.58 -7.38
C GLU A 18 -4.42 9.45 -6.47
N GLU A 19 -5.03 8.81 -5.47
CA GLU A 19 -5.92 9.52 -4.57
C GLU A 19 -5.11 10.45 -3.69
N ASP A 20 -4.03 9.92 -3.11
CA ASP A 20 -3.18 10.72 -2.24
C ASP A 20 -2.73 12.00 -2.97
N LYS A 21 -2.28 11.83 -4.22
CA LYS A 21 -1.84 12.97 -5.01
C LYS A 21 -3.02 13.88 -5.30
N ALA A 22 -4.19 13.29 -5.50
CA ALA A 22 -5.39 14.07 -5.76
C ALA A 22 -5.87 14.75 -4.50
N LYS A 23 -5.05 14.67 -3.45
CA LYS A 23 -5.39 15.27 -2.17
C LYS A 23 -6.54 14.53 -1.52
N ASN A 24 -6.63 13.23 -1.76
CA ASN A 24 -7.69 12.41 -1.17
C ASN A 24 -7.10 11.51 -0.08
N TYR A 25 -6.65 12.10 1.01
CA TYR A 25 -6.07 11.34 2.10
C TYR A 25 -7.00 10.25 2.56
N GLU A 26 -8.28 10.57 2.69
CA GLU A 26 -9.25 9.58 3.15
C GLU A 26 -9.34 8.40 2.20
N GLU A 27 -9.61 8.68 0.94
CA GLU A 27 -9.72 7.62 -0.05
C GLU A 27 -8.41 6.84 -0.15
N ALA A 28 -7.31 7.57 -0.20
CA ALA A 28 -6.00 6.95 -0.29
C ALA A 28 -5.77 6.02 0.90
N LEU A 29 -6.21 6.45 2.08
CA LEU A 29 -6.03 5.64 3.27
C LEU A 29 -6.73 4.30 3.14
N ARG A 30 -7.96 4.34 2.66
CA ARG A 30 -8.73 3.10 2.50
C ARG A 30 -8.00 2.15 1.53
N LEU A 31 -7.47 2.70 0.44
CA LEU A 31 -6.76 1.89 -0.54
C LEU A 31 -5.51 1.30 0.04
N TYR A 32 -4.79 2.10 0.80
CA TYR A 32 -3.56 1.63 1.40
C TYR A 32 -3.81 0.44 2.32
N GLN A 33 -4.80 0.59 3.20
CA GLN A 33 -5.12 -0.47 4.14
C GLN A 33 -5.60 -1.72 3.41
N HIS A 34 -6.49 -1.52 2.44
CA HIS A 34 -7.03 -2.64 1.68
C HIS A 34 -5.92 -3.36 0.92
N ALA A 35 -5.10 -2.59 0.23
CA ALA A 35 -4.01 -3.17 -0.54
C ALA A 35 -3.12 -4.03 0.35
N VAL A 36 -2.74 -3.48 1.50
CA VAL A 36 -1.88 -4.21 2.43
C VAL A 36 -2.52 -5.55 2.78
N GLU A 37 -3.82 -5.55 3.01
CA GLU A 37 -4.52 -6.78 3.36
C GLU A 37 -4.28 -7.85 2.29
N TYR A 38 -4.51 -7.49 1.04
CA TYR A 38 -4.31 -8.43 -0.05
C TYR A 38 -2.85 -8.86 -0.14
N PHE A 39 -1.95 -7.90 0.07
CA PHE A 39 -0.52 -8.20 0.00
C PHE A 39 -0.13 -9.24 1.05
N LEU A 40 -0.57 -9.01 2.28
CA LEU A 40 -0.27 -9.93 3.37
C LEU A 40 -0.91 -11.29 3.10
N HIS A 41 -2.12 -11.27 2.56
CA HIS A 41 -2.83 -12.50 2.26
C HIS A 41 -2.15 -13.25 1.12
N ALA A 42 -1.38 -12.54 0.31
CA ALA A 42 -0.70 -13.16 -0.80
C ALA A 42 0.51 -13.95 -0.34
N ILE A 43 1.34 -13.34 0.49
CA ILE A 43 2.54 -14.02 0.99
C ILE A 43 2.18 -15.21 1.86
N LYS A 44 1.04 -15.13 2.54
CA LYS A 44 0.61 -16.23 3.40
C LYS A 44 -0.08 -17.32 2.61
N TYR A 45 -1.03 -16.91 1.76
CA TYR A 45 -1.78 -17.87 0.96
C TYR A 45 -1.09 -18.17 -0.37
N GLU A 46 0.00 -17.46 -0.64
CA GLU A 46 0.76 -17.66 -1.88
C GLU A 46 2.24 -17.87 -1.55
N ALA A 47 2.94 -18.50 -2.47
CA ALA A 47 4.35 -18.80 -2.27
C ALA A 47 5.21 -17.62 -2.63
N HIS A 48 5.77 -17.63 -3.84
CA HIS A 48 6.64 -16.56 -4.32
C HIS A 48 8.08 -16.83 -3.88
N SER A 49 8.98 -15.95 -4.26
CA SER A 49 10.40 -16.09 -3.90
C SER A 49 10.68 -15.41 -2.55
N ASP A 50 11.92 -15.55 -2.07
CA ASP A 50 12.30 -14.94 -0.81
C ASP A 50 12.36 -13.42 -0.96
N LYS A 51 13.04 -12.94 -2.00
CA LYS A 51 13.13 -11.51 -2.26
C LYS A 51 11.74 -10.95 -2.53
N ALA A 52 10.85 -11.82 -3.02
CA ALA A 52 9.47 -11.41 -3.31
C ALA A 52 8.74 -11.15 -1.99
N LYS A 53 8.82 -12.10 -1.07
CA LYS A 53 8.15 -11.95 0.22
C LYS A 53 8.65 -10.70 0.94
N GLU A 54 9.97 -10.55 0.99
CA GLU A 54 10.56 -9.38 1.64
C GLU A 54 10.05 -8.11 0.99
N SER A 55 9.84 -8.14 -0.32
CA SER A 55 9.35 -6.98 -1.03
C SER A 55 7.96 -6.60 -0.52
N ILE A 56 7.12 -7.62 -0.30
CA ILE A 56 5.77 -7.38 0.15
C ILE A 56 5.79 -6.85 1.60
N ARG A 57 6.60 -7.48 2.43
CA ARG A 57 6.68 -7.09 3.84
C ARG A 57 7.24 -5.67 3.97
N ALA A 58 8.26 -5.36 3.17
CA ALA A 58 8.87 -4.04 3.20
C ALA A 58 7.89 -2.97 2.69
N LYS A 59 7.23 -3.25 1.59
CA LYS A 59 6.27 -2.32 1.04
C LYS A 59 5.02 -2.27 1.90
N CYS A 60 4.65 -3.41 2.46
CA CYS A 60 3.46 -3.49 3.29
C CYS A 60 3.57 -2.50 4.44
N VAL A 61 4.72 -2.48 5.10
CA VAL A 61 4.94 -1.55 6.21
C VAL A 61 4.95 -0.10 5.72
N GLN A 62 5.40 0.08 4.47
CA GLN A 62 5.42 1.42 3.89
C GLN A 62 3.99 1.95 3.71
N TYR A 63 3.11 1.09 3.19
CA TYR A 63 1.72 1.47 2.97
C TYR A 63 1.02 1.69 4.29
N LEU A 64 1.27 0.81 5.24
CA LEU A 64 0.66 0.94 6.56
C LEU A 64 1.18 2.17 7.30
N ASP A 65 2.40 2.56 6.98
CA ASP A 65 2.99 3.74 7.61
C ASP A 65 2.27 5.01 7.15
N ARG A 66 2.09 5.13 5.84
CA ARG A 66 1.40 6.29 5.28
C ARG A 66 -0.05 6.32 5.76
N ALA A 67 -0.66 5.15 5.81
CA ALA A 67 -2.05 5.05 6.26
C ALA A 67 -2.18 5.49 7.71
N GLU A 68 -1.17 5.17 8.52
CA GLU A 68 -1.19 5.55 9.93
C GLU A 68 -1.08 7.05 10.10
N LYS A 69 -0.02 7.64 9.56
CA LYS A 69 0.18 9.08 9.66
C LYS A 69 -0.98 9.81 9.00
N LEU A 70 -1.50 9.24 7.92
CA LEU A 70 -2.63 9.84 7.22
C LEU A 70 -3.81 9.99 8.16
N LYS A 71 -4.10 8.94 8.88
CA LYS A 71 -5.19 8.93 9.84
C LYS A 71 -4.81 9.76 11.06
N ASP A 72 -3.51 9.93 11.28
CA ASP A 72 -3.05 10.67 12.45
C ASP A 72 -3.41 12.15 12.40
N TYR A 73 -2.96 12.82 11.34
CA TYR A 73 -3.23 14.24 11.17
C TYR A 73 -4.66 14.45 10.70
N LEU A 74 -5.19 13.48 9.97
CA LEU A 74 -6.55 13.58 9.48
C LEU A 74 -7.52 13.66 10.65
N ARG A 75 -7.34 12.77 11.63
CA ARG A 75 -8.19 12.76 12.81
C ARG A 75 -7.92 13.99 13.67
N ILE B 3 8.49 -8.96 -9.65
CA ILE B 3 7.66 -8.20 -8.71
C ILE B 3 8.17 -6.77 -8.58
N GLU B 4 7.37 -5.82 -9.05
CA GLU B 4 7.74 -4.42 -8.97
C GLU B 4 6.58 -3.59 -8.42
N LEU B 5 6.68 -3.21 -7.15
CA LEU B 5 5.63 -2.42 -6.53
C LEU B 5 5.90 -0.93 -6.69
N PRO B 6 4.90 -0.11 -6.46
CA PRO B 6 5.05 1.37 -6.58
C PRO B 6 5.52 2.00 -5.27
N GLU B 7 5.98 3.24 -5.35
CA GLU B 7 6.45 3.96 -4.16
C GLU B 7 5.41 4.99 -3.72
N VAL B 8 5.03 4.91 -2.45
CA VAL B 8 4.04 5.82 -1.92
C VAL B 8 4.42 7.27 -2.24
N PRO B 9 3.44 8.10 -2.49
CA PRO B 9 3.68 9.54 -2.80
C PRO B 9 4.11 10.32 -1.57
N SER B 10 4.78 11.46 -1.80
CA SER B 10 5.23 12.31 -0.70
C SER B 10 4.72 13.73 -0.88
N GLU B 11 3.49 13.97 -0.42
CA GLU B 11 2.92 15.30 -0.54
C GLU B 11 3.31 16.17 0.65
N PRO B 12 3.09 17.46 0.57
CA PRO B 12 3.40 18.41 1.67
C PRO B 12 2.50 18.19 2.89
N LEU B 13 2.51 16.96 3.41
CA LEU B 13 1.68 16.63 4.57
C LEU B 13 2.54 16.02 5.68
N PRO B 14 2.22 16.29 6.91
CA PRO B 14 2.99 15.75 8.08
C PRO B 14 3.61 14.40 7.79
N THR A 3 -9.63 -11.54 -9.82
CA THR A 3 -8.34 -10.87 -9.70
C THR A 3 -7.48 -11.52 -8.60
N SER A 4 -6.22 -11.76 -8.93
CA SER A 4 -5.31 -12.38 -7.96
C SER A 4 -5.19 -11.51 -6.72
N THR A 5 -4.85 -12.13 -5.60
CA THR A 5 -4.72 -11.41 -4.35
C THR A 5 -3.65 -10.35 -4.47
N LEU A 6 -2.51 -10.72 -5.05
CA LEU A 6 -1.43 -9.77 -5.19
C LEU A 6 -1.77 -8.68 -6.19
N GLN A 7 -2.38 -9.08 -7.30
CA GLN A 7 -2.76 -8.13 -8.32
C GLN A 7 -3.69 -7.09 -7.73
N LYS A 8 -4.67 -7.56 -7.00
CA LYS A 8 -5.62 -6.66 -6.39
C LYS A 8 -4.89 -5.74 -5.44
N ALA A 9 -3.89 -6.27 -4.74
CA ALA A 9 -3.15 -5.47 -3.79
C ALA A 9 -2.50 -4.27 -4.51
N ILE A 10 -1.95 -4.56 -5.69
CA ILE A 10 -1.30 -3.52 -6.49
C ILE A 10 -2.33 -2.48 -6.94
N ASP A 11 -3.49 -2.96 -7.33
CA ASP A 11 -4.53 -2.05 -7.80
C ASP A 11 -4.97 -1.11 -6.67
N LEU A 12 -5.16 -1.67 -5.49
CA LEU A 12 -5.60 -0.88 -4.34
C LEU A 12 -4.58 0.17 -3.95
N VAL A 13 -3.31 -0.21 -3.90
CA VAL A 13 -2.27 0.73 -3.53
C VAL A 13 -2.08 1.78 -4.62
N THR A 14 -2.26 1.37 -5.88
CA THR A 14 -2.11 2.29 -6.99
C THR A 14 -3.09 3.46 -6.83
N LYS A 15 -4.34 3.12 -6.54
CA LYS A 15 -5.34 4.15 -6.33
C LYS A 15 -4.97 4.95 -5.09
N ALA A 16 -4.52 4.28 -4.05
CA ALA A 16 -4.13 4.97 -2.83
C ALA A 16 -3.16 6.10 -3.12
N THR A 17 -2.20 5.84 -3.98
CA THR A 17 -1.21 6.85 -4.33
C THR A 17 -1.86 7.99 -5.08
N GLU A 18 -2.83 7.67 -5.92
CA GLU A 18 -3.53 8.71 -6.66
C GLU A 18 -4.34 9.59 -5.69
N GLU A 19 -4.96 8.94 -4.71
CA GLU A 19 -5.77 9.64 -3.74
C GLU A 19 -4.88 10.48 -2.83
N ASP A 20 -3.77 9.89 -2.42
CA ASP A 20 -2.85 10.59 -1.55
C ASP A 20 -2.40 11.88 -2.21
N LYS A 21 -2.08 11.80 -3.50
CA LYS A 21 -1.66 12.98 -4.24
C LYS A 21 -2.81 13.96 -4.35
N ALA A 22 -4.01 13.42 -4.54
CA ALA A 22 -5.20 14.26 -4.66
C ALA A 22 -5.57 14.85 -3.32
N LYS A 23 -4.65 14.71 -2.36
CA LYS A 23 -4.88 15.26 -1.03
C LYS A 23 -6.02 14.54 -0.34
N ASN A 24 -6.29 13.32 -0.78
CA ASN A 24 -7.35 12.52 -0.19
C ASN A 24 -6.78 11.57 0.86
N TYR A 25 -6.33 12.13 1.96
CA TYR A 25 -5.76 11.31 3.01
C TYR A 25 -6.73 10.23 3.46
N GLU A 26 -7.98 10.60 3.67
CA GLU A 26 -8.98 9.62 4.11
C GLU A 26 -9.12 8.45 3.13
N GLU A 27 -9.37 8.78 1.86
CA GLU A 27 -9.53 7.73 0.87
C GLU A 27 -8.23 6.96 0.69
N ALA A 28 -7.14 7.69 0.59
CA ALA A 28 -5.83 7.07 0.42
C ALA A 28 -5.56 6.09 1.54
N LEU A 29 -5.85 6.49 2.77
CA LEU A 29 -5.61 5.62 3.92
C LEU A 29 -6.38 4.32 3.80
N ARG A 30 -7.65 4.41 3.44
CA ARG A 30 -8.46 3.22 3.31
C ARG A 30 -7.84 2.27 2.27
N LEU A 31 -7.39 2.85 1.16
CA LEU A 31 -6.80 2.05 0.10
C LEU A 31 -5.47 1.45 0.57
N TYR A 32 -4.69 2.22 1.30
CA TYR A 32 -3.40 1.75 1.79
C TYR A 32 -3.57 0.52 2.68
N GLN A 33 -4.48 0.62 3.63
CA GLN A 33 -4.71 -0.49 4.54
C GLN A 33 -5.18 -1.72 3.77
N HIS A 34 -6.12 -1.51 2.86
CA HIS A 34 -6.65 -2.62 2.07
C HIS A 34 -5.52 -3.28 1.28
N ALA A 35 -4.74 -2.47 0.59
CA ALA A 35 -3.63 -2.99 -0.21
C ALA A 35 -2.74 -3.88 0.65
N VAL A 36 -2.34 -3.37 1.81
CA VAL A 36 -1.46 -4.13 2.69
C VAL A 36 -2.07 -5.49 3.02
N GLU A 37 -3.35 -5.49 3.35
CA GLU A 37 -4.02 -6.74 3.68
C GLU A 37 -3.88 -7.75 2.56
N TYR A 38 -4.18 -7.32 1.35
CA TYR A 38 -4.07 -8.20 0.20
C TYR A 38 -2.63 -8.64 -0.02
N PHE A 39 -1.69 -7.72 0.15
CA PHE A 39 -0.28 -8.04 -0.04
C PHE A 39 0.15 -9.13 0.96
N LEU A 40 -0.16 -8.91 2.23
CA LEU A 40 0.20 -9.85 3.26
C LEU A 40 -0.51 -11.17 3.02
N HIS A 41 -1.77 -11.09 2.66
CA HIS A 41 -2.56 -12.28 2.39
C HIS A 41 -2.01 -13.05 1.19
N ALA A 42 -1.39 -12.33 0.27
CA ALA A 42 -0.84 -12.95 -0.93
C ALA A 42 0.41 -13.75 -0.64
N ILE A 43 1.34 -13.19 0.11
CA ILE A 43 2.56 -13.91 0.43
C ILE A 43 2.27 -15.22 1.17
N LYS A 44 1.16 -15.23 1.91
CA LYS A 44 0.77 -16.45 2.65
C LYS A 44 -0.02 -17.43 1.78
N TYR A 45 -0.92 -16.89 0.97
CA TYR A 45 -1.78 -17.72 0.11
C TYR A 45 -1.20 -17.85 -1.29
N GLU A 46 -0.19 -17.03 -1.59
CA GLU A 46 0.43 -17.08 -2.91
C GLU A 46 1.93 -17.31 -2.78
N ALA A 47 2.31 -18.09 -1.75
CA ALA A 47 3.73 -18.43 -1.49
C ALA A 47 4.59 -18.18 -2.72
N HIS A 48 5.03 -16.92 -2.88
CA HIS A 48 5.83 -16.53 -4.02
C HIS A 48 7.29 -16.95 -3.80
N SER A 49 8.23 -16.12 -4.24
CA SER A 49 9.65 -16.39 -4.07
C SER A 49 10.20 -15.53 -2.94
N ASP A 50 11.27 -16.00 -2.32
CA ASP A 50 11.90 -15.26 -1.23
C ASP A 50 12.10 -13.81 -1.62
N LYS A 51 12.49 -13.59 -2.87
CA LYS A 51 12.72 -12.24 -3.36
C LYS A 51 11.40 -11.45 -3.35
N ALA A 52 10.32 -12.11 -3.77
CA ALA A 52 9.02 -11.46 -3.80
C ALA A 52 8.59 -11.09 -2.39
N LYS A 53 8.55 -12.07 -1.50
CA LYS A 53 8.13 -11.81 -0.13
C LYS A 53 8.87 -10.59 0.42
N GLU A 54 10.18 -10.60 0.34
CA GLU A 54 10.93 -9.48 0.86
C GLU A 54 10.40 -8.19 0.26
N SER A 55 10.11 -8.23 -1.03
CA SER A 55 9.58 -7.04 -1.67
C SER A 55 8.23 -6.64 -1.08
N ILE A 56 7.37 -7.63 -0.87
CA ILE A 56 6.05 -7.35 -0.33
C ILE A 56 6.13 -6.88 1.11
N ARG A 57 6.94 -7.56 1.89
CA ARG A 57 7.11 -7.23 3.30
C ARG A 57 7.69 -5.81 3.46
N ALA A 58 8.61 -5.45 2.56
CA ALA A 58 9.21 -4.12 2.60
C ALA A 58 8.17 -3.06 2.21
N LYS A 59 7.48 -3.29 1.12
CA LYS A 59 6.47 -2.33 0.69
C LYS A 59 5.32 -2.28 1.67
N CYS A 60 4.99 -3.44 2.22
CA CYS A 60 3.90 -3.54 3.18
C CYS A 60 4.12 -2.58 4.33
N VAL A 61 5.31 -2.65 4.92
CA VAL A 61 5.63 -1.76 6.04
C VAL A 61 5.64 -0.29 5.59
N GLN A 62 5.97 -0.08 4.32
CA GLN A 62 5.98 1.28 3.78
C GLN A 62 4.56 1.84 3.69
N TYR A 63 3.66 1.04 3.15
CA TYR A 63 2.28 1.46 2.99
C TYR A 63 1.65 1.74 4.35
N LEU A 64 1.81 0.81 5.28
CA LEU A 64 1.24 1.01 6.59
C LEU A 64 1.83 2.25 7.23
N ASP A 65 3.16 2.37 7.24
CA ASP A 65 3.78 3.52 7.86
C ASP A 65 3.12 4.79 7.34
N ARG A 66 2.83 4.81 6.06
CA ARG A 66 2.18 5.97 5.49
C ARG A 66 0.74 6.10 6.01
N ALA A 67 0.03 4.99 5.99
CA ALA A 67 -1.37 4.99 6.41
C ALA A 67 -1.51 5.40 7.88
N GLU A 68 -0.61 4.93 8.71
CA GLU A 68 -0.68 5.23 10.13
C GLU A 68 -0.47 6.72 10.39
N LYS A 69 0.55 7.32 9.79
CA LYS A 69 0.81 8.73 10.01
C LYS A 69 -0.37 9.54 9.52
N LEU A 70 -0.99 9.06 8.44
CA LEU A 70 -2.12 9.76 7.85
C LEU A 70 -3.24 9.84 8.85
N LYS A 71 -3.47 8.73 9.50
CA LYS A 71 -4.49 8.61 10.53
C LYS A 71 -4.06 9.36 11.79
N ASP A 72 -2.75 9.54 11.94
CA ASP A 72 -2.25 10.23 13.13
C ASP A 72 -2.64 11.70 13.19
N TYR A 73 -2.27 12.43 12.16
CA TYR A 73 -2.59 13.85 12.14
C TYR A 73 -4.06 14.05 11.80
N LEU A 74 -4.63 13.12 11.03
CA LEU A 74 -6.04 13.22 10.67
C LEU A 74 -6.90 13.18 11.92
N ARG A 75 -6.61 12.21 12.78
CA ARG A 75 -7.38 12.07 14.01
C ARG A 75 -7.15 13.28 14.90
N ILE B 3 8.35 -8.85 -10.56
CA ILE B 3 7.53 -8.13 -9.57
C ILE B 3 7.93 -6.67 -9.53
N GLU B 4 6.99 -5.81 -9.93
CA GLU B 4 7.24 -4.37 -9.92
C GLU B 4 6.08 -3.64 -9.27
N LEU B 5 6.33 -3.10 -8.07
CA LEU B 5 5.28 -2.38 -7.34
C LEU B 5 5.52 -0.88 -7.39
N PRO B 6 4.51 -0.10 -7.06
CA PRO B 6 4.63 1.39 -7.04
C PRO B 6 5.20 1.90 -5.71
N GLU B 7 5.63 3.16 -5.70
CA GLU B 7 6.18 3.78 -4.50
C GLU B 7 5.21 4.81 -3.95
N VAL B 8 5.16 4.89 -2.63
CA VAL B 8 4.25 5.83 -1.99
C VAL B 8 4.69 7.29 -2.26
N PRO B 9 3.76 8.15 -2.60
CA PRO B 9 4.08 9.59 -2.86
C PRO B 9 4.40 10.34 -1.56
N SER B 10 5.43 11.17 -1.60
CA SER B 10 5.82 11.95 -0.42
C SER B 10 5.52 13.42 -0.63
N GLU B 11 4.28 13.82 -0.35
CA GLU B 11 3.88 15.20 -0.53
C GLU B 11 4.19 16.02 0.74
N PRO B 12 4.05 17.32 0.68
CA PRO B 12 4.30 18.20 1.87
C PRO B 12 3.21 18.04 2.92
N LEU B 13 2.87 16.79 3.24
CA LEU B 13 1.84 16.51 4.23
C LEU B 13 2.46 16.04 5.54
N PRO B 14 1.85 16.34 6.66
CA PRO B 14 2.38 15.95 7.99
C PRO B 14 3.08 14.59 7.95
N THR A 3 -10.18 -12.02 -9.02
CA THR A 3 -8.91 -11.34 -9.25
C THR A 3 -7.87 -11.81 -8.24
N SER A 4 -6.64 -11.99 -8.72
CA SER A 4 -5.56 -12.45 -7.86
C SER A 4 -5.37 -11.48 -6.70
N THR A 5 -4.96 -12.03 -5.55
CA THR A 5 -4.75 -11.21 -4.37
C THR A 5 -3.67 -10.17 -4.63
N LEU A 6 -2.60 -10.57 -5.31
CA LEU A 6 -1.52 -9.65 -5.59
C LEU A 6 -1.99 -8.54 -6.53
N GLN A 7 -2.71 -8.91 -7.57
CA GLN A 7 -3.20 -7.92 -8.52
C GLN A 7 -4.06 -6.89 -7.82
N LYS A 8 -4.95 -7.35 -6.96
CA LYS A 8 -5.81 -6.45 -6.24
C LYS A 8 -5.00 -5.53 -5.33
N ALA A 9 -4.02 -6.11 -4.64
CA ALA A 9 -3.19 -5.32 -3.75
C ALA A 9 -2.54 -4.15 -4.51
N ILE A 10 -1.98 -4.46 -5.67
CA ILE A 10 -1.34 -3.45 -6.49
C ILE A 10 -2.38 -2.43 -6.96
N ASP A 11 -3.53 -2.90 -7.36
CA ASP A 11 -4.56 -2.01 -7.85
C ASP A 11 -4.95 -1.00 -6.78
N LEU A 12 -5.20 -1.49 -5.58
CA LEU A 12 -5.59 -0.63 -4.47
C LEU A 12 -4.49 0.35 -4.11
N VAL A 13 -3.26 -0.15 -4.07
CA VAL A 13 -2.13 0.71 -3.73
C VAL A 13 -1.91 1.77 -4.81
N THR A 14 -2.06 1.35 -6.06
CA THR A 14 -1.87 2.27 -7.18
C THR A 14 -2.83 3.45 -7.05
N LYS A 15 -4.09 3.13 -6.81
CA LYS A 15 -5.09 4.18 -6.63
C LYS A 15 -4.71 5.03 -5.43
N ALA A 16 -4.24 4.39 -4.38
CA ALA A 16 -3.87 5.13 -3.18
C ALA A 16 -2.85 6.21 -3.51
N THR A 17 -1.87 5.87 -4.33
CA THR A 17 -0.83 6.82 -4.69
C THR A 17 -1.41 7.98 -5.49
N GLU A 18 -2.32 7.69 -6.41
CA GLU A 18 -2.91 8.75 -7.20
C GLU A 18 -3.72 9.70 -6.31
N GLU A 19 -4.44 9.13 -5.36
CA GLU A 19 -5.26 9.90 -4.45
C GLU A 19 -4.37 10.81 -3.62
N ASP A 20 -3.23 10.27 -3.21
CA ASP A 20 -2.29 11.04 -2.42
C ASP A 20 -1.85 12.27 -3.21
N LYS A 21 -1.62 12.09 -4.51
CA LYS A 21 -1.21 13.20 -5.36
C LYS A 21 -2.32 14.24 -5.43
N ALA A 22 -3.56 13.77 -5.52
CA ALA A 22 -4.70 14.67 -5.60
C ALA A 22 -4.99 15.29 -4.25
N LYS A 23 -4.07 15.10 -3.31
CA LYS A 23 -4.21 15.64 -1.97
C LYS A 23 -5.36 14.97 -1.24
N ASN A 24 -5.65 13.73 -1.61
CA ASN A 24 -6.74 12.97 -0.98
C ASN A 24 -6.17 12.03 0.08
N TYR A 25 -5.67 12.59 1.16
CA TYR A 25 -5.09 11.79 2.23
C TYR A 25 -6.12 10.78 2.76
N GLU A 26 -7.35 11.22 2.93
CA GLU A 26 -8.39 10.33 3.44
C GLU A 26 -8.58 9.12 2.51
N GLU A 27 -8.80 9.41 1.23
CA GLU A 27 -9.01 8.34 0.26
C GLU A 27 -7.72 7.54 0.10
N ALA A 28 -6.60 8.22 0.01
CA ALA A 28 -5.35 7.55 -0.17
C ALA A 28 -5.07 6.62 1.01
N LEU A 29 -5.31 7.11 2.22
CA LEU A 29 -5.07 6.32 3.42
C LEU A 29 -5.86 5.02 3.42
N ARG A 30 -7.15 5.10 3.16
CA ARG A 30 -7.98 3.90 3.20
C ARG A 30 -7.46 2.89 2.18
N LEU A 31 -7.09 3.39 1.01
CA LEU A 31 -6.59 2.52 -0.03
C LEU A 31 -5.28 1.87 0.39
N TYR A 32 -4.44 2.65 1.06
CA TYR A 32 -3.16 2.14 1.51
C TYR A 32 -3.34 0.95 2.46
N GLN A 33 -4.23 1.12 3.43
CA GLN A 33 -4.48 0.07 4.40
C GLN A 33 -5.04 -1.17 3.70
N HIS A 34 -5.96 -0.95 2.76
CA HIS A 34 -6.55 -2.07 2.04
C HIS A 34 -5.48 -2.80 1.21
N ALA A 35 -4.71 -2.04 0.46
CA ALA A 35 -3.65 -2.63 -0.36
C ALA A 35 -2.78 -3.54 0.47
N VAL A 36 -2.32 -3.03 1.60
CA VAL A 36 -1.47 -3.80 2.49
C VAL A 36 -2.16 -5.09 2.89
N GLU A 37 -3.41 -5.00 3.27
CA GLU A 37 -4.15 -6.19 3.68
C GLU A 37 -4.06 -7.28 2.60
N TYR A 38 -4.35 -6.90 1.37
CA TYR A 38 -4.30 -7.86 0.27
C TYR A 38 -2.89 -8.43 0.11
N PHE A 39 -1.89 -7.57 0.30
CA PHE A 39 -0.50 -8.01 0.17
C PHE A 39 -0.17 -9.09 1.20
N LEU A 40 -0.49 -8.83 2.45
CA LEU A 40 -0.22 -9.78 3.50
C LEU A 40 -0.99 -11.07 3.25
N HIS A 41 -2.21 -10.93 2.77
CA HIS A 41 -3.02 -12.09 2.48
C HIS A 41 -2.42 -12.88 1.32
N ALA A 42 -1.76 -12.19 0.41
CA ALA A 42 -1.17 -12.86 -0.73
C ALA A 42 0.02 -13.72 -0.31
N ILE A 43 0.91 -13.16 0.48
CA ILE A 43 2.06 -13.92 0.94
C ILE A 43 1.62 -15.10 1.82
N LYS A 44 0.54 -14.94 2.57
CA LYS A 44 0.06 -16.03 3.42
C LYS A 44 -0.78 -17.04 2.67
N TYR A 45 -1.72 -16.53 1.88
CA TYR A 45 -2.62 -17.40 1.13
C TYR A 45 -2.07 -17.74 -0.25
N GLU A 46 -1.00 -17.05 -0.65
CA GLU A 46 -0.40 -17.31 -1.97
C GLU A 46 1.09 -17.51 -1.84
N ALA A 47 1.52 -18.00 -0.66
CA ALA A 47 2.94 -18.27 -0.37
C ALA A 47 3.81 -18.12 -1.61
N HIS A 48 4.47 -16.98 -1.73
CA HIS A 48 5.30 -16.71 -2.89
C HIS A 48 6.77 -16.95 -2.55
N SER A 49 7.62 -16.93 -3.57
CA SER A 49 9.04 -17.18 -3.36
C SER A 49 9.59 -16.20 -2.32
N ASP A 50 10.72 -16.56 -1.73
CA ASP A 50 11.32 -15.71 -0.70
C ASP A 50 11.63 -14.33 -1.26
N LYS A 51 12.08 -14.30 -2.52
CA LYS A 51 12.40 -13.03 -3.16
C LYS A 51 11.13 -12.18 -3.29
N ALA A 52 10.06 -12.80 -3.78
CA ALA A 52 8.80 -12.11 -3.93
C ALA A 52 8.28 -11.68 -2.55
N LYS A 53 8.22 -12.62 -1.63
CA LYS A 53 7.72 -12.32 -0.29
C LYS A 53 8.45 -11.12 0.29
N GLU A 54 9.77 -11.18 0.28
CA GLU A 54 10.57 -10.10 0.83
C GLU A 54 10.14 -8.78 0.21
N SER A 55 9.85 -8.81 -1.08
CA SER A 55 9.43 -7.60 -1.76
C SER A 55 8.11 -7.09 -1.16
N ILE A 56 7.17 -8.01 -0.93
CA ILE A 56 5.87 -7.63 -0.38
C ILE A 56 6.02 -7.07 1.03
N ARG A 57 6.75 -7.79 1.87
CA ARG A 57 6.94 -7.36 3.25
C ARG A 57 7.50 -5.94 3.28
N ALA A 58 8.65 -5.73 2.66
CA ALA A 58 9.26 -4.42 2.64
C ALA A 58 8.27 -3.36 2.19
N LYS A 59 7.63 -3.60 1.05
CA LYS A 59 6.66 -2.65 0.51
C LYS A 59 5.51 -2.44 1.48
N CYS A 60 5.05 -3.51 2.07
CA CYS A 60 3.93 -3.45 3.02
C CYS A 60 4.24 -2.42 4.10
N VAL A 61 5.47 -2.44 4.59
CA VAL A 61 5.86 -1.49 5.61
C VAL A 61 5.79 -0.07 5.06
N GLN A 62 6.39 0.13 3.88
CA GLN A 62 6.39 1.45 3.26
C GLN A 62 4.97 1.99 3.14
N TYR A 63 4.06 1.14 2.65
CA TYR A 63 2.67 1.55 2.50
C TYR A 63 2.06 1.88 3.85
N LEU A 64 2.21 0.98 4.80
CA LEU A 64 1.64 1.21 6.11
C LEU A 64 2.22 2.48 6.73
N ASP A 65 3.53 2.62 6.70
CA ASP A 65 4.15 3.80 7.28
C ASP A 65 3.49 5.05 6.74
N ARG A 66 3.27 5.09 5.43
CA ARG A 66 2.62 6.23 4.83
C ARG A 66 1.23 6.41 5.42
N ALA A 67 0.50 5.32 5.51
CA ALA A 67 -0.86 5.36 6.06
C ALA A 67 -0.85 5.87 7.50
N GLU A 68 0.18 5.49 8.25
CA GLU A 68 0.29 5.89 9.64
C GLU A 68 0.43 7.40 9.77
N LYS A 69 1.42 7.97 9.07
CA LYS A 69 1.62 9.41 9.14
C LYS A 69 0.39 10.15 8.61
N LEU A 70 -0.24 9.58 7.58
CA LEU A 70 -1.40 10.21 6.96
C LEU A 70 -2.51 10.35 7.99
N LYS A 71 -2.77 9.27 8.67
CA LYS A 71 -3.77 9.25 9.71
C LYS A 71 -3.29 10.04 10.92
N ASP A 72 -1.98 10.15 11.09
CA ASP A 72 -1.43 10.84 12.25
C ASP A 72 -1.77 12.33 12.28
N TYR A 73 -1.43 13.01 11.20
CA TYR A 73 -1.71 14.43 11.14
C TYR A 73 -3.18 14.67 10.80
N LEU A 74 -3.77 13.75 10.04
CA LEU A 74 -5.17 13.90 9.65
C LEU A 74 -6.06 13.93 10.89
N ARG A 75 -5.86 12.97 11.78
CA ARG A 75 -6.64 12.91 13.00
C ARG A 75 -6.16 13.96 13.99
N ILE B 3 7.98 -9.37 -10.27
CA ILE B 3 7.14 -8.58 -9.38
C ILE B 3 7.64 -7.16 -9.30
N GLU B 4 6.87 -6.23 -9.85
CA GLU B 4 7.23 -4.82 -9.82
C GLU B 4 6.17 -4.01 -9.12
N LEU B 5 6.50 -3.52 -7.93
CA LEU B 5 5.55 -2.73 -7.14
C LEU B 5 5.75 -1.24 -7.38
N PRO B 6 4.79 -0.43 -7.01
CA PRO B 6 4.89 1.05 -7.16
C PRO B 6 5.59 1.71 -5.98
N GLU B 7 6.06 2.94 -6.18
CA GLU B 7 6.74 3.68 -5.12
C GLU B 7 5.83 4.77 -4.58
N VAL B 8 5.54 4.70 -3.29
CA VAL B 8 4.67 5.68 -2.67
C VAL B 8 5.15 7.11 -2.97
N PRO B 9 4.23 7.99 -3.34
CA PRO B 9 4.58 9.41 -3.65
C PRO B 9 4.90 10.21 -2.40
N SER B 10 5.57 11.34 -2.58
CA SER B 10 5.94 12.20 -1.45
C SER B 10 5.55 13.64 -1.76
N GLU B 11 4.31 13.99 -1.47
CA GLU B 11 3.83 15.34 -1.72
C GLU B 11 4.17 16.26 -0.54
N PRO B 12 3.98 17.55 -0.69
CA PRO B 12 4.25 18.54 0.40
C PRO B 12 3.30 18.38 1.58
N LEU B 13 2.71 17.21 1.69
CA LEU B 13 1.76 16.92 2.76
C LEU B 13 2.50 16.82 4.11
N PRO B 14 1.87 17.27 5.16
CA PRO B 14 2.50 17.24 6.52
C PRO B 14 2.98 15.83 6.90
N THR A 3 -10.62 -12.03 -7.77
CA THR A 3 -9.37 -11.29 -7.97
C THR A 3 -8.30 -11.79 -7.01
N SER A 4 -7.12 -12.05 -7.55
CA SER A 4 -6.01 -12.53 -6.73
C SER A 4 -5.69 -11.53 -5.62
N THR A 5 -5.21 -12.03 -4.49
CA THR A 5 -4.88 -11.16 -3.37
C THR A 5 -3.82 -10.15 -3.78
N LEU A 6 -2.80 -10.62 -4.49
CA LEU A 6 -1.72 -9.75 -4.91
C LEU A 6 -2.23 -8.71 -5.91
N GLN A 7 -3.04 -9.17 -6.86
CA GLN A 7 -3.57 -8.26 -7.87
C GLN A 7 -4.43 -7.19 -7.22
N LYS A 8 -5.25 -7.60 -6.27
CA LYS A 8 -6.12 -6.65 -5.59
C LYS A 8 -5.31 -5.64 -4.79
N ALA A 9 -4.31 -6.15 -4.08
CA ALA A 9 -3.47 -5.29 -3.26
C ALA A 9 -2.84 -4.20 -4.11
N ILE A 10 -2.35 -4.59 -5.29
CA ILE A 10 -1.74 -3.64 -6.21
C ILE A 10 -2.80 -2.64 -6.70
N ASP A 11 -3.99 -3.13 -6.96
CA ASP A 11 -5.05 -2.26 -7.44
C ASP A 11 -5.35 -1.17 -6.42
N LEU A 12 -5.45 -1.57 -5.16
CA LEU A 12 -5.76 -0.62 -4.10
C LEU A 12 -4.65 0.41 -3.92
N VAL A 13 -3.41 -0.06 -3.94
CA VAL A 13 -2.28 0.85 -3.79
C VAL A 13 -2.14 1.75 -5.01
N THR A 14 -2.40 1.20 -6.19
CA THR A 14 -2.29 1.97 -7.43
C THR A 14 -3.18 3.21 -7.32
N LYS A 15 -4.44 2.99 -6.96
CA LYS A 15 -5.36 4.11 -6.81
C LYS A 15 -4.88 5.01 -5.67
N ALA A 16 -4.43 4.41 -4.58
CA ALA A 16 -3.96 5.18 -3.44
C ALA A 16 -2.93 6.22 -3.90
N THR A 17 -2.01 5.79 -4.74
CA THR A 17 -0.97 6.69 -5.22
C THR A 17 -1.56 7.81 -6.05
N GLU A 18 -2.57 7.48 -6.85
CA GLU A 18 -3.21 8.50 -7.66
C GLU A 18 -3.93 9.53 -6.77
N GLU A 19 -4.56 9.03 -5.70
CA GLU A 19 -5.29 9.89 -4.80
C GLU A 19 -4.32 10.82 -4.08
N ASP A 20 -3.17 10.27 -3.71
CA ASP A 20 -2.17 11.07 -3.01
C ASP A 20 -1.76 12.25 -3.88
N LYS A 21 -1.60 12.00 -5.19
CA LYS A 21 -1.23 13.07 -6.12
C LYS A 21 -2.35 14.09 -6.19
N ALA A 22 -3.59 13.61 -6.20
CA ALA A 22 -4.75 14.50 -6.28
C ALA A 22 -4.97 15.20 -4.95
N LYS A 23 -3.99 15.11 -4.07
CA LYS A 23 -4.07 15.74 -2.77
C LYS A 23 -5.18 15.12 -1.93
N ASN A 24 -5.48 13.86 -2.18
CA ASN A 24 -6.52 13.15 -1.44
C ASN A 24 -5.88 12.27 -0.36
N TYR A 25 -5.27 12.90 0.63
CA TYR A 25 -4.63 12.16 1.70
C TYR A 25 -5.62 11.22 2.37
N GLU A 26 -6.83 11.72 2.63
CA GLU A 26 -7.84 10.89 3.28
C GLU A 26 -8.14 9.64 2.47
N GLU A 27 -8.46 9.82 1.18
CA GLU A 27 -8.77 8.69 0.33
C GLU A 27 -7.53 7.82 0.14
N ALA A 28 -6.40 8.46 -0.15
CA ALA A 28 -5.16 7.74 -0.34
C ALA A 28 -4.83 6.90 0.87
N LEU A 29 -4.97 7.48 2.06
CA LEU A 29 -4.67 6.75 3.28
C LEU A 29 -5.52 5.51 3.41
N ARG A 30 -6.82 5.65 3.18
CA ARG A 30 -7.70 4.50 3.29
C ARG A 30 -7.27 3.38 2.35
N LEU A 31 -6.91 3.76 1.14
CA LEU A 31 -6.47 2.78 0.15
C LEU A 31 -5.14 2.16 0.55
N TYR A 32 -4.25 2.98 1.10
CA TYR A 32 -2.94 2.50 1.51
C TYR A 32 -3.07 1.39 2.56
N GLN A 33 -3.88 1.65 3.57
CA GLN A 33 -4.07 0.67 4.64
C GLN A 33 -4.69 -0.61 4.08
N HIS A 34 -5.70 -0.44 3.23
CA HIS A 34 -6.38 -1.59 2.65
C HIS A 34 -5.39 -2.43 1.83
N ALA A 35 -4.66 -1.77 0.95
CA ALA A 35 -3.69 -2.46 0.11
C ALA A 35 -2.74 -3.29 0.95
N VAL A 36 -2.18 -2.68 1.98
CA VAL A 36 -1.25 -3.38 2.86
C VAL A 36 -1.88 -4.66 3.39
N GLU A 37 -3.13 -4.55 3.82
CA GLU A 37 -3.82 -5.71 4.38
C GLU A 37 -3.81 -6.87 3.37
N TYR A 38 -4.19 -6.57 2.13
CA TYR A 38 -4.21 -7.59 1.09
C TYR A 38 -2.80 -8.13 0.85
N PHE A 39 -1.81 -7.25 0.87
CA PHE A 39 -0.43 -7.67 0.64
C PHE A 39 0.01 -8.67 1.70
N LEU A 40 -0.21 -8.31 2.96
CA LEU A 40 0.17 -9.17 4.06
C LEU A 40 -0.60 -10.46 3.99
N HIS A 41 -1.88 -10.37 3.66
CA HIS A 41 -2.71 -11.57 3.56
C HIS A 41 -2.20 -12.50 2.46
N ALA A 42 -1.68 -11.91 1.40
CA ALA A 42 -1.18 -12.72 0.28
C ALA A 42 0.01 -13.57 0.66
N ILE A 43 0.98 -12.99 1.34
CA ILE A 43 2.16 -13.74 1.75
C ILE A 43 1.81 -14.86 2.72
N LYS A 44 0.81 -14.63 3.56
CA LYS A 44 0.40 -15.65 4.53
C LYS A 44 -0.58 -16.66 3.95
N TYR A 45 -1.60 -16.14 3.25
CA TYR A 45 -2.63 -17.00 2.68
C TYR A 45 -2.29 -17.42 1.25
N GLU A 46 -1.37 -16.70 0.62
CA GLU A 46 -0.95 -17.02 -0.75
C GLU A 46 0.54 -17.32 -0.76
N ALA A 47 0.88 -18.54 -1.17
CA ALA A 47 2.28 -18.96 -1.23
C ALA A 47 3.01 -18.25 -2.35
N HIS A 48 4.29 -17.97 -2.14
CA HIS A 48 5.09 -17.29 -3.15
C HIS A 48 6.58 -17.61 -2.95
N SER A 49 7.43 -16.81 -3.59
CA SER A 49 8.88 -17.01 -3.48
C SER A 49 9.47 -16.11 -2.40
N ASP A 50 10.52 -16.60 -1.73
CA ASP A 50 11.18 -15.82 -0.69
C ASP A 50 11.44 -14.40 -1.19
N LYS A 51 11.78 -14.28 -2.47
CA LYS A 51 12.04 -12.98 -3.07
C LYS A 51 10.75 -12.15 -3.05
N ALA A 52 9.62 -12.80 -3.30
CA ALA A 52 8.34 -12.10 -3.30
C ALA A 52 8.02 -11.58 -1.92
N LYS A 53 7.99 -12.48 -0.93
CA LYS A 53 7.70 -12.08 0.44
C LYS A 53 8.51 -10.85 0.82
N GLU A 54 9.82 -10.93 0.66
CA GLU A 54 10.67 -9.81 1.00
C GLU A 54 10.18 -8.55 0.29
N SER A 55 9.78 -8.71 -0.97
CA SER A 55 9.28 -7.58 -1.73
C SER A 55 8.01 -7.03 -1.08
N ILE A 56 7.11 -7.93 -0.67
CA ILE A 56 5.87 -7.51 -0.06
C ILE A 56 6.12 -6.87 1.29
N ARG A 57 6.99 -7.51 2.08
CA ARG A 57 7.30 -7.00 3.42
C ARG A 57 7.97 -5.63 3.33
N ALA A 58 8.83 -5.46 2.33
CA ALA A 58 9.53 -4.19 2.14
C ALA A 58 8.53 -3.11 1.69
N LYS A 59 7.76 -3.40 0.66
CA LYS A 59 6.79 -2.44 0.17
C LYS A 59 5.71 -2.20 1.22
N CYS A 60 5.34 -3.25 1.92
CA CYS A 60 4.31 -3.15 2.94
C CYS A 60 4.68 -2.07 3.95
N VAL A 61 5.91 -2.14 4.46
CA VAL A 61 6.36 -1.15 5.43
C VAL A 61 6.38 0.25 4.81
N GLN A 62 6.62 0.30 3.50
CA GLN A 62 6.66 1.58 2.80
C GLN A 62 5.27 2.19 2.72
N TYR A 63 4.29 1.37 2.34
CA TYR A 63 2.93 1.84 2.24
C TYR A 63 2.40 2.29 3.58
N LEU A 64 2.61 1.47 4.59
CA LEU A 64 2.13 1.81 5.93
C LEU A 64 2.78 3.09 6.38
N ASP A 65 4.10 3.17 6.31
CA ASP A 65 4.81 4.36 6.75
C ASP A 65 4.14 5.60 6.17
N ARG A 66 3.86 5.55 4.86
CA ARG A 66 3.20 6.67 4.22
C ARG A 66 1.83 6.92 4.86
N ALA A 67 1.10 5.84 5.08
CA ALA A 67 -0.23 5.95 5.68
C ALA A 67 -0.13 6.56 7.08
N GLU A 68 0.96 6.26 7.78
CA GLU A 68 1.15 6.77 9.12
C GLU A 68 1.32 8.28 9.13
N LYS A 69 2.30 8.76 8.36
CA LYS A 69 2.55 10.20 8.31
C LYS A 69 1.31 10.93 7.79
N LEU A 70 0.61 10.30 6.84
CA LEU A 70 -0.58 10.90 6.26
C LEU A 70 -1.63 11.12 7.32
N LYS A 71 -1.86 10.09 8.10
CA LYS A 71 -2.81 10.14 9.19
C LYS A 71 -2.27 11.02 10.32
N ASP A 72 -0.95 11.17 10.39
CA ASP A 72 -0.35 11.94 11.46
C ASP A 72 -0.70 13.44 11.39
N TYR A 73 -0.36 14.04 10.27
CA TYR A 73 -0.62 15.47 10.09
C TYR A 73 -2.10 15.68 9.82
N LEU A 74 -2.75 14.69 9.19
CA LEU A 74 -4.17 14.80 8.89
C LEU A 74 -4.94 14.95 10.19
N ARG A 75 -4.65 14.09 11.16
CA ARG A 75 -5.32 14.16 12.44
C ARG A 75 -5.02 15.48 13.12
N ILE B 3 7.20 -10.16 -10.07
CA ILE B 3 6.49 -9.27 -9.13
C ILE B 3 7.02 -7.85 -9.25
N GLU B 4 6.18 -6.96 -9.77
CA GLU B 4 6.57 -5.56 -9.92
C GLU B 4 5.50 -4.65 -9.32
N LEU B 5 5.86 -3.99 -8.23
CA LEU B 5 4.92 -3.08 -7.56
C LEU B 5 5.28 -1.63 -7.83
N PRO B 6 4.36 -0.73 -7.57
CA PRO B 6 4.58 0.74 -7.77
C PRO B 6 5.31 1.37 -6.59
N GLU B 7 5.86 2.57 -6.80
CA GLU B 7 6.57 3.28 -5.74
C GLU B 7 5.74 4.44 -5.23
N VAL B 8 5.53 4.48 -3.93
CA VAL B 8 4.74 5.53 -3.32
C VAL B 8 5.22 6.91 -3.78
N PRO B 9 4.32 7.80 -4.11
CA PRO B 9 4.67 9.18 -4.54
C PRO B 9 5.13 10.05 -3.38
N SER B 10 6.15 10.87 -3.61
CA SER B 10 6.66 11.75 -2.57
C SER B 10 6.28 13.19 -2.87
N GLU B 11 5.06 13.57 -2.45
CA GLU B 11 4.59 14.93 -2.68
C GLU B 11 5.06 15.86 -1.55
N PRO B 12 5.16 17.14 -1.81
CA PRO B 12 5.58 18.14 -0.78
C PRO B 12 4.48 18.37 0.24
N LEU B 13 4.02 17.29 0.88
CA LEU B 13 2.96 17.39 1.87
C LEU B 13 3.54 17.23 3.28
N PRO B 14 2.95 17.89 4.25
CA PRO B 14 3.43 17.82 5.67
C PRO B 14 4.05 16.47 6.00
N THR A 3 -9.74 -11.99 -9.27
CA THR A 3 -8.46 -11.28 -9.17
C THR A 3 -7.62 -11.84 -8.02
N SER A 4 -6.37 -12.14 -8.33
CA SER A 4 -5.46 -12.68 -7.32
C SER A 4 -5.28 -11.69 -6.18
N THR A 5 -4.86 -12.20 -5.03
CA THR A 5 -4.67 -11.35 -3.86
C THR A 5 -3.60 -10.31 -4.16
N LEU A 6 -2.50 -10.73 -4.77
CA LEU A 6 -1.42 -9.80 -5.09
C LEU A 6 -1.86 -8.78 -6.13
N GLN A 7 -2.51 -9.26 -7.18
CA GLN A 7 -2.96 -8.37 -8.23
C GLN A 7 -3.89 -7.31 -7.67
N LYS A 8 -4.82 -7.74 -6.83
CA LYS A 8 -5.76 -6.80 -6.24
C LYS A 8 -5.04 -5.80 -5.35
N ALA A 9 -4.09 -6.29 -4.56
CA ALA A 9 -3.33 -5.42 -3.68
C ALA A 9 -2.67 -4.30 -4.48
N ILE A 10 -2.08 -4.67 -5.61
CA ILE A 10 -1.43 -3.70 -6.48
C ILE A 10 -2.47 -2.73 -7.04
N ASP A 11 -3.60 -3.26 -7.43
CA ASP A 11 -4.63 -2.40 -8.01
C ASP A 11 -5.07 -1.33 -7.02
N LEU A 12 -5.35 -1.75 -5.79
CA LEU A 12 -5.81 -0.84 -4.76
C LEU A 12 -4.74 0.19 -4.43
N VAL A 13 -3.51 -0.26 -4.32
CA VAL A 13 -2.42 0.65 -4.00
C VAL A 13 -2.17 1.61 -5.15
N THR A 14 -2.25 1.10 -6.37
CA THR A 14 -2.02 1.93 -7.55
C THR A 14 -2.97 3.12 -7.51
N LYS A 15 -4.23 2.83 -7.34
CA LYS A 15 -5.21 3.89 -7.27
C LYS A 15 -4.88 4.80 -6.09
N ALA A 16 -4.48 4.21 -4.98
CA ALA A 16 -4.15 5.01 -3.81
C ALA A 16 -3.14 6.10 -4.17
N THR A 17 -2.15 5.73 -4.97
CA THR A 17 -1.13 6.69 -5.35
C THR A 17 -1.73 7.79 -6.22
N GLU A 18 -2.63 7.41 -7.13
CA GLU A 18 -3.25 8.39 -8.00
C GLU A 18 -4.06 9.38 -7.16
N GLU A 19 -4.76 8.86 -6.17
CA GLU A 19 -5.58 9.70 -5.31
C GLU A 19 -4.72 10.65 -4.51
N ASP A 20 -3.61 10.13 -4.01
CA ASP A 20 -2.70 10.94 -3.23
C ASP A 20 -2.23 12.12 -4.07
N LYS A 21 -1.93 11.86 -5.33
CA LYS A 21 -1.48 12.91 -6.22
C LYS A 21 -2.62 13.91 -6.46
N ALA A 22 -3.84 13.38 -6.58
CA ALA A 22 -5.00 14.22 -6.80
C ALA A 22 -5.37 14.96 -5.53
N LYS A 23 -4.47 14.91 -4.55
CA LYS A 23 -4.69 15.59 -3.30
C LYS A 23 -5.87 14.98 -2.55
N ASN A 24 -6.08 13.69 -2.77
CA ASN A 24 -7.16 12.97 -2.10
C ASN A 24 -6.60 12.12 -0.95
N TYR A 25 -6.18 12.79 0.11
CA TYR A 25 -5.61 12.09 1.25
C TYR A 25 -6.63 11.10 1.82
N GLU A 26 -7.87 11.51 1.93
CA GLU A 26 -8.90 10.61 2.47
C GLU A 26 -9.06 9.35 1.62
N GLU A 27 -9.28 9.52 0.33
CA GLU A 27 -9.46 8.39 -0.55
C GLU A 27 -8.19 7.55 -0.62
N ALA A 28 -7.06 8.23 -0.77
CA ALA A 28 -5.78 7.56 -0.85
C ALA A 28 -5.52 6.73 0.40
N LEU A 29 -5.84 7.29 1.57
CA LEU A 29 -5.61 6.59 2.83
C LEU A 29 -6.41 5.30 2.90
N ARG A 30 -7.68 5.37 2.50
CA ARG A 30 -8.51 4.18 2.52
C ARG A 30 -7.92 3.11 1.62
N LEU A 31 -7.50 3.51 0.43
CA LEU A 31 -6.92 2.57 -0.52
C LEU A 31 -5.61 1.99 0.02
N TYR A 32 -4.81 2.83 0.66
CA TYR A 32 -3.52 2.38 1.20
C TYR A 32 -3.73 1.26 2.21
N GLN A 33 -4.67 1.47 3.13
CA GLN A 33 -4.94 0.48 4.16
C GLN A 33 -5.45 -0.81 3.53
N HIS A 34 -6.33 -0.68 2.56
CA HIS A 34 -6.88 -1.86 1.89
C HIS A 34 -5.78 -2.63 1.16
N ALA A 35 -5.02 -1.92 0.34
CA ALA A 35 -3.94 -2.53 -0.41
C ALA A 35 -3.04 -3.34 0.52
N VAL A 36 -2.65 -2.73 1.62
CA VAL A 36 -1.77 -3.39 2.57
C VAL A 36 -2.41 -4.69 3.08
N GLU A 37 -3.68 -4.62 3.37
CA GLU A 37 -4.39 -5.80 3.87
C GLU A 37 -4.23 -6.97 2.91
N TYR A 38 -4.50 -6.71 1.63
CA TYR A 38 -4.39 -7.76 0.62
C TYR A 38 -2.95 -8.26 0.51
N PHE A 39 -2.00 -7.33 0.62
CA PHE A 39 -0.60 -7.70 0.52
C PHE A 39 -0.20 -8.69 1.64
N LEU A 40 -0.59 -8.35 2.85
CA LEU A 40 -0.29 -9.18 3.99
C LEU A 40 -0.97 -10.54 3.83
N HIS A 41 -2.18 -10.50 3.32
CA HIS A 41 -2.91 -11.74 3.10
C HIS A 41 -2.20 -12.61 2.06
N ALA A 42 -1.58 -11.98 1.07
CA ALA A 42 -0.90 -12.75 0.03
C ALA A 42 0.31 -13.50 0.58
N ILE A 43 1.12 -12.84 1.36
CA ILE A 43 2.28 -13.51 1.92
C ILE A 43 1.87 -14.64 2.87
N LYS A 44 0.76 -14.45 3.60
CA LYS A 44 0.30 -15.49 4.53
C LYS A 44 -0.53 -16.56 3.87
N TYR A 45 -1.50 -16.12 3.06
CA TYR A 45 -2.41 -17.06 2.40
C TYR A 45 -1.89 -17.50 1.04
N GLU A 46 -0.92 -16.75 0.49
CA GLU A 46 -0.34 -17.09 -0.82
C GLU A 46 1.16 -17.33 -0.67
N ALA A 47 1.67 -18.30 -1.41
CA ALA A 47 3.09 -18.65 -1.35
C ALA A 47 3.87 -17.87 -2.38
N HIS A 48 5.11 -17.54 -2.04
CA HIS A 48 5.96 -16.78 -2.95
C HIS A 48 7.44 -16.99 -2.59
N SER A 49 8.31 -16.23 -3.23
CA SER A 49 9.75 -16.34 -2.98
C SER A 49 10.18 -15.41 -1.86
N ASP A 50 11.18 -15.85 -1.09
CA ASP A 50 11.67 -15.04 0.03
C ASP A 50 11.91 -13.60 -0.41
N LYS A 51 12.36 -13.44 -1.65
CA LYS A 51 12.60 -12.11 -2.19
C LYS A 51 11.28 -11.37 -2.37
N ALA A 52 10.27 -12.09 -2.81
CA ALA A 52 8.95 -11.51 -2.99
C ALA A 52 8.38 -11.11 -1.64
N LYS A 53 8.51 -11.97 -0.65
CA LYS A 53 7.98 -11.67 0.68
C LYS A 53 8.59 -10.38 1.22
N GLU A 54 9.90 -10.31 1.22
CA GLU A 54 10.57 -9.13 1.71
C GLU A 54 10.05 -7.91 1.00
N SER A 55 9.78 -8.05 -0.29
CA SER A 55 9.26 -6.93 -1.04
C SER A 55 7.92 -6.47 -0.49
N ILE A 56 7.05 -7.44 -0.17
CA ILE A 56 5.73 -7.09 0.33
C ILE A 56 5.82 -6.43 1.71
N ARG A 57 6.61 -7.03 2.60
CA ARG A 57 6.76 -6.48 3.95
C ARG A 57 7.31 -5.06 3.89
N ALA A 58 8.47 -4.89 3.29
CA ALA A 58 9.08 -3.58 3.20
C ALA A 58 8.08 -2.57 2.62
N LYS A 59 7.45 -2.94 1.54
CA LYS A 59 6.49 -2.05 0.92
C LYS A 59 5.27 -1.85 1.83
N CYS A 60 4.84 -2.91 2.46
CA CYS A 60 3.68 -2.85 3.34
C CYS A 60 3.86 -1.78 4.40
N VAL A 61 5.02 -1.81 5.06
CA VAL A 61 5.31 -0.83 6.09
C VAL A 61 5.40 0.57 5.49
N GLN A 62 5.81 0.65 4.23
CA GLN A 62 5.90 1.94 3.56
C GLN A 62 4.50 2.49 3.29
N TYR A 63 3.63 1.65 2.77
CA TYR A 63 2.27 2.07 2.47
C TYR A 63 1.57 2.51 3.75
N LEU A 64 1.66 1.70 4.78
CA LEU A 64 1.00 2.04 6.03
C LEU A 64 1.57 3.34 6.56
N ASP A 65 2.89 3.47 6.61
CA ASP A 65 3.48 4.69 7.13
C ASP A 65 2.85 5.89 6.46
N ARG A 66 2.71 5.83 5.16
CA ARG A 66 2.09 6.95 4.45
C ARG A 66 0.67 7.16 4.95
N ALA A 67 -0.07 6.07 5.08
CA ALA A 67 -1.45 6.18 5.53
C ALA A 67 -1.52 6.76 6.94
N GLU A 68 -0.52 6.45 7.76
CA GLU A 68 -0.47 6.94 9.13
C GLU A 68 -0.30 8.45 9.17
N LYS A 69 0.72 8.95 8.50
CA LYS A 69 0.95 10.38 8.50
C LYS A 69 -0.25 11.10 7.88
N LEU A 70 -0.87 10.47 6.88
CA LEU A 70 -2.00 11.07 6.20
C LEU A 70 -3.11 11.31 7.19
N LYS A 71 -3.39 10.30 7.97
CA LYS A 71 -4.41 10.37 9.00
C LYS A 71 -3.98 11.27 10.15
N ASP A 72 -2.67 11.44 10.31
CA ASP A 72 -2.14 12.24 11.40
C ASP A 72 -2.47 13.72 11.26
N TYR A 73 -2.09 14.29 10.12
CA TYR A 73 -2.37 15.71 9.91
C TYR A 73 -3.83 15.90 9.52
N LEU A 74 -4.42 14.89 8.88
CA LEU A 74 -5.82 15.00 8.48
C LEU A 74 -6.67 15.23 9.72
N ARG A 75 -6.44 14.42 10.74
CA ARG A 75 -7.20 14.56 11.97
C ARG A 75 -6.80 15.85 12.69
N ILE B 3 8.42 -9.77 -8.49
CA ILE B 3 7.32 -8.92 -8.02
C ILE B 3 7.69 -7.46 -8.18
N GLU B 4 6.82 -6.72 -8.85
CA GLU B 4 7.03 -5.29 -9.06
C GLU B 4 5.92 -4.51 -8.38
N LEU B 5 6.29 -3.56 -7.53
CA LEU B 5 5.31 -2.73 -6.82
C LEU B 5 5.53 -1.24 -7.07
N PRO B 6 4.49 -0.43 -7.01
CA PRO B 6 4.62 1.04 -7.21
C PRO B 6 5.36 1.71 -6.06
N GLU B 7 5.80 2.95 -6.28
CA GLU B 7 6.49 3.70 -5.25
C GLU B 7 5.60 4.81 -4.72
N VAL B 8 5.32 4.75 -3.42
CA VAL B 8 4.45 5.73 -2.80
C VAL B 8 4.88 7.17 -3.18
N PRO B 9 3.96 7.99 -3.62
CA PRO B 9 4.28 9.40 -3.99
C PRO B 9 4.55 10.28 -2.76
N SER B 10 5.36 11.32 -2.95
CA SER B 10 5.68 12.24 -1.86
C SER B 10 5.23 13.64 -2.23
N GLU B 11 3.96 13.95 -1.95
CA GLU B 11 3.41 15.26 -2.27
C GLU B 11 3.79 16.29 -1.19
N PRO B 12 3.55 17.56 -1.44
CA PRO B 12 3.86 18.62 -0.44
C PRO B 12 2.95 18.53 0.79
N LEU B 13 3.13 17.50 1.59
CA LEU B 13 2.30 17.32 2.78
C LEU B 13 3.15 16.79 3.94
N PRO B 14 2.79 17.15 5.16
CA PRO B 14 3.56 16.70 6.36
C PRO B 14 4.11 15.28 6.19
N THR A 3 -8.28 -12.27 -11.58
CA THR A 3 -7.18 -11.43 -11.10
C THR A 3 -6.48 -12.09 -9.91
N SER A 4 -5.15 -12.07 -9.95
CA SER A 4 -4.37 -12.66 -8.87
C SER A 4 -4.45 -11.81 -7.61
N THR A 5 -4.16 -12.42 -6.47
CA THR A 5 -4.22 -11.70 -5.21
C THR A 5 -3.23 -10.54 -5.20
N LEU A 6 -2.01 -10.83 -5.62
CA LEU A 6 -0.98 -9.80 -5.65
C LEU A 6 -1.35 -8.71 -6.63
N GLN A 7 -1.85 -9.11 -7.80
CA GLN A 7 -2.23 -8.13 -8.80
C GLN A 7 -3.19 -7.14 -8.19
N LYS A 8 -4.24 -7.65 -7.58
CA LYS A 8 -5.23 -6.77 -6.99
C LYS A 8 -4.55 -5.86 -5.97
N ALA A 9 -3.62 -6.42 -5.21
CA ALA A 9 -2.95 -5.63 -4.21
C ALA A 9 -2.29 -4.41 -4.84
N ILE A 10 -1.56 -4.64 -5.92
CA ILE A 10 -0.89 -3.57 -6.64
C ILE A 10 -1.93 -2.63 -7.24
N ASP A 11 -2.97 -3.19 -7.80
CA ASP A 11 -3.98 -2.36 -8.42
C ASP A 11 -4.59 -1.39 -7.40
N LEU A 12 -4.94 -1.92 -6.24
CA LEU A 12 -5.55 -1.12 -5.18
C LEU A 12 -4.58 -0.06 -4.68
N VAL A 13 -3.32 -0.45 -4.49
CA VAL A 13 -2.33 0.49 -4.00
C VAL A 13 -2.06 1.58 -5.03
N THR A 14 -2.03 1.18 -6.31
CA THR A 14 -1.76 2.14 -7.37
C THR A 14 -2.79 3.25 -7.31
N LYS A 15 -4.05 2.86 -7.26
CA LYS A 15 -5.10 3.85 -7.18
C LYS A 15 -4.93 4.66 -5.90
N ALA A 16 -4.61 3.99 -4.82
CA ALA A 16 -4.43 4.68 -3.54
C ALA A 16 -3.44 5.83 -3.67
N THR A 17 -2.33 5.58 -4.37
CA THR A 17 -1.32 6.60 -4.54
C THR A 17 -1.86 7.77 -5.34
N GLU A 18 -2.63 7.48 -6.37
CA GLU A 18 -3.20 8.55 -7.17
C GLU A 18 -4.11 9.43 -6.31
N GLU A 19 -4.89 8.78 -5.44
CA GLU A 19 -5.80 9.50 -4.59
C GLU A 19 -5.04 10.40 -3.65
N ASP A 20 -3.93 9.89 -3.15
CA ASP A 20 -3.12 10.66 -2.23
C ASP A 20 -2.67 11.95 -2.92
N LYS A 21 -2.31 11.84 -4.20
CA LYS A 21 -1.87 13.01 -4.95
C LYS A 21 -3.03 13.99 -5.10
N ALA A 22 -4.22 13.44 -5.35
CA ALA A 22 -5.41 14.26 -5.52
C ALA A 22 -5.89 14.81 -4.19
N LYS A 23 -5.05 14.66 -3.16
CA LYS A 23 -5.37 15.13 -1.83
C LYS A 23 -6.55 14.36 -1.24
N ASN A 24 -6.70 13.11 -1.65
CA ASN A 24 -7.79 12.26 -1.16
C ASN A 24 -7.26 11.29 -0.10
N TYR A 25 -6.90 11.82 1.05
CA TYR A 25 -6.38 11.00 2.12
C TYR A 25 -7.39 9.92 2.51
N GLU A 26 -8.66 10.30 2.54
CA GLU A 26 -9.69 9.33 2.91
C GLU A 26 -9.76 8.18 1.89
N GLU A 27 -9.86 8.51 0.62
CA GLU A 27 -9.94 7.49 -0.41
C GLU A 27 -8.61 6.73 -0.48
N ALA A 28 -7.51 7.46 -0.40
CA ALA A 28 -6.22 6.81 -0.48
C ALA A 28 -6.04 5.87 0.70
N LEU A 29 -6.44 6.32 1.88
CA LEU A 29 -6.28 5.50 3.08
C LEU A 29 -7.02 4.18 2.98
N ARG A 30 -8.26 4.20 2.56
CA ARG A 30 -9.03 2.97 2.48
C ARG A 30 -8.35 2.02 1.50
N LEU A 31 -7.91 2.56 0.38
CA LEU A 31 -7.27 1.74 -0.63
C LEU A 31 -5.97 1.17 -0.08
N TYR A 32 -5.25 1.98 0.69
CA TYR A 32 -3.98 1.54 1.26
C TYR A 32 -4.18 0.31 2.13
N GLN A 33 -5.18 0.37 3.00
CA GLN A 33 -5.47 -0.73 3.89
C GLN A 33 -5.86 -1.97 3.10
N HIS A 34 -6.66 -1.77 2.06
CA HIS A 34 -7.09 -2.90 1.23
C HIS A 34 -5.90 -3.54 0.52
N ALA A 35 -5.10 -2.71 -0.14
CA ALA A 35 -3.93 -3.20 -0.85
C ALA A 35 -3.09 -4.08 0.06
N VAL A 36 -2.82 -3.58 1.26
CA VAL A 36 -2.01 -4.34 2.22
C VAL A 36 -2.65 -5.70 2.49
N GLU A 37 -3.95 -5.71 2.68
CA GLU A 37 -4.64 -6.96 2.96
C GLU A 37 -4.34 -8.00 1.88
N TYR A 38 -4.48 -7.59 0.62
CA TYR A 38 -4.23 -8.50 -0.49
C TYR A 38 -2.77 -8.93 -0.52
N PHE A 39 -1.87 -7.99 -0.23
CA PHE A 39 -0.44 -8.31 -0.25
C PHE A 39 -0.11 -9.39 0.78
N LEU A 40 -0.60 -9.19 2.00
CA LEU A 40 -0.35 -10.13 3.07
C LEU A 40 -0.98 -11.46 2.72
N HIS A 41 -2.16 -11.41 2.14
CA HIS A 41 -2.83 -12.66 1.74
C HIS A 41 -2.02 -13.39 0.67
N ALA A 42 -1.38 -12.65 -0.20
CA ALA A 42 -0.62 -13.27 -1.27
C ALA A 42 0.57 -14.06 -0.76
N ILE A 43 1.32 -13.48 0.14
CA ILE A 43 2.48 -14.18 0.69
C ILE A 43 2.06 -15.43 1.45
N LYS A 44 0.89 -15.41 2.08
CA LYS A 44 0.41 -16.59 2.83
C LYS A 44 -0.31 -17.60 1.94
N TYR A 45 -1.19 -17.09 1.07
CA TYR A 45 -1.98 -17.96 0.21
C TYR A 45 -1.29 -18.18 -1.14
N GLU A 46 -0.29 -17.35 -1.45
CA GLU A 46 0.45 -17.48 -2.71
C GLU A 46 1.92 -17.69 -2.40
N ALA A 47 2.53 -18.64 -3.10
CA ALA A 47 3.94 -18.97 -2.90
C ALA A 47 4.83 -18.03 -3.70
N HIS A 48 5.94 -17.63 -3.10
CA HIS A 48 6.89 -16.74 -3.77
C HIS A 48 8.26 -16.82 -3.11
N SER A 49 9.31 -16.51 -3.86
CA SER A 49 10.67 -16.57 -3.34
C SER A 49 10.83 -15.69 -2.10
N ASP A 50 11.92 -15.88 -1.38
CA ASP A 50 12.14 -15.09 -0.18
C ASP A 50 12.18 -13.60 -0.53
N LYS A 51 13.03 -13.27 -1.50
CA LYS A 51 13.18 -11.87 -1.89
C LYS A 51 11.81 -11.26 -2.18
N ALA A 52 10.93 -12.08 -2.74
CA ALA A 52 9.59 -11.60 -3.02
C ALA A 52 8.87 -11.28 -1.72
N LYS A 53 8.84 -12.25 -0.80
CA LYS A 53 8.16 -12.03 0.48
C LYS A 53 8.70 -10.77 1.17
N GLU A 54 10.01 -10.66 1.24
CA GLU A 54 10.63 -9.52 1.86
C GLU A 54 10.12 -8.25 1.21
N SER A 55 9.95 -8.28 -0.10
CA SER A 55 9.46 -7.11 -0.80
C SER A 55 8.05 -6.78 -0.34
N ILE A 56 7.21 -7.80 -0.20
CA ILE A 56 5.83 -7.57 0.21
C ILE A 56 5.78 -7.09 1.66
N ARG A 57 6.55 -7.74 2.51
CA ARG A 57 6.58 -7.39 3.92
C ARG A 57 7.13 -5.98 4.12
N ALA A 58 8.13 -5.62 3.31
CA ALA A 58 8.73 -4.28 3.38
C ALA A 58 7.73 -3.23 2.87
N LYS A 59 7.16 -3.49 1.73
CA LYS A 59 6.20 -2.55 1.17
C LYS A 59 4.95 -2.49 2.03
N CYS A 60 4.57 -3.65 2.54
CA CYS A 60 3.37 -3.73 3.38
C CYS A 60 3.48 -2.76 4.54
N VAL A 61 4.61 -2.80 5.24
CA VAL A 61 4.81 -1.91 6.38
C VAL A 61 4.84 -0.45 5.91
N GLN A 62 5.29 -0.24 4.67
CA GLN A 62 5.33 1.12 4.13
C GLN A 62 3.92 1.64 3.87
N TYR A 63 3.10 0.82 3.23
CA TYR A 63 1.74 1.21 2.92
C TYR A 63 0.96 1.46 4.19
N LEU A 64 1.04 0.53 5.13
CA LEU A 64 0.31 0.71 6.38
C LEU A 64 0.76 1.98 7.07
N ASP A 65 2.07 2.17 7.21
CA ASP A 65 2.55 3.36 7.88
C ASP A 65 1.89 4.59 7.31
N ARG A 66 1.81 4.66 5.99
CA ARG A 66 1.18 5.80 5.36
C ARG A 66 -0.28 5.88 5.78
N ALA A 67 -0.94 4.74 5.79
CA ALA A 67 -2.35 4.70 6.16
C ALA A 67 -2.53 5.17 7.61
N GLU A 68 -1.58 4.82 8.46
CA GLU A 68 -1.63 5.20 9.86
C GLU A 68 -1.56 6.71 10.03
N LYS A 69 -0.53 7.32 9.49
CA LYS A 69 -0.39 8.76 9.62
C LYS A 69 -1.59 9.46 8.99
N LEU A 70 -2.08 8.90 7.87
CA LEU A 70 -3.20 9.50 7.16
C LEU A 70 -4.40 9.57 8.06
N LYS A 71 -4.68 8.46 8.69
CA LYS A 71 -5.78 8.36 9.64
C LYS A 71 -5.47 9.15 10.92
N ASP A 72 -4.19 9.34 11.22
CA ASP A 72 -3.81 10.03 12.44
C ASP A 72 -4.23 11.49 12.45
N TYR A 73 -3.80 12.23 11.44
CA TYR A 73 -4.16 13.62 11.37
C TYR A 73 -5.59 13.75 10.86
N LEU A 74 -6.04 12.82 10.05
CA LEU A 74 -7.40 12.91 9.53
C LEU A 74 -8.38 12.91 10.70
N ARG A 75 -8.20 11.97 11.60
CA ARG A 75 -9.07 11.88 12.76
C ARG A 75 -8.88 13.10 13.65
N ILE B 3 9.08 -8.89 -9.68
CA ILE B 3 8.21 -8.22 -8.71
C ILE B 3 8.58 -6.76 -8.61
N GLU B 4 7.82 -5.91 -9.30
CA GLU B 4 8.06 -4.48 -9.27
C GLU B 4 6.85 -3.74 -8.75
N LEU B 5 6.91 -3.30 -7.49
CA LEU B 5 5.80 -2.59 -6.88
C LEU B 5 5.99 -1.09 -6.95
N PRO B 6 4.94 -0.33 -6.73
CA PRO B 6 5.01 1.16 -6.75
C PRO B 6 5.48 1.72 -5.41
N GLU B 7 5.82 3.02 -5.41
CA GLU B 7 6.29 3.71 -4.20
C GLU B 7 5.27 4.73 -3.75
N VAL B 8 5.04 4.74 -2.45
CA VAL B 8 4.06 5.66 -1.89
C VAL B 8 4.50 7.12 -2.12
N PRO B 9 3.59 7.98 -2.54
CA PRO B 9 3.91 9.41 -2.77
C PRO B 9 4.13 10.18 -1.47
N SER B 10 4.92 11.26 -1.53
CA SER B 10 5.20 12.07 -0.36
C SER B 10 4.92 13.53 -0.66
N GLU B 11 3.67 13.93 -0.50
CA GLU B 11 3.27 15.32 -0.76
C GLU B 11 3.47 16.17 0.49
N PRO B 12 3.24 17.47 0.39
CA PRO B 12 3.36 18.39 1.55
C PRO B 12 2.33 18.10 2.63
N LEU B 13 1.96 16.83 2.74
CA LEU B 13 0.96 16.43 3.71
C LEU B 13 1.20 17.11 5.05
N PRO B 14 0.15 17.32 5.82
CA PRO B 14 0.29 18.00 7.15
C PRO B 14 1.34 17.33 8.03
N THR A 3 -10.96 -11.34 -8.16
CA THR A 3 -9.70 -10.58 -8.14
C THR A 3 -8.71 -11.18 -7.15
N SER A 4 -7.49 -11.39 -7.63
CA SER A 4 -6.45 -11.95 -6.79
C SER A 4 -6.11 -11.02 -5.64
N THR A 5 -5.61 -11.58 -4.55
CA THR A 5 -5.26 -10.78 -3.39
C THR A 5 -4.20 -9.75 -3.76
N LEU A 6 -3.23 -10.16 -4.56
CA LEU A 6 -2.17 -9.26 -4.97
C LEU A 6 -2.72 -8.13 -5.85
N GLN A 7 -3.58 -8.50 -6.78
CA GLN A 7 -4.15 -7.51 -7.68
C GLN A 7 -4.96 -6.49 -6.90
N LYS A 8 -5.68 -6.97 -5.90
CA LYS A 8 -6.50 -6.08 -5.09
C LYS A 8 -5.61 -5.12 -4.28
N ALA A 9 -4.55 -5.66 -3.70
CA ALA A 9 -3.65 -4.86 -2.89
C ALA A 9 -3.08 -3.71 -3.74
N ILE A 10 -2.67 -4.04 -4.95
CA ILE A 10 -2.12 -3.04 -5.86
C ILE A 10 -3.19 -2.01 -6.20
N ASP A 11 -4.41 -2.45 -6.42
CA ASP A 11 -5.46 -1.52 -6.76
C ASP A 11 -5.66 -0.49 -5.65
N LEU A 12 -5.69 -0.96 -4.40
CA LEU A 12 -5.88 -0.08 -3.26
C LEU A 12 -4.74 0.89 -3.09
N VAL A 13 -3.52 0.40 -3.24
CA VAL A 13 -2.35 1.25 -3.09
C VAL A 13 -2.28 2.27 -4.22
N THR A 14 -2.64 1.84 -5.43
CA THR A 14 -2.62 2.73 -6.59
C THR A 14 -3.51 3.94 -6.31
N LYS A 15 -4.72 3.67 -5.85
CA LYS A 15 -5.64 4.74 -5.52
C LYS A 15 -5.05 5.57 -4.38
N ALA A 16 -4.48 4.90 -3.39
CA ALA A 16 -3.90 5.61 -2.27
C ALA A 16 -2.92 6.67 -2.73
N THR A 17 -2.10 6.32 -3.69
CA THR A 17 -1.11 7.26 -4.20
C THR A 17 -1.79 8.44 -4.89
N GLU A 18 -2.84 8.16 -5.65
CA GLU A 18 -3.54 9.24 -6.33
C GLU A 18 -4.16 10.21 -5.32
N GLU A 19 -4.72 9.65 -4.26
CA GLU A 19 -5.36 10.45 -3.23
C GLU A 19 -4.31 11.30 -2.52
N ASP A 20 -3.15 10.72 -2.29
CA ASP A 20 -2.08 11.45 -1.64
C ASP A 20 -1.73 12.69 -2.45
N LYS A 21 -1.70 12.55 -3.77
CA LYS A 21 -1.39 13.67 -4.63
C LYS A 21 -2.48 14.72 -4.53
N ALA A 22 -3.72 14.26 -4.47
CA ALA A 22 -4.86 15.17 -4.36
C ALA A 22 -4.93 15.78 -2.97
N LYS A 23 -3.87 15.58 -2.19
CA LYS A 23 -3.80 16.10 -0.83
C LYS A 23 -4.83 15.43 0.07
N ASN A 24 -5.25 14.24 -0.33
CA ASN A 24 -6.24 13.48 0.45
C ASN A 24 -5.52 12.51 1.40
N TYR A 25 -4.83 13.05 2.39
CA TYR A 25 -4.11 12.22 3.34
C TYR A 25 -5.07 11.25 4.03
N GLU A 26 -6.26 11.73 4.38
CA GLU A 26 -7.23 10.87 5.05
C GLU A 26 -7.61 9.69 4.18
N GLU A 27 -8.02 9.98 2.94
CA GLU A 27 -8.42 8.91 2.03
C GLU A 27 -7.21 8.04 1.70
N ALA A 28 -6.09 8.70 1.39
CA ALA A 28 -4.87 7.99 1.05
C ALA A 28 -4.47 7.06 2.16
N LEU A 29 -4.51 7.54 3.40
CA LEU A 29 -4.16 6.72 4.54
C LEU A 29 -5.02 5.48 4.63
N ARG A 30 -6.31 5.65 4.47
CA ARG A 30 -7.22 4.52 4.57
C ARG A 30 -6.85 3.47 3.52
N LEU A 31 -6.57 3.93 2.31
CA LEU A 31 -6.21 3.03 1.22
C LEU A 31 -4.87 2.36 1.49
N TYR A 32 -3.93 3.12 2.05
CA TYR A 32 -2.61 2.58 2.34
C TYR A 32 -2.70 1.40 3.30
N GLN A 33 -3.41 1.59 4.40
CA GLN A 33 -3.56 0.55 5.39
C GLN A 33 -4.27 -0.66 4.80
N HIS A 34 -5.32 -0.40 4.04
CA HIS A 34 -6.08 -1.48 3.42
C HIS A 34 -5.19 -2.27 2.45
N ALA A 35 -4.52 -1.55 1.56
CA ALA A 35 -3.67 -2.19 0.57
C ALA A 35 -2.66 -3.09 1.25
N VAL A 36 -2.01 -2.58 2.29
CA VAL A 36 -1.03 -3.37 3.02
C VAL A 36 -1.65 -4.66 3.53
N GLU A 37 -2.85 -4.56 4.07
CA GLU A 37 -3.54 -5.74 4.60
C GLU A 37 -3.63 -6.82 3.52
N TYR A 38 -4.08 -6.43 2.34
CA TYR A 38 -4.20 -7.38 1.24
C TYR A 38 -2.84 -7.95 0.86
N PHE A 39 -1.82 -7.10 0.88
CA PHE A 39 -0.48 -7.54 0.52
C PHE A 39 0.01 -8.64 1.47
N LEU A 40 -0.12 -8.37 2.76
CA LEU A 40 0.30 -9.32 3.77
C LEU A 40 -0.52 -10.60 3.67
N HIS A 41 -1.81 -10.44 3.44
CA HIS A 41 -2.69 -11.60 3.31
C HIS A 41 -2.34 -12.42 2.06
N ALA A 42 -1.86 -11.75 1.04
CA ALA A 42 -1.52 -12.42 -0.21
C ALA A 42 -0.31 -13.32 -0.05
N ILE A 43 0.75 -12.80 0.55
CA ILE A 43 1.95 -13.59 0.73
C ILE A 43 1.69 -14.84 1.57
N LYS A 44 0.75 -14.76 2.50
CA LYS A 44 0.42 -15.91 3.35
C LYS A 44 -0.57 -16.88 2.69
N TYR A 45 -1.59 -16.32 2.03
CA TYR A 45 -2.63 -17.13 1.40
C TYR A 45 -2.25 -17.52 -0.02
N GLU A 46 -1.29 -16.81 -0.59
CA GLU A 46 -0.86 -17.11 -1.97
C GLU A 46 0.21 -18.20 -1.96
N ALA A 47 1.37 -17.89 -2.55
CA ALA A 47 2.47 -18.84 -2.63
C ALA A 47 3.61 -18.27 -3.46
N HIS A 48 3.57 -16.96 -3.70
CA HIS A 48 4.61 -16.31 -4.48
C HIS A 48 5.99 -16.76 -4.01
N SER A 49 6.96 -16.74 -4.92
CA SER A 49 8.32 -17.14 -4.57
C SER A 49 8.89 -16.28 -3.46
N ASP A 50 10.02 -16.68 -2.92
CA ASP A 50 10.66 -15.93 -1.84
C ASP A 50 11.07 -14.55 -2.31
N LYS A 51 11.46 -14.45 -3.58
CA LYS A 51 11.85 -13.16 -4.14
C LYS A 51 10.68 -12.19 -4.15
N ALA A 52 9.53 -12.69 -4.60
CA ALA A 52 8.32 -11.87 -4.64
C ALA A 52 7.93 -11.47 -3.22
N LYS A 53 7.90 -12.44 -2.33
CA LYS A 53 7.54 -12.15 -0.96
C LYS A 53 8.35 -10.99 -0.42
N GLU A 54 9.65 -11.06 -0.58
CA GLU A 54 10.51 -10.01 -0.09
C GLU A 54 10.06 -8.68 -0.64
N SER A 55 9.67 -8.68 -1.90
CA SER A 55 9.20 -7.43 -2.51
C SER A 55 7.98 -6.91 -1.77
N ILE A 56 7.05 -7.79 -1.44
CA ILE A 56 5.83 -7.38 -0.77
C ILE A 56 6.15 -6.86 0.64
N ARG A 57 7.01 -7.58 1.35
CA ARG A 57 7.38 -7.18 2.71
C ARG A 57 8.03 -5.80 2.68
N ALA A 58 9.11 -5.66 1.92
CA ALA A 58 9.81 -4.39 1.83
C ALA A 58 8.82 -3.27 1.49
N LYS A 59 8.02 -3.49 0.48
CA LYS A 59 7.05 -2.48 0.09
C LYS A 59 6.02 -2.26 1.19
N CYS A 60 5.58 -3.34 1.81
CA CYS A 60 4.58 -3.26 2.86
C CYS A 60 5.03 -2.28 3.94
N VAL A 61 6.30 -2.37 4.31
CA VAL A 61 6.84 -1.48 5.34
C VAL A 61 6.88 -0.04 4.81
N GLN A 62 7.06 0.10 3.50
CA GLN A 62 7.09 1.43 2.89
C GLN A 62 5.72 2.08 2.94
N TYR A 63 4.71 1.32 2.52
CA TYR A 63 3.35 1.82 2.53
C TYR A 63 2.91 2.17 3.94
N LEU A 64 3.14 1.25 4.87
CA LEU A 64 2.75 1.50 6.24
C LEU A 64 3.45 2.73 6.76
N ASP A 65 4.76 2.83 6.57
CA ASP A 65 5.49 3.97 7.06
C ASP A 65 4.81 5.25 6.62
N ARG A 66 4.41 5.30 5.36
CA ARG A 66 3.73 6.47 4.87
C ARG A 66 2.42 6.67 5.63
N ALA A 67 1.69 5.60 5.84
CA ALA A 67 0.43 5.67 6.54
C ALA A 67 0.65 6.17 7.98
N GLU A 68 1.78 5.78 8.57
CA GLU A 68 2.10 6.19 9.92
C GLU A 68 2.29 7.69 10.02
N LYS A 69 3.19 8.23 9.20
CA LYS A 69 3.45 9.66 9.24
C LYS A 69 2.18 10.44 8.88
N LEU A 70 1.41 9.90 7.93
CA LEU A 70 0.19 10.57 7.49
C LEU A 70 -0.77 10.72 8.65
N LYS A 71 -0.98 9.63 9.34
CA LYS A 71 -1.84 9.60 10.50
C LYS A 71 -1.21 10.35 11.67
N ASP A 72 0.12 10.48 11.63
CA ASP A 72 0.83 11.14 12.73
C ASP A 72 0.52 12.63 12.82
N TYR A 73 0.78 13.34 11.73
CA TYR A 73 0.53 14.77 11.73
C TYR A 73 -0.97 15.04 11.60
N LEU A 74 -1.68 14.13 10.93
CA LEU A 74 -3.12 14.29 10.77
C LEU A 74 -3.77 14.31 12.15
N ARG A 75 -3.40 13.36 12.99
CA ARG A 75 -3.95 13.31 14.33
C ARG A 75 -3.56 14.58 15.08
N ILE B 3 5.90 -9.93 -10.60
CA ILE B 3 5.32 -8.99 -9.64
C ILE B 3 5.47 -7.57 -10.11
N GLU B 4 4.40 -6.82 -9.95
CA GLU B 4 4.39 -5.41 -10.35
C GLU B 4 3.81 -4.54 -9.26
N LEU B 5 4.62 -3.62 -8.75
CA LEU B 5 4.16 -2.72 -7.68
C LEU B 5 4.48 -1.26 -8.02
N PRO B 6 3.76 -0.33 -7.42
CA PRO B 6 4.00 1.14 -7.65
C PRO B 6 4.95 1.73 -6.62
N GLU B 7 4.98 3.05 -6.53
CA GLU B 7 5.83 3.73 -5.57
C GLU B 7 5.06 4.85 -4.87
N VAL B 8 5.29 4.99 -3.58
CA VAL B 8 4.60 6.01 -2.81
C VAL B 8 5.07 7.42 -3.22
N PRO B 9 4.16 8.32 -3.48
CA PRO B 9 4.51 9.72 -3.88
C PRO B 9 4.98 10.55 -2.67
N SER B 10 6.29 10.57 -2.44
CA SER B 10 6.83 11.33 -1.32
C SER B 10 6.82 12.81 -1.65
N GLU B 11 5.69 13.46 -1.43
CA GLU B 11 5.56 14.88 -1.69
C GLU B 11 5.98 15.71 -0.47
N PRO B 12 6.06 17.01 -0.62
CA PRO B 12 6.41 17.93 0.53
C PRO B 12 5.25 18.05 1.52
N LEU B 13 4.68 16.92 1.89
CA LEU B 13 3.55 16.90 2.82
C LEU B 13 4.07 16.87 4.27
N PRO B 14 3.34 17.45 5.18
CA PRO B 14 3.74 17.49 6.61
C PRO B 14 3.94 16.09 7.18
N THR A 3 -10.77 -11.89 -8.44
CA THR A 3 -9.51 -11.16 -8.52
C THR A 3 -8.49 -11.74 -7.54
N SER A 4 -7.26 -11.88 -8.01
CA SER A 4 -6.20 -12.41 -7.16
C SER A 4 -5.89 -11.46 -6.01
N THR A 5 -5.43 -12.01 -4.90
CA THR A 5 -5.12 -11.19 -3.73
C THR A 5 -4.05 -10.17 -4.08
N LEU A 6 -3.03 -10.61 -4.79
CA LEU A 6 -1.93 -9.71 -5.17
C LEU A 6 -2.43 -8.63 -6.12
N GLN A 7 -3.22 -9.03 -7.10
CA GLN A 7 -3.72 -8.08 -8.06
C GLN A 7 -4.54 -6.99 -7.38
N LYS A 8 -5.41 -7.41 -6.47
CA LYS A 8 -6.25 -6.45 -5.77
C LYS A 8 -5.40 -5.54 -4.91
N ALA A 9 -4.41 -6.12 -4.22
CA ALA A 9 -3.54 -5.33 -3.36
C ALA A 9 -2.89 -4.20 -4.16
N ILE A 10 -2.42 -4.54 -5.35
CA ILE A 10 -1.80 -3.55 -6.23
C ILE A 10 -2.84 -2.50 -6.63
N ASP A 11 -4.04 -2.95 -6.93
CA ASP A 11 -5.06 -2.02 -7.36
C ASP A 11 -5.33 -0.98 -6.28
N LEU A 12 -5.49 -1.43 -5.04
CA LEU A 12 -5.79 -0.55 -3.93
C LEU A 12 -4.66 0.43 -3.68
N VAL A 13 -3.43 -0.07 -3.72
CA VAL A 13 -2.28 0.80 -3.49
C VAL A 13 -2.11 1.79 -4.64
N THR A 14 -2.38 1.33 -5.86
CA THR A 14 -2.25 2.20 -7.02
C THR A 14 -3.13 3.42 -6.84
N LYS A 15 -4.38 3.19 -6.52
CA LYS A 15 -5.29 4.28 -6.31
C LYS A 15 -4.80 5.12 -5.13
N ALA A 16 -4.33 4.46 -4.09
CA ALA A 16 -3.86 5.18 -2.92
C ALA A 16 -2.84 6.24 -3.32
N THR A 17 -1.94 5.87 -4.21
CA THR A 17 -0.92 6.78 -4.66
C THR A 17 -1.53 7.94 -5.43
N GLU A 18 -2.54 7.64 -6.25
CA GLU A 18 -3.18 8.69 -7.01
C GLU A 18 -3.88 9.68 -6.07
N GLU A 19 -4.52 9.14 -5.04
CA GLU A 19 -5.23 9.96 -4.08
C GLU A 19 -4.25 10.85 -3.34
N ASP A 20 -3.11 10.29 -3.01
CA ASP A 20 -2.09 11.04 -2.31
C ASP A 20 -1.68 12.24 -3.15
N LYS A 21 -1.55 12.04 -4.46
CA LYS A 21 -1.19 13.12 -5.35
C LYS A 21 -2.28 14.17 -5.37
N ALA A 22 -3.53 13.70 -5.37
CA ALA A 22 -4.67 14.61 -5.39
C ALA A 22 -4.85 15.28 -4.04
N LYS A 23 -3.85 15.11 -3.18
CA LYS A 23 -3.88 15.69 -1.84
C LYS A 23 -4.99 15.07 -1.01
N ASN A 24 -5.29 13.80 -1.26
CA ASN A 24 -6.33 13.10 -0.51
C ASN A 24 -5.70 12.17 0.53
N TYR A 25 -5.11 12.74 1.55
CA TYR A 25 -4.46 11.95 2.59
C TYR A 25 -5.46 11.00 3.21
N GLU A 26 -6.67 11.47 3.50
CA GLU A 26 -7.67 10.61 4.12
C GLU A 26 -7.97 9.39 3.25
N GLU A 27 -8.31 9.61 2.00
CA GLU A 27 -8.63 8.51 1.10
C GLU A 27 -7.38 7.67 0.84
N ALA A 28 -6.27 8.33 0.57
CA ALA A 28 -5.03 7.63 0.32
C ALA A 28 -4.67 6.73 1.49
N LEU A 29 -4.81 7.25 2.70
CA LEU A 29 -4.48 6.48 3.89
C LEU A 29 -5.32 5.22 4.02
N ARG A 30 -6.61 5.38 3.83
CA ARG A 30 -7.49 4.25 3.94
C ARG A 30 -7.10 3.19 2.90
N LEU A 31 -6.78 3.65 1.70
CA LEU A 31 -6.38 2.72 0.64
C LEU A 31 -5.07 2.01 0.98
N TYR A 32 -4.14 2.76 1.56
CA TYR A 32 -2.84 2.19 1.92
C TYR A 32 -3.02 1.03 2.90
N GLN A 33 -3.83 1.25 3.92
CA GLN A 33 -4.07 0.22 4.91
C GLN A 33 -4.74 -0.99 4.29
N HIS A 34 -5.72 -0.75 3.42
CA HIS A 34 -6.44 -1.84 2.76
C HIS A 34 -5.49 -2.64 1.87
N ALA A 35 -4.79 -1.94 1.01
CA ALA A 35 -3.87 -2.59 0.08
C ALA A 35 -2.87 -3.46 0.84
N VAL A 36 -2.33 -2.90 1.92
CA VAL A 36 -1.36 -3.65 2.71
C VAL A 36 -1.98 -4.94 3.22
N GLU A 37 -3.21 -4.86 3.69
CA GLU A 37 -3.89 -6.04 4.19
C GLU A 37 -3.88 -7.16 3.15
N TYR A 38 -4.28 -6.81 1.93
CA TYR A 38 -4.31 -7.80 0.86
C TYR A 38 -2.91 -8.35 0.57
N PHE A 39 -1.92 -7.47 0.62
CA PHE A 39 -0.55 -7.89 0.36
C PHE A 39 -0.09 -8.94 1.37
N LEU A 40 -0.32 -8.65 2.63
CA LEU A 40 0.05 -9.56 3.69
C LEU A 40 -0.72 -10.85 3.55
N HIS A 41 -1.98 -10.75 3.21
CA HIS A 41 -2.79 -11.94 3.04
C HIS A 41 -2.26 -12.79 1.89
N ALA A 42 -1.69 -12.16 0.88
CA ALA A 42 -1.17 -12.90 -0.26
C ALA A 42 0.03 -13.76 0.10
N ILE A 43 0.97 -13.20 0.80
CA ILE A 43 2.16 -13.96 1.18
C ILE A 43 1.79 -15.14 2.09
N LYS A 44 0.77 -14.97 2.95
CA LYS A 44 0.35 -16.07 3.84
C LYS A 44 -0.60 -17.05 3.19
N TYR A 45 -1.60 -16.50 2.49
CA TYR A 45 -2.64 -17.33 1.86
C TYR A 45 -2.28 -17.64 0.41
N GLU A 46 -1.31 -16.92 -0.15
CA GLU A 46 -0.88 -17.17 -1.53
C GLU A 46 0.60 -17.48 -1.58
N ALA A 47 0.99 -18.34 -2.50
CA ALA A 47 2.39 -18.74 -2.63
C ALA A 47 3.12 -17.85 -3.62
N HIS A 48 4.43 -17.69 -3.42
CA HIS A 48 5.23 -16.85 -4.29
C HIS A 48 6.72 -17.19 -4.14
N SER A 49 7.56 -16.41 -4.81
CA SER A 49 9.01 -16.62 -4.75
C SER A 49 9.58 -16.00 -3.48
N ASP A 50 10.86 -16.26 -3.23
CA ASP A 50 11.50 -15.71 -2.05
C ASP A 50 11.66 -14.18 -2.18
N LYS A 51 12.18 -13.75 -3.32
CA LYS A 51 12.36 -12.32 -3.55
C LYS A 51 11.01 -11.64 -3.64
N ALA A 52 10.01 -12.43 -3.99
CA ALA A 52 8.66 -11.92 -4.06
C ALA A 52 8.15 -11.63 -2.66
N LYS A 53 8.29 -12.59 -1.76
CA LYS A 53 7.84 -12.40 -0.38
C LYS A 53 8.52 -11.20 0.24
N GLU A 54 9.82 -11.12 0.09
CA GLU A 54 10.56 -10.01 0.65
C GLU A 54 10.07 -8.71 0.05
N SER A 55 9.68 -8.76 -1.20
CA SER A 55 9.19 -7.57 -1.87
C SER A 55 7.91 -7.08 -1.20
N ILE A 56 7.02 -8.01 -0.85
CA ILE A 56 5.75 -7.63 -0.24
C ILE A 56 5.98 -7.08 1.16
N ARG A 57 6.81 -7.77 1.93
CA ARG A 57 7.10 -7.34 3.30
C ARG A 57 7.71 -5.94 3.29
N ALA A 58 8.83 -5.79 2.59
CA ALA A 58 9.50 -4.50 2.53
C ALA A 58 8.53 -3.42 2.07
N LYS A 59 7.85 -3.68 0.98
CA LYS A 59 6.90 -2.72 0.45
C LYS A 59 5.78 -2.45 1.44
N CYS A 60 5.29 -3.51 2.05
CA CYS A 60 4.22 -3.39 3.02
C CYS A 60 4.61 -2.36 4.07
N VAL A 61 5.87 -2.38 4.46
CA VAL A 61 6.36 -1.42 5.45
C VAL A 61 6.29 -0.02 4.88
N GLN A 62 6.77 0.15 3.66
CA GLN A 62 6.77 1.47 3.02
C GLN A 62 5.35 2.02 2.97
N TYR A 63 4.41 1.19 2.55
CA TYR A 63 3.02 1.62 2.46
C TYR A 63 2.48 1.98 3.84
N LEU A 64 2.66 1.08 4.79
CA LEU A 64 2.17 1.34 6.14
C LEU A 64 2.81 2.60 6.70
N ASP A 65 4.12 2.70 6.59
CA ASP A 65 4.81 3.86 7.14
C ASP A 65 4.17 5.13 6.61
N ARG A 66 3.90 5.16 5.31
CA ARG A 66 3.28 6.33 4.74
C ARG A 66 1.93 6.57 5.39
N ALA A 67 1.17 5.50 5.55
CA ALA A 67 -0.13 5.63 6.16
C ALA A 67 -0.03 6.13 7.60
N GLU A 68 1.03 5.70 8.30
CA GLU A 68 1.23 6.11 9.68
C GLU A 68 1.48 7.61 9.78
N LYS A 69 2.47 8.10 9.05
CA LYS A 69 2.77 9.52 9.11
C LYS A 69 1.56 10.33 8.64
N LEU A 70 0.82 9.79 7.66
CA LEU A 70 -0.34 10.48 7.13
C LEU A 70 -1.34 10.73 8.24
N LYS A 71 -1.60 9.69 8.99
CA LYS A 71 -2.51 9.76 10.13
C LYS A 71 -1.91 10.59 11.26
N ASP A 72 -0.59 10.67 11.30
CA ASP A 72 0.10 11.39 12.36
C ASP A 72 -0.15 12.89 12.32
N TYR A 73 0.15 13.49 11.17
CA TYR A 73 -0.05 14.93 11.04
C TYR A 73 -1.54 15.22 10.83
N LEU A 74 -2.24 14.29 10.19
CA LEU A 74 -3.67 14.51 9.94
C LEU A 74 -4.39 14.72 11.26
N ARG A 75 -4.13 13.85 12.22
CA ARG A 75 -4.76 13.98 13.51
C ARG A 75 -4.20 15.19 14.24
N ILE B 3 6.59 -10.62 -10.21
CA ILE B 3 5.89 -9.67 -9.33
C ILE B 3 6.25 -8.26 -9.71
N GLU B 4 5.22 -7.44 -9.80
CA GLU B 4 5.39 -6.04 -10.15
C GLU B 4 4.60 -5.16 -9.20
N LEU B 5 5.30 -4.31 -8.45
CA LEU B 5 4.65 -3.40 -7.51
C LEU B 5 4.96 -1.93 -7.85
N PRO B 6 4.17 -1.01 -7.34
CA PRO B 6 4.39 0.45 -7.58
C PRO B 6 5.24 1.08 -6.48
N GLU B 7 5.44 2.40 -6.59
CA GLU B 7 6.23 3.13 -5.60
C GLU B 7 5.40 4.25 -5.00
N VAL B 8 5.51 4.41 -3.70
CA VAL B 8 4.75 5.45 -3.01
C VAL B 8 5.24 6.85 -3.43
N PRO B 9 4.33 7.78 -3.65
CA PRO B 9 4.71 9.17 -4.04
C PRO B 9 5.32 9.95 -2.87
N SER B 10 6.28 10.82 -3.17
CA SER B 10 6.92 11.62 -2.14
C SER B 10 6.46 13.06 -2.23
N GLU B 11 5.32 13.35 -1.59
CA GLU B 11 4.76 14.70 -1.60
C GLU B 11 5.36 15.54 -0.47
N PRO B 12 5.14 16.84 -0.49
CA PRO B 12 5.66 17.76 0.58
C PRO B 12 4.66 17.88 1.72
N LEU B 13 4.18 16.74 2.21
CA LEU B 13 3.20 16.75 3.30
C LEU B 13 3.57 17.78 4.37
N PRO B 14 2.61 18.50 4.91
CA PRO B 14 2.89 19.53 5.96
C PRO B 14 4.00 19.10 6.92
N THR A 3 -9.32 -12.33 -9.86
CA THR A 3 -8.19 -11.46 -9.52
C THR A 3 -7.42 -12.03 -8.34
N SER A 4 -6.11 -12.17 -8.51
CA SER A 4 -5.26 -12.71 -7.47
C SER A 4 -5.11 -11.70 -6.33
N THR A 5 -4.69 -12.18 -5.17
CA THR A 5 -4.52 -11.32 -4.02
C THR A 5 -3.48 -10.24 -4.32
N LEU A 6 -2.40 -10.64 -4.98
CA LEU A 6 -1.34 -9.69 -5.29
C LEU A 6 -1.84 -8.63 -6.29
N GLN A 7 -2.56 -9.09 -7.30
CA GLN A 7 -3.05 -8.17 -8.31
C GLN A 7 -3.94 -7.12 -7.69
N LYS A 8 -4.85 -7.56 -6.84
CA LYS A 8 -5.78 -6.64 -6.21
C LYS A 8 -5.02 -5.66 -5.32
N ALA A 9 -4.05 -6.17 -4.57
CA ALA A 9 -3.28 -5.34 -3.67
C ALA A 9 -2.62 -4.19 -4.45
N ILE A 10 -2.06 -4.54 -5.60
CA ILE A 10 -1.41 -3.55 -6.46
C ILE A 10 -2.41 -2.52 -6.95
N ASP A 11 -3.58 -3.00 -7.33
CA ASP A 11 -4.62 -2.11 -7.84
C ASP A 11 -5.04 -1.09 -6.78
N LEU A 12 -5.24 -1.57 -5.55
CA LEU A 12 -5.68 -0.69 -4.46
C LEU A 12 -4.64 0.39 -4.15
N VAL A 13 -3.37 -0.01 -4.08
CA VAL A 13 -2.32 0.95 -3.79
C VAL A 13 -2.11 1.90 -4.97
N THR A 14 -2.26 1.39 -6.19
CA THR A 14 -2.08 2.21 -7.37
C THR A 14 -3.03 3.41 -7.31
N LYS A 15 -4.30 3.13 -7.05
CA LYS A 15 -5.25 4.20 -6.95
C LYS A 15 -4.90 5.08 -5.76
N ALA A 16 -4.49 4.46 -4.67
CA ALA A 16 -4.12 5.22 -3.49
C ALA A 16 -3.11 6.32 -3.83
N THR A 17 -2.13 5.97 -4.65
CA THR A 17 -1.10 6.92 -5.02
C THR A 17 -1.69 8.05 -5.84
N GLU A 18 -2.65 7.72 -6.68
CA GLU A 18 -3.30 8.75 -7.49
C GLU A 18 -4.07 9.71 -6.58
N GLU A 19 -4.71 9.15 -5.55
CA GLU A 19 -5.48 9.96 -4.62
C GLU A 19 -4.56 10.83 -3.78
N ASP A 20 -3.46 10.24 -3.33
CA ASP A 20 -2.50 10.96 -2.53
C ASP A 20 -2.04 12.20 -3.28
N LYS A 21 -1.73 12.04 -4.56
CA LYS A 21 -1.30 13.15 -5.38
C LYS A 21 -2.44 14.15 -5.56
N ALA A 22 -3.66 13.61 -5.69
CA ALA A 22 -4.82 14.45 -5.88
C ALA A 22 -5.19 15.16 -4.58
N LYS A 23 -4.29 15.07 -3.61
CA LYS A 23 -4.50 15.69 -2.31
C LYS A 23 -5.63 15.00 -1.55
N ASN A 24 -5.93 13.78 -1.94
CA ASN A 24 -7.00 13.01 -1.30
C ASN A 24 -6.41 12.09 -0.22
N TYR A 25 -5.92 12.70 0.85
CA TYR A 25 -5.33 11.94 1.93
C TYR A 25 -6.33 10.93 2.49
N GLU A 26 -7.57 11.35 2.66
CA GLU A 26 -8.60 10.45 3.19
C GLU A 26 -8.80 9.24 2.26
N GLU A 27 -9.04 9.52 0.99
CA GLU A 27 -9.25 8.43 0.03
C GLU A 27 -7.97 7.62 -0.11
N ALA A 28 -6.86 8.31 -0.25
CA ALA A 28 -5.59 7.61 -0.41
C ALA A 28 -5.32 6.73 0.79
N LEU A 29 -5.57 7.24 1.99
CA LEU A 29 -5.32 6.49 3.20
C LEU A 29 -6.08 5.18 3.24
N ARG A 30 -7.38 5.24 2.99
CA ARG A 30 -8.18 4.02 3.06
C ARG A 30 -7.65 2.99 2.07
N LEU A 31 -7.29 3.47 0.89
CA LEU A 31 -6.77 2.59 -0.13
C LEU A 31 -5.45 1.97 0.32
N TYR A 32 -4.63 2.78 0.97
CA TYR A 32 -3.33 2.30 1.44
C TYR A 32 -3.50 1.14 2.41
N GLN A 33 -4.37 1.32 3.38
CA GLN A 33 -4.60 0.30 4.38
C GLN A 33 -5.15 -0.97 3.73
N HIS A 34 -6.10 -0.80 2.83
CA HIS A 34 -6.70 -1.95 2.15
C HIS A 34 -5.64 -2.72 1.36
N ALA A 35 -4.87 -1.99 0.57
CA ALA A 35 -3.84 -2.61 -0.24
C ALA A 35 -2.91 -3.45 0.63
N VAL A 36 -2.47 -2.87 1.75
CA VAL A 36 -1.57 -3.57 2.65
C VAL A 36 -2.19 -4.90 3.09
N GLU A 37 -3.47 -4.85 3.45
CA GLU A 37 -4.14 -6.06 3.89
C GLU A 37 -4.02 -7.16 2.84
N TYR A 38 -4.31 -6.81 1.60
CA TYR A 38 -4.23 -7.78 0.52
C TYR A 38 -2.80 -8.27 0.34
N PHE A 39 -1.85 -7.35 0.47
CA PHE A 39 -0.44 -7.72 0.33
C PHE A 39 -0.04 -8.76 1.38
N LEU A 40 -0.38 -8.45 2.63
CA LEU A 40 -0.05 -9.34 3.72
C LEU A 40 -0.78 -10.66 3.54
N HIS A 41 -2.04 -10.57 3.17
CA HIS A 41 -2.84 -11.78 2.95
C HIS A 41 -2.29 -12.60 1.78
N ALA A 42 -1.61 -11.95 0.87
CA ALA A 42 -1.07 -12.64 -0.29
C ALA A 42 0.14 -13.47 0.07
N ILE A 43 1.07 -12.87 0.77
CA ILE A 43 2.29 -13.60 1.19
C ILE A 43 1.98 -14.81 2.05
N LYS A 44 0.92 -14.73 2.85
CA LYS A 44 0.54 -15.87 3.72
C LYS A 44 -0.32 -16.92 3.02
N TYR A 45 -1.31 -16.45 2.26
CA TYR A 45 -2.24 -17.35 1.58
C TYR A 45 -1.68 -17.81 0.24
N GLU A 46 -0.71 -17.08 -0.31
CA GLU A 46 -0.12 -17.47 -1.60
C GLU A 46 1.00 -18.48 -1.41
N ALA A 47 2.20 -18.09 -1.83
CA ALA A 47 3.37 -18.96 -1.71
C ALA A 47 4.51 -18.43 -2.59
N HIS A 48 4.58 -17.12 -2.73
CA HIS A 48 5.62 -16.51 -3.55
C HIS A 48 7.00 -16.98 -3.10
N SER A 49 8.04 -16.24 -3.50
CA SER A 49 9.42 -16.60 -3.14
C SER A 49 9.92 -15.69 -2.02
N ASP A 50 10.96 -16.14 -1.32
CA ASP A 50 11.52 -15.36 -0.23
C ASP A 50 11.86 -13.95 -0.71
N LYS A 51 12.37 -13.85 -1.94
CA LYS A 51 12.71 -12.55 -2.50
C LYS A 51 11.46 -11.69 -2.66
N ALA A 52 10.40 -12.30 -3.19
CA ALA A 52 9.15 -11.58 -3.37
C ALA A 52 8.59 -11.19 -2.02
N LYS A 53 8.50 -12.13 -1.12
CA LYS A 53 7.95 -11.83 0.20
C LYS A 53 8.61 -10.59 0.78
N GLU A 54 9.92 -10.59 0.82
CA GLU A 54 10.64 -9.47 1.37
C GLU A 54 10.18 -8.19 0.68
N SER A 55 9.96 -8.27 -0.62
CA SER A 55 9.50 -7.11 -1.35
C SER A 55 8.17 -6.62 -0.80
N ILE A 56 7.27 -7.55 -0.54
CA ILE A 56 5.94 -7.21 -0.04
C ILE A 56 6.04 -6.63 1.37
N ARG A 57 6.84 -7.28 2.21
CA ARG A 57 7.00 -6.84 3.59
C ARG A 57 7.63 -5.43 3.63
N ALA A 58 8.56 -5.17 2.72
CA ALA A 58 9.21 -3.87 2.66
C ALA A 58 8.22 -2.80 2.19
N LYS A 59 7.52 -3.07 1.12
CA LYS A 59 6.55 -2.13 0.63
C LYS A 59 5.38 -1.99 1.60
N CYS A 60 5.02 -3.09 2.21
CA CYS A 60 3.92 -3.10 3.16
C CYS A 60 4.17 -2.07 4.25
N VAL A 61 5.36 -2.11 4.85
CA VAL A 61 5.70 -1.15 5.90
C VAL A 61 5.73 0.27 5.34
N GLN A 62 6.08 0.40 4.06
CA GLN A 62 6.12 1.72 3.43
C GLN A 62 4.71 2.28 3.28
N TYR A 63 3.81 1.45 2.77
CA TYR A 63 2.43 1.88 2.58
C TYR A 63 1.81 2.25 3.92
N LEU A 64 1.96 1.37 4.90
CA LEU A 64 1.38 1.66 6.19
C LEU A 64 1.95 2.95 6.74
N ASP A 65 3.27 3.09 6.75
CA ASP A 65 3.88 4.28 7.28
C ASP A 65 3.19 5.51 6.71
N ARG A 66 3.01 5.51 5.40
CA ARG A 66 2.35 6.64 4.77
C ARG A 66 0.93 6.78 5.32
N ALA A 67 0.25 5.67 5.43
CA ALA A 67 -1.13 5.69 5.94
C ALA A 67 -1.17 6.23 7.37
N GLU A 68 -0.11 5.94 8.13
CA GLU A 68 -0.03 6.39 9.52
C GLU A 68 0.08 7.91 9.60
N LYS A 69 1.08 8.46 8.93
CA LYS A 69 1.26 9.91 8.97
C LYS A 69 0.03 10.61 8.41
N LEU A 70 -0.56 10.02 7.37
CA LEU A 70 -1.73 10.61 6.74
C LEU A 70 -2.86 10.75 7.73
N LYS A 71 -3.11 9.66 8.40
CA LYS A 71 -4.15 9.61 9.42
C LYS A 71 -3.74 10.40 10.66
N ASP A 72 -2.44 10.62 10.84
CA ASP A 72 -1.93 11.33 12.01
C ASP A 72 -2.30 12.82 11.99
N TYR A 73 -1.90 13.50 10.94
CA TYR A 73 -2.19 14.92 10.84
C TYR A 73 -3.66 15.12 10.46
N LEU A 74 -4.23 14.15 9.74
CA LEU A 74 -5.62 14.27 9.36
C LEU A 74 -6.49 14.33 10.61
N ARG A 75 -6.22 13.43 11.55
CA ARG A 75 -6.98 13.41 12.78
C ARG A 75 -6.74 14.70 13.54
N ILE B 3 6.87 -10.39 -8.96
CA ILE B 3 6.27 -9.35 -8.12
C ILE B 3 6.52 -7.98 -8.73
N GLU B 4 5.45 -7.22 -8.89
CA GLU B 4 5.53 -5.87 -9.44
C GLU B 4 4.74 -4.92 -8.57
N LEU B 5 5.44 -3.97 -7.95
CA LEU B 5 4.78 -3.00 -7.06
C LEU B 5 5.11 -1.56 -7.46
N PRO B 6 4.33 -0.61 -7.01
CA PRO B 6 4.58 0.83 -7.31
C PRO B 6 5.37 1.50 -6.18
N GLU B 7 5.62 2.81 -6.32
CA GLU B 7 6.34 3.57 -5.32
C GLU B 7 5.48 4.71 -4.79
N VAL B 8 5.30 4.73 -3.49
CA VAL B 8 4.48 5.76 -2.86
C VAL B 8 4.95 7.16 -3.28
N PRO B 9 4.04 8.04 -3.62
CA PRO B 9 4.40 9.44 -4.02
C PRO B 9 4.84 10.29 -2.82
N SER B 10 5.94 11.04 -2.99
CA SER B 10 6.43 11.90 -1.92
C SER B 10 5.95 13.32 -2.12
N GLU B 11 4.72 13.59 -1.66
CA GLU B 11 4.15 14.93 -1.79
C GLU B 11 4.54 15.81 -0.60
N PRO B 12 4.34 17.10 -0.69
CA PRO B 12 4.65 18.05 0.42
C PRO B 12 3.43 18.32 1.29
N LEU B 13 2.66 17.28 1.54
CA LEU B 13 1.45 17.41 2.35
C LEU B 13 1.82 17.55 3.83
N PRO B 14 1.05 18.31 4.58
CA PRO B 14 1.31 18.51 6.04
C PRO B 14 1.40 17.20 6.79
N THR A 3 -10.98 -11.45 -8.21
CA THR A 3 -9.71 -10.76 -8.40
C THR A 3 -8.64 -11.35 -7.51
N SER A 4 -7.45 -11.54 -8.06
CA SER A 4 -6.35 -12.10 -7.29
C SER A 4 -6.01 -11.20 -6.12
N THR A 5 -5.51 -11.79 -5.05
CA THR A 5 -5.17 -11.03 -3.86
C THR A 5 -4.10 -10.00 -4.18
N LEU A 6 -3.08 -10.42 -4.95
CA LEU A 6 -2.01 -9.51 -5.32
C LEU A 6 -2.52 -8.39 -6.21
N GLN A 7 -3.32 -8.75 -7.20
CA GLN A 7 -3.84 -7.78 -8.14
C GLN A 7 -4.65 -6.73 -7.39
N LYS A 8 -5.48 -7.17 -6.46
CA LYS A 8 -6.31 -6.25 -5.71
C LYS A 8 -5.44 -5.34 -4.84
N ALA A 9 -4.43 -5.93 -4.21
CA ALA A 9 -3.54 -5.16 -3.34
C ALA A 9 -2.92 -4.01 -4.13
N ILE A 10 -2.48 -4.33 -5.34
CA ILE A 10 -1.89 -3.31 -6.21
C ILE A 10 -2.93 -2.26 -6.57
N ASP A 11 -4.13 -2.70 -6.85
CA ASP A 11 -5.17 -1.75 -7.23
C ASP A 11 -5.41 -0.74 -6.11
N LEU A 12 -5.52 -1.24 -4.87
CA LEU A 12 -5.77 -0.37 -3.72
C LEU A 12 -4.62 0.60 -3.49
N VAL A 13 -3.40 0.09 -3.59
CA VAL A 13 -2.23 0.94 -3.37
C VAL A 13 -2.12 2.00 -4.48
N THR A 14 -2.44 1.59 -5.70
CA THR A 14 -2.37 2.51 -6.83
C THR A 14 -3.28 3.70 -6.57
N LYS A 15 -4.51 3.42 -6.17
CA LYS A 15 -5.44 4.49 -5.87
C LYS A 15 -4.90 5.30 -4.70
N ALA A 16 -4.38 4.62 -3.69
CA ALA A 16 -3.86 5.32 -2.53
C ALA A 16 -2.87 6.41 -2.93
N THR A 17 -1.99 6.08 -3.88
CA THR A 17 -1.00 7.03 -4.31
C THR A 17 -1.66 8.21 -5.03
N GLU A 18 -2.67 7.94 -5.82
CA GLU A 18 -3.36 9.01 -6.53
C GLU A 18 -4.03 9.95 -5.53
N GLU A 19 -4.64 9.37 -4.50
CA GLU A 19 -5.32 10.16 -3.48
C GLU A 19 -4.31 11.01 -2.71
N ASP A 20 -3.15 10.46 -2.45
CA ASP A 20 -2.12 11.18 -1.74
C ASP A 20 -1.75 12.43 -2.53
N LYS A 21 -1.69 12.29 -3.84
CA LYS A 21 -1.36 13.43 -4.70
C LYS A 21 -2.46 14.48 -4.60
N ALA A 22 -3.70 14.01 -4.60
CA ALA A 22 -4.85 14.92 -4.53
C ALA A 22 -4.98 15.50 -3.13
N LYS A 23 -3.96 15.28 -2.31
CA LYS A 23 -3.95 15.78 -0.93
C LYS A 23 -5.02 15.10 -0.10
N ASN A 24 -5.37 13.88 -0.48
CA ASN A 24 -6.39 13.11 0.23
C ASN A 24 -5.73 12.13 1.20
N TYR A 25 -5.09 12.65 2.23
CA TYR A 25 -4.41 11.81 3.20
C TYR A 25 -5.39 10.82 3.82
N GLU A 26 -6.59 11.27 4.11
CA GLU A 26 -7.59 10.40 4.71
C GLU A 26 -7.92 9.23 3.80
N GLU A 27 -8.26 9.53 2.55
CA GLU A 27 -8.59 8.47 1.61
C GLU A 27 -7.35 7.63 1.31
N ALA A 28 -6.24 8.30 1.06
CA ALA A 28 -4.99 7.62 0.75
C ALA A 28 -4.63 6.66 1.88
N LEU A 29 -4.74 7.13 3.12
CA LEU A 29 -4.42 6.30 4.27
C LEU A 29 -5.27 5.06 4.30
N ARG A 30 -6.56 5.22 4.09
CA ARG A 30 -7.45 4.08 4.13
C ARG A 30 -7.04 3.05 3.08
N LEU A 31 -6.71 3.54 1.89
CA LEU A 31 -6.30 2.66 0.81
C LEU A 31 -4.96 1.99 1.12
N TYR A 32 -4.04 2.75 1.72
CA TYR A 32 -2.73 2.22 2.05
C TYR A 32 -2.85 1.02 3.00
N GLN A 33 -3.62 1.20 4.06
CA GLN A 33 -3.80 0.14 5.04
C GLN A 33 -4.49 -1.06 4.41
N HIS A 34 -5.50 -0.79 3.59
CA HIS A 34 -6.24 -1.86 2.94
C HIS A 34 -5.32 -2.64 1.99
N ALA A 35 -4.61 -1.92 1.14
CA ALA A 35 -3.71 -2.55 0.19
C ALA A 35 -2.72 -3.45 0.91
N VAL A 36 -2.13 -2.95 1.99
CA VAL A 36 -1.17 -3.72 2.76
C VAL A 36 -1.80 -5.02 3.23
N GLU A 37 -3.02 -4.91 3.74
CA GLU A 37 -3.72 -6.10 4.22
C GLU A 37 -3.77 -7.17 3.14
N TYR A 38 -4.19 -6.78 1.94
CA TYR A 38 -4.27 -7.73 0.83
C TYR A 38 -2.90 -8.29 0.49
N PHE A 39 -1.88 -7.45 0.55
CA PHE A 39 -0.53 -7.90 0.24
C PHE A 39 -0.09 -9.02 1.19
N LEU A 40 -0.30 -8.78 2.49
CA LEU A 40 0.07 -9.77 3.50
C LEU A 40 -0.76 -11.03 3.32
N HIS A 41 -2.02 -10.85 2.99
CA HIS A 41 -2.91 -11.98 2.78
C HIS A 41 -2.49 -12.75 1.52
N ALA A 42 -1.86 -12.07 0.59
CA ALA A 42 -1.44 -12.71 -0.64
C ALA A 42 -0.26 -13.63 -0.40
N ILE A 43 0.74 -13.16 0.30
CA ILE A 43 1.92 -13.98 0.58
C ILE A 43 1.59 -15.16 1.51
N LYS A 44 0.64 -14.97 2.43
CA LYS A 44 0.29 -16.05 3.37
C LYS A 44 -0.68 -17.05 2.79
N TYR A 45 -1.75 -16.53 2.19
CA TYR A 45 -2.79 -17.40 1.66
C TYR A 45 -2.42 -17.98 0.30
N GLU A 46 -1.57 -17.29 -0.45
CA GLU A 46 -1.18 -17.77 -1.78
C GLU A 46 -0.04 -18.78 -1.69
N ALA A 47 1.12 -18.39 -2.21
CA ALA A 47 2.30 -19.25 -2.20
C ALA A 47 3.29 -18.79 -3.27
N HIS A 48 3.81 -17.57 -3.13
CA HIS A 48 4.76 -17.03 -4.09
C HIS A 48 6.17 -17.53 -3.78
N SER A 49 7.18 -16.84 -4.30
CA SER A 49 8.57 -17.22 -4.06
C SER A 49 9.21 -16.30 -3.03
N ASP A 50 10.40 -16.67 -2.57
CA ASP A 50 11.10 -15.87 -1.57
C ASP A 50 11.37 -14.47 -2.10
N LYS A 51 11.68 -14.37 -3.39
CA LYS A 51 11.95 -13.08 -4.00
C LYS A 51 10.69 -12.22 -3.97
N ALA A 52 9.57 -12.82 -4.36
CA ALA A 52 8.32 -12.09 -4.36
C ALA A 52 7.97 -11.65 -2.95
N LYS A 53 7.96 -12.62 -2.03
CA LYS A 53 7.62 -12.31 -0.64
C LYS A 53 8.45 -11.13 -0.14
N GLU A 54 9.76 -11.20 -0.34
CA GLU A 54 10.61 -10.11 0.10
C GLU A 54 10.11 -8.81 -0.47
N SER A 55 9.71 -8.83 -1.73
CA SER A 55 9.20 -7.62 -2.35
C SER A 55 7.95 -7.13 -1.63
N ILE A 56 7.05 -8.05 -1.32
CA ILE A 56 5.80 -7.69 -0.66
C ILE A 56 6.05 -7.18 0.75
N ARG A 57 6.90 -7.90 1.49
CA ARG A 57 7.21 -7.51 2.87
C ARG A 57 7.86 -6.13 2.88
N ALA A 58 8.98 -6.00 2.18
CA ALA A 58 9.69 -4.74 2.14
C ALA A 58 8.72 -3.61 1.76
N LYS A 59 8.00 -3.80 0.67
CA LYS A 59 7.06 -2.79 0.22
C LYS A 59 5.97 -2.56 1.25
N CYS A 60 5.48 -3.64 1.84
CA CYS A 60 4.41 -3.55 2.83
C CYS A 60 4.83 -2.53 3.89
N VAL A 61 6.11 -2.53 4.21
CA VAL A 61 6.62 -1.56 5.19
C VAL A 61 6.54 -0.15 4.60
N GLN A 62 6.97 0.00 3.35
CA GLN A 62 6.93 1.31 2.70
C GLN A 62 5.53 1.91 2.75
N TYR A 63 4.55 1.10 2.34
CA TYR A 63 3.16 1.55 2.35
C TYR A 63 2.70 1.86 3.76
N LEU A 64 2.95 0.93 4.68
CA LEU A 64 2.53 1.15 6.05
C LEU A 64 3.18 2.40 6.62
N ASP A 65 4.48 2.54 6.44
CA ASP A 65 5.18 3.70 6.97
C ASP A 65 4.47 4.97 6.53
N ARG A 66 4.11 5.02 5.26
CA ARG A 66 3.42 6.19 4.75
C ARG A 66 2.09 6.35 5.49
N ALA A 67 1.38 5.24 5.67
CA ALA A 67 0.10 5.29 6.36
C ALA A 67 0.27 5.78 7.80
N GLU A 68 1.38 5.39 8.42
CA GLU A 68 1.66 5.79 9.79
C GLU A 68 1.84 7.30 9.91
N LYS A 69 2.75 7.86 9.11
CA LYS A 69 2.99 9.28 9.18
C LYS A 69 1.72 10.05 8.79
N LEU A 70 0.97 9.51 7.82
CA LEU A 70 -0.26 10.17 7.37
C LEU A 70 -1.24 10.30 8.51
N LYS A 71 -1.44 9.20 9.20
CA LYS A 71 -2.32 9.16 10.34
C LYS A 71 -1.71 9.91 11.53
N ASP A 72 -0.39 10.04 11.56
CA ASP A 72 0.30 10.71 12.66
C ASP A 72 -0.01 12.19 12.73
N TYR A 73 0.25 12.90 11.63
CA TYR A 73 -0.01 14.34 11.62
C TYR A 73 -1.50 14.60 11.46
N LEU A 74 -2.20 13.69 10.79
CA LEU A 74 -3.63 13.85 10.61
C LEU A 74 -4.33 13.89 11.97
N ARG A 75 -4.00 12.95 12.83
CA ARG A 75 -4.60 12.92 14.15
C ARG A 75 -4.10 14.09 14.97
N ILE B 3 6.79 -9.63 -10.82
CA ILE B 3 6.10 -8.79 -9.84
C ILE B 3 6.62 -7.37 -9.93
N GLU B 4 5.74 -6.43 -10.24
CA GLU B 4 6.12 -5.03 -10.33
C GLU B 4 5.17 -4.18 -9.50
N LEU B 5 5.69 -3.62 -8.41
CA LEU B 5 4.86 -2.79 -7.53
C LEU B 5 5.10 -1.31 -7.80
N PRO B 6 4.21 -0.45 -7.36
CA PRO B 6 4.36 1.03 -7.54
C PRO B 6 5.16 1.67 -6.42
N GLU B 7 5.63 2.90 -6.64
CA GLU B 7 6.39 3.64 -5.65
C GLU B 7 5.54 4.74 -5.04
N VAL B 8 5.46 4.75 -3.71
CA VAL B 8 4.65 5.74 -3.02
C VAL B 8 5.09 7.16 -3.41
N PRO B 9 4.15 8.08 -3.56
CA PRO B 9 4.47 9.49 -3.93
C PRO B 9 5.14 10.24 -2.78
N SER B 10 5.97 11.22 -3.11
CA SER B 10 6.66 12.03 -2.11
C SER B 10 6.15 13.46 -2.14
N GLU B 11 5.06 13.71 -1.43
CA GLU B 11 4.47 15.04 -1.40
C GLU B 11 5.14 15.90 -0.32
N PRO B 12 4.91 17.19 -0.35
CA PRO B 12 5.51 18.13 0.66
C PRO B 12 4.57 18.37 1.84
N LEU B 13 3.56 17.54 1.95
CA LEU B 13 2.60 17.67 3.04
C LEU B 13 3.31 17.68 4.39
N PRO B 14 2.85 18.48 5.34
CA PRO B 14 3.49 18.55 6.69
C PRO B 14 4.02 17.20 7.16
N THR A 3 -9.68 -12.14 -9.90
CA THR A 3 -8.41 -11.42 -9.89
C THR A 3 -7.49 -11.98 -8.80
N SER A 4 -6.18 -11.82 -9.00
CA SER A 4 -5.21 -12.31 -8.03
C SER A 4 -5.17 -11.41 -6.81
N THR A 5 -4.83 -11.98 -5.67
CA THR A 5 -4.76 -11.22 -4.42
C THR A 5 -3.73 -10.10 -4.55
N LEU A 6 -2.57 -10.43 -5.10
CA LEU A 6 -1.52 -9.44 -5.26
C LEU A 6 -1.93 -8.36 -6.26
N GLN A 7 -2.55 -8.79 -7.36
CA GLN A 7 -2.98 -7.86 -8.38
C GLN A 7 -3.91 -6.81 -7.77
N LYS A 8 -4.86 -7.26 -6.96
CA LYS A 8 -5.77 -6.36 -6.29
C LYS A 8 -5.00 -5.46 -5.35
N ALA A 9 -4.00 -6.02 -4.66
CA ALA A 9 -3.21 -5.24 -3.73
C ALA A 9 -2.56 -4.04 -4.43
N ILE A 10 -1.94 -4.31 -5.57
CA ILE A 10 -1.29 -3.27 -6.35
C ILE A 10 -2.34 -2.25 -6.82
N ASP A 11 -3.49 -2.74 -7.23
CA ASP A 11 -4.55 -1.84 -7.69
C ASP A 11 -4.96 -0.87 -6.59
N LEU A 12 -5.11 -1.40 -5.37
CA LEU A 12 -5.52 -0.58 -4.24
C LEU A 12 -4.48 0.45 -3.88
N VAL A 13 -3.22 0.02 -3.86
CA VAL A 13 -2.12 0.93 -3.53
C VAL A 13 -1.93 1.97 -4.63
N THR A 14 -2.08 1.54 -5.89
CA THR A 14 -1.90 2.46 -7.01
C THR A 14 -2.85 3.63 -6.86
N LYS A 15 -4.13 3.33 -6.61
CA LYS A 15 -5.12 4.38 -6.43
C LYS A 15 -4.78 5.17 -5.16
N ALA A 16 -4.38 4.48 -4.12
CA ALA A 16 -4.03 5.14 -2.86
C ALA A 16 -3.03 6.25 -3.12
N THR A 17 -2.02 5.97 -3.94
CA THR A 17 -1.00 6.95 -4.24
C THR A 17 -1.58 8.14 -4.98
N GLU A 18 -2.50 7.86 -5.89
CA GLU A 18 -3.14 8.94 -6.64
C GLU A 18 -3.98 9.83 -5.72
N GLU A 19 -4.67 9.19 -4.77
CA GLU A 19 -5.51 9.92 -3.84
C GLU A 19 -4.66 10.80 -2.95
N ASP A 20 -3.52 10.26 -2.52
CA ASP A 20 -2.61 11.02 -1.67
C ASP A 20 -2.19 12.30 -2.37
N LYS A 21 -1.94 12.21 -3.67
CA LYS A 21 -1.55 13.39 -4.44
C LYS A 21 -2.70 14.40 -4.47
N ALA A 22 -3.93 13.88 -4.61
CA ALA A 22 -5.10 14.74 -4.64
C ALA A 22 -5.42 15.28 -3.25
N LYS A 23 -4.49 15.08 -2.33
CA LYS A 23 -4.67 15.55 -0.96
C LYS A 23 -5.79 14.79 -0.27
N ASN A 24 -6.02 13.56 -0.72
CA ASN A 24 -7.06 12.72 -0.13
C ASN A 24 -6.47 11.77 0.89
N TYR A 25 -5.98 12.31 1.98
CA TYR A 25 -5.39 11.49 3.03
C TYR A 25 -6.39 10.44 3.52
N GLU A 26 -7.62 10.84 3.72
CA GLU A 26 -8.64 9.92 4.20
C GLU A 26 -8.83 8.76 3.22
N GLU A 27 -9.09 9.09 1.97
CA GLU A 27 -9.30 8.06 0.96
C GLU A 27 -8.02 7.27 0.73
N ALA A 28 -6.91 7.98 0.59
CA ALA A 28 -5.62 7.32 0.38
C ALA A 28 -5.32 6.36 1.51
N LEU A 29 -5.56 6.80 2.74
CA LEU A 29 -5.30 5.95 3.90
C LEU A 29 -6.09 4.66 3.82
N ARG A 30 -7.38 4.77 3.51
CA ARG A 30 -8.22 3.59 3.44
C ARG A 30 -7.68 2.60 2.41
N LEU A 31 -7.25 3.14 1.26
CA LEU A 31 -6.70 2.30 0.21
C LEU A 31 -5.38 1.69 0.63
N TYR A 32 -4.57 2.48 1.33
CA TYR A 32 -3.27 2.00 1.78
C TYR A 32 -3.41 0.78 2.68
N GLN A 33 -4.27 0.89 3.68
CA GLN A 33 -4.49 -0.21 4.61
C GLN A 33 -5.05 -1.43 3.89
N HIS A 34 -6.00 -1.20 2.99
CA HIS A 34 -6.60 -2.29 2.24
C HIS A 34 -5.56 -3.00 1.39
N ALA A 35 -4.79 -2.21 0.65
CA ALA A 35 -3.77 -2.77 -0.23
C ALA A 35 -2.80 -3.65 0.56
N VAL A 36 -2.37 -3.16 1.72
CA VAL A 36 -1.44 -3.91 2.56
C VAL A 36 -2.05 -5.26 2.94
N GLU A 37 -3.32 -5.24 3.33
CA GLU A 37 -3.99 -6.47 3.72
C GLU A 37 -3.92 -7.51 2.59
N TYR A 38 -4.22 -7.07 1.37
CA TYR A 38 -4.17 -7.96 0.22
C TYR A 38 -2.75 -8.45 -0.01
N PHE A 39 -1.78 -7.58 0.16
CA PHE A 39 -0.39 -7.94 -0.05
C PHE A 39 0.03 -9.05 0.93
N LEU A 40 -0.26 -8.83 2.20
CA LEU A 40 0.08 -9.81 3.23
C LEU A 40 -0.67 -11.10 2.97
N HIS A 41 -1.92 -10.99 2.60
CA HIS A 41 -2.74 -12.18 2.32
C HIS A 41 -2.22 -12.92 1.10
N ALA A 42 -1.60 -12.21 0.18
CA ALA A 42 -1.11 -12.81 -1.04
C ALA A 42 0.10 -13.69 -0.78
N ILE A 43 1.05 -13.18 -0.03
CA ILE A 43 2.27 -13.95 0.28
C ILE A 43 1.97 -15.23 1.05
N LYS A 44 0.92 -15.19 1.85
CA LYS A 44 0.54 -16.36 2.64
C LYS A 44 -0.35 -17.34 1.88
N TYR A 45 -1.35 -16.79 1.18
CA TYR A 45 -2.31 -17.61 0.45
C TYR A 45 -1.81 -17.98 -0.93
N GLU A 46 -0.87 -17.18 -1.45
CA GLU A 46 -0.32 -17.45 -2.78
C GLU A 46 0.93 -18.32 -2.68
N ALA A 47 2.04 -17.77 -3.14
CA ALA A 47 3.31 -18.50 -3.11
C ALA A 47 4.48 -17.55 -3.33
N HIS A 48 4.85 -17.38 -4.58
CA HIS A 48 5.95 -16.49 -4.95
C HIS A 48 7.26 -17.02 -4.38
N SER A 49 8.36 -16.30 -4.62
CA SER A 49 9.66 -16.71 -4.12
C SER A 49 10.07 -15.85 -2.92
N ASP A 50 11.15 -16.25 -2.25
CA ASP A 50 11.63 -15.52 -1.09
C ASP A 50 11.98 -14.08 -1.48
N LYS A 51 12.48 -13.90 -2.68
CA LYS A 51 12.83 -12.57 -3.16
C LYS A 51 11.57 -11.71 -3.30
N ALA A 52 10.52 -12.31 -3.86
CA ALA A 52 9.26 -11.60 -4.04
C ALA A 52 8.66 -11.29 -2.67
N LYS A 53 8.56 -12.30 -1.83
CA LYS A 53 7.99 -12.10 -0.50
C LYS A 53 8.65 -10.91 0.18
N GLU A 54 9.98 -10.90 0.19
CA GLU A 54 10.71 -9.80 0.81
C GLU A 54 10.25 -8.48 0.22
N SER A 55 10.00 -8.46 -1.08
CA SER A 55 9.54 -7.23 -1.73
C SER A 55 8.20 -6.80 -1.13
N ILE A 56 7.31 -7.76 -0.93
CA ILE A 56 5.99 -7.45 -0.39
C ILE A 56 6.12 -6.99 1.06
N ARG A 57 6.93 -7.70 1.83
CA ARG A 57 7.13 -7.36 3.24
C ARG A 57 7.77 -5.99 3.39
N ALA A 58 8.71 -5.68 2.49
CA ALA A 58 9.40 -4.38 2.52
C ALA A 58 8.43 -3.25 2.14
N LYS A 59 7.73 -3.42 1.05
CA LYS A 59 6.77 -2.43 0.61
C LYS A 59 5.59 -2.35 1.58
N CYS A 60 5.21 -3.50 2.10
CA CYS A 60 4.09 -3.55 3.04
C CYS A 60 4.34 -2.60 4.21
N VAL A 61 5.52 -2.71 4.81
CA VAL A 61 5.86 -1.85 5.94
C VAL A 61 5.93 -0.39 5.50
N GLN A 62 6.29 -0.18 4.24
CA GLN A 62 6.36 1.19 3.70
C GLN A 62 4.96 1.79 3.58
N TYR A 63 4.05 1.02 3.00
CA TYR A 63 2.68 1.49 2.83
C TYR A 63 2.05 1.78 4.18
N LEU A 64 2.18 0.84 5.10
CA LEU A 64 1.61 1.04 6.43
C LEU A 64 2.20 2.29 7.07
N ASP A 65 3.52 2.38 7.08
CA ASP A 65 4.18 3.53 7.68
C ASP A 65 3.50 4.80 7.21
N ARG A 66 3.18 4.87 5.94
CA ARG A 66 2.49 6.04 5.41
C ARG A 66 1.08 6.15 5.99
N ALA A 67 0.37 5.02 6.00
CA ALA A 67 -0.99 5.00 6.49
C ALA A 67 -1.05 5.44 7.96
N GLU A 68 -0.11 4.97 8.75
CA GLU A 68 -0.10 5.30 10.17
C GLU A 68 0.05 6.80 10.41
N LYS A 69 1.03 7.41 9.74
CA LYS A 69 1.28 8.83 9.90
C LYS A 69 0.08 9.63 9.37
N LEU A 70 -0.52 9.12 8.29
CA LEU A 70 -1.67 9.78 7.69
C LEU A 70 -2.82 9.82 8.69
N LYS A 71 -3.07 8.69 9.30
CA LYS A 71 -4.11 8.57 10.30
C LYS A 71 -3.70 9.28 11.59
N ASP A 72 -2.39 9.48 11.76
CA ASP A 72 -1.89 10.11 12.97
C ASP A 72 -2.28 11.59 13.08
N TYR A 73 -1.87 12.36 12.08
CA TYR A 73 -2.18 13.78 12.08
C TYR A 73 -3.64 14.01 11.71
N LEU A 74 -4.18 13.10 10.91
CA LEU A 74 -5.58 13.23 10.50
C LEU A 74 -6.48 13.21 11.72
N ARG A 75 -6.26 12.21 12.59
CA ARG A 75 -7.05 12.11 13.82
C ARG A 75 -6.82 13.34 14.68
N ILE B 3 7.02 -9.92 -9.43
CA ILE B 3 6.52 -8.96 -8.45
C ILE B 3 6.97 -7.55 -8.81
N GLU B 4 6.01 -6.65 -8.94
CA GLU B 4 6.30 -5.25 -9.24
C GLU B 4 5.49 -4.32 -8.35
N LEU B 5 6.17 -3.61 -7.45
CA LEU B 5 5.50 -2.70 -6.55
C LEU B 5 5.75 -1.25 -6.94
N PRO B 6 4.89 -0.36 -6.52
CA PRO B 6 5.04 1.09 -6.81
C PRO B 6 5.72 1.81 -5.65
N GLU B 7 5.81 3.14 -5.75
CA GLU B 7 6.43 3.95 -4.70
C GLU B 7 5.41 4.90 -4.09
N VAL B 8 5.52 5.11 -2.78
CA VAL B 8 4.61 5.99 -2.09
C VAL B 8 5.02 7.46 -2.31
N PRO B 9 4.08 8.31 -2.63
CA PRO B 9 4.36 9.76 -2.86
C PRO B 9 4.63 10.50 -1.56
N SER B 10 5.84 11.03 -1.42
CA SER B 10 6.20 11.77 -0.21
C SER B 10 5.98 13.26 -0.42
N GLU B 11 4.74 13.70 -0.22
CA GLU B 11 4.41 15.11 -0.39
C GLU B 11 4.65 15.88 0.92
N PRO B 12 4.58 17.19 0.86
CA PRO B 12 4.76 18.05 2.06
C PRO B 12 3.67 17.80 3.10
N LEU B 13 3.15 16.58 3.13
CA LEU B 13 2.09 16.24 4.05
C LEU B 13 2.37 16.82 5.44
N PRO B 14 1.36 17.35 6.08
CA PRO B 14 1.51 17.97 7.44
C PRO B 14 2.09 16.98 8.45
N THR A 3 -10.97 -11.22 -8.58
CA THR A 3 -9.64 -10.61 -8.70
C THR A 3 -8.66 -11.26 -7.75
N SER A 4 -7.44 -11.48 -8.23
CA SER A 4 -6.40 -12.11 -7.40
C SER A 4 -6.07 -11.21 -6.21
N THR A 5 -5.58 -11.82 -5.15
CA THR A 5 -5.24 -11.06 -3.95
C THR A 5 -4.16 -10.03 -4.27
N LEU A 6 -3.12 -10.45 -4.99
CA LEU A 6 -2.04 -9.55 -5.34
C LEU A 6 -2.52 -8.47 -6.31
N GLN A 7 -3.28 -8.89 -7.31
CA GLN A 7 -3.77 -7.94 -8.30
C GLN A 7 -4.59 -6.85 -7.63
N LYS A 8 -5.47 -7.26 -6.72
CA LYS A 8 -6.29 -6.29 -6.02
C LYS A 8 -5.43 -5.37 -5.16
N ALA A 9 -4.46 -5.96 -4.48
CA ALA A 9 -3.57 -5.17 -3.62
C ALA A 9 -2.91 -4.07 -4.44
N ILE A 10 -2.44 -4.43 -5.63
CA ILE A 10 -1.79 -3.45 -6.51
C ILE A 10 -2.82 -2.39 -6.95
N ASP A 11 -4.00 -2.83 -7.26
CA ASP A 11 -5.01 -1.90 -7.71
C ASP A 11 -5.29 -0.85 -6.64
N LEU A 12 -5.48 -1.29 -5.40
CA LEU A 12 -5.76 -0.39 -4.28
C LEU A 12 -4.61 0.56 -4.03
N VAL A 13 -3.38 0.05 -4.07
CA VAL A 13 -2.22 0.90 -3.84
C VAL A 13 -2.05 1.91 -4.97
N THR A 14 -2.29 1.45 -6.20
CA THR A 14 -2.15 2.33 -7.35
C THR A 14 -3.04 3.55 -7.19
N LYS A 15 -4.30 3.30 -6.89
CA LYS A 15 -5.22 4.40 -6.68
C LYS A 15 -4.76 5.22 -5.49
N ALA A 16 -4.31 4.56 -4.44
CA ALA A 16 -3.87 5.27 -3.26
C ALA A 16 -2.85 6.34 -3.63
N THR A 17 -1.93 6.00 -4.50
CA THR A 17 -0.91 6.94 -4.90
C THR A 17 -1.52 8.09 -5.69
N GLU A 18 -2.51 7.78 -6.53
CA GLU A 18 -3.15 8.82 -7.31
C GLU A 18 -3.86 9.80 -6.38
N GLU A 19 -4.51 9.26 -5.36
CA GLU A 19 -5.23 10.08 -4.39
C GLU A 19 -4.26 10.95 -3.61
N ASP A 20 -3.13 10.38 -3.23
CA ASP A 20 -2.14 11.13 -2.50
C ASP A 20 -1.71 12.35 -3.31
N LYS A 21 -1.53 12.14 -4.60
CA LYS A 21 -1.14 13.24 -5.48
C LYS A 21 -2.25 14.27 -5.56
N ALA A 22 -3.49 13.80 -5.60
CA ALA A 22 -4.64 14.69 -5.67
C ALA A 22 -4.87 15.38 -4.34
N LYS A 23 -3.92 15.19 -3.43
CA LYS A 23 -4.00 15.78 -2.09
C LYS A 23 -5.12 15.13 -1.28
N ASN A 24 -5.44 13.89 -1.62
CA ASN A 24 -6.50 13.16 -0.91
C ASN A 24 -5.87 12.24 0.13
N TYR A 25 -5.31 12.82 1.18
CA TYR A 25 -4.67 12.06 2.23
C TYR A 25 -5.66 11.07 2.85
N GLU A 26 -6.89 11.51 3.09
CA GLU A 26 -7.90 10.64 3.68
C GLU A 26 -8.18 9.43 2.80
N GLU A 27 -8.49 9.66 1.53
CA GLU A 27 -8.79 8.57 0.62
C GLU A 27 -7.55 7.71 0.41
N ALA A 28 -6.41 8.36 0.18
CA ALA A 28 -5.17 7.66 -0.04
C ALA A 28 -4.85 6.74 1.13
N LEU A 29 -5.03 7.25 2.35
CA LEU A 29 -4.74 6.47 3.55
C LEU A 29 -5.60 5.22 3.62
N ARG A 30 -6.87 5.37 3.34
CA ARG A 30 -7.75 4.22 3.38
C ARG A 30 -7.29 3.16 2.39
N LEU A 31 -6.92 3.60 1.19
CA LEU A 31 -6.46 2.69 0.16
C LEU A 31 -5.13 2.04 0.55
N TYR A 32 -4.24 2.83 1.16
CA TYR A 32 -2.94 2.32 1.57
C TYR A 32 -3.09 1.16 2.56
N GLN A 33 -3.92 1.36 3.57
CA GLN A 33 -4.15 0.33 4.57
C GLN A 33 -4.81 -0.89 3.95
N HIS A 34 -5.77 -0.66 3.08
CA HIS A 34 -6.47 -1.76 2.42
C HIS A 34 -5.51 -2.56 1.54
N ALA A 35 -4.80 -1.86 0.68
CA ALA A 35 -3.86 -2.51 -0.21
C ALA A 35 -2.88 -3.38 0.57
N VAL A 36 -2.34 -2.82 1.65
CA VAL A 36 -1.40 -3.56 2.47
C VAL A 36 -2.05 -4.84 2.99
N GLU A 37 -3.28 -4.74 3.45
CA GLU A 37 -3.98 -5.90 3.96
C GLU A 37 -3.98 -7.02 2.93
N TYR A 38 -4.37 -6.69 1.70
CA TYR A 38 -4.40 -7.69 0.65
C TYR A 38 -3.01 -8.25 0.36
N PHE A 39 -2.02 -7.39 0.43
CA PHE A 39 -0.65 -7.81 0.17
C PHE A 39 -0.23 -8.90 1.16
N LEU A 40 -0.46 -8.63 2.44
CA LEU A 40 -0.12 -9.56 3.50
C LEU A 40 -0.90 -10.85 3.34
N HIS A 41 -2.16 -10.71 2.95
CA HIS A 41 -3.02 -11.88 2.75
C HIS A 41 -2.53 -12.68 1.55
N ALA A 42 -1.93 -12.02 0.59
CA ALA A 42 -1.45 -12.69 -0.60
C ALA A 42 -0.23 -13.57 -0.30
N ILE A 43 0.73 -13.03 0.42
CA ILE A 43 1.91 -13.82 0.75
C ILE A 43 1.61 -14.96 1.74
N LYS A 44 0.66 -14.74 2.64
CA LYS A 44 0.32 -15.78 3.63
C LYS A 44 -0.61 -16.83 3.09
N TYR A 45 -1.67 -16.38 2.44
CA TYR A 45 -2.67 -17.30 1.93
C TYR A 45 -2.24 -17.95 0.63
N GLU A 46 -1.39 -17.27 -0.15
CA GLU A 46 -0.96 -17.84 -1.43
C GLU A 46 0.28 -18.72 -1.25
N ALA A 47 1.41 -18.24 -1.77
CA ALA A 47 2.68 -18.95 -1.69
C ALA A 47 3.61 -18.50 -2.81
N HIS A 48 4.13 -17.28 -2.69
CA HIS A 48 5.04 -16.75 -3.71
C HIS A 48 6.48 -17.19 -3.41
N SER A 49 7.45 -16.51 -4.03
CA SER A 49 8.87 -16.84 -3.84
C SER A 49 9.48 -15.92 -2.79
N ASP A 50 10.59 -16.34 -2.21
CA ASP A 50 11.27 -15.55 -1.19
C ASP A 50 11.51 -14.13 -1.69
N LYS A 51 11.83 -14.01 -2.97
CA LYS A 51 12.09 -12.70 -3.55
C LYS A 51 10.81 -11.88 -3.56
N ALA A 52 9.72 -12.50 -3.97
CA ALA A 52 8.45 -11.81 -4.01
C ALA A 52 8.04 -11.39 -2.60
N LYS A 53 8.01 -12.36 -1.67
CA LYS A 53 7.62 -12.06 -0.30
C LYS A 53 8.40 -10.88 0.23
N GLU A 54 9.72 -10.92 0.13
CA GLU A 54 10.52 -9.83 0.60
C GLU A 54 10.05 -8.54 -0.04
N SER A 55 9.72 -8.63 -1.32
CA SER A 55 9.25 -7.46 -2.01
C SER A 55 7.96 -6.93 -1.37
N ILE A 56 7.05 -7.86 -1.05
CA ILE A 56 5.77 -7.47 -0.45
C ILE A 56 5.98 -6.92 0.96
N ARG A 57 6.83 -7.60 1.73
CA ARG A 57 7.08 -7.18 3.11
C ARG A 57 7.69 -5.78 3.13
N ALA A 58 8.83 -5.63 2.46
CA ALA A 58 9.50 -4.34 2.42
C ALA A 58 8.55 -3.25 1.96
N LYS A 59 7.87 -3.52 0.85
CA LYS A 59 6.93 -2.55 0.30
C LYS A 59 5.78 -2.30 1.27
N CYS A 60 5.28 -3.37 1.86
CA CYS A 60 4.18 -3.25 2.81
C CYS A 60 4.54 -2.22 3.86
N VAL A 61 5.80 -2.22 4.28
CA VAL A 61 6.26 -1.25 5.26
C VAL A 61 6.18 0.16 4.68
N GLN A 62 6.71 0.32 3.47
CA GLN A 62 6.70 1.62 2.82
C GLN A 62 5.27 2.18 2.75
N TYR A 63 4.34 1.34 2.29
CA TYR A 63 2.96 1.77 2.18
C TYR A 63 2.39 2.13 3.55
N LEU A 64 2.57 1.24 4.52
CA LEU A 64 2.06 1.51 5.85
C LEU A 64 2.68 2.78 6.41
N ASP A 65 4.00 2.92 6.30
CA ASP A 65 4.66 4.09 6.83
C ASP A 65 3.99 5.35 6.30
N ARG A 66 3.71 5.36 5.01
CA ARG A 66 3.06 6.51 4.42
C ARG A 66 1.70 6.71 5.08
N ALA A 67 0.96 5.63 5.25
CA ALA A 67 -0.36 5.72 5.84
C ALA A 67 -0.27 6.25 7.27
N GLU A 68 0.79 5.86 7.99
CA GLU A 68 0.99 6.29 9.37
C GLU A 68 1.22 7.78 9.47
N LYS A 69 2.19 8.30 8.72
CA LYS A 69 2.47 9.73 8.77
C LYS A 69 1.25 10.52 8.32
N LEU A 70 0.51 9.97 7.35
CA LEU A 70 -0.68 10.64 6.83
C LEU A 70 -1.68 10.82 7.95
N LYS A 71 -1.90 9.77 8.69
CA LYS A 71 -2.81 9.77 9.83
C LYS A 71 -2.23 10.59 10.98
N ASP A 72 -0.92 10.72 11.01
CA ASP A 72 -0.27 11.45 12.08
C ASP A 72 -0.60 12.93 12.07
N TYR A 73 -0.33 13.59 10.95
CA TYR A 73 -0.61 15.01 10.86
C TYR A 73 -2.10 15.25 10.66
N LEU A 74 -2.76 14.31 9.97
CA LEU A 74 -4.20 14.44 9.73
C LEU A 74 -4.95 14.50 11.06
N ARG A 75 -4.63 13.55 11.94
CA ARG A 75 -5.28 13.52 13.24
C ARG A 75 -4.87 14.74 14.06
N ILE B 3 7.22 -10.35 -9.65
CA ILE B 3 6.27 -9.41 -9.06
C ILE B 3 6.72 -7.99 -9.32
N GLU B 4 5.79 -7.18 -9.83
CA GLU B 4 6.06 -5.78 -10.12
C GLU B 4 5.12 -4.91 -9.31
N LEU B 5 5.68 -3.98 -8.53
CA LEU B 5 4.88 -3.10 -7.68
C LEU B 5 5.17 -1.63 -7.99
N PRO B 6 4.32 -0.73 -7.57
CA PRO B 6 4.53 0.73 -7.79
C PRO B 6 5.31 1.37 -6.65
N GLU B 7 5.71 2.63 -6.84
CA GLU B 7 6.46 3.36 -5.81
C GLU B 7 5.59 4.48 -5.24
N VAL B 8 5.58 4.57 -3.91
CA VAL B 8 4.77 5.59 -3.25
C VAL B 8 5.24 7.01 -3.64
N PRO B 9 4.32 7.92 -3.82
CA PRO B 9 4.67 9.33 -4.18
C PRO B 9 5.27 10.08 -2.99
N SER B 10 6.08 11.10 -3.27
CA SER B 10 6.70 11.91 -2.22
C SER B 10 6.19 13.33 -2.28
N GLU B 11 5.06 13.59 -1.64
CA GLU B 11 4.48 14.93 -1.63
C GLU B 11 5.09 15.79 -0.51
N PRO B 12 4.94 17.10 -0.59
CA PRO B 12 5.49 18.02 0.47
C PRO B 12 4.44 18.33 1.54
N LEU B 13 3.91 17.28 2.16
CA LEU B 13 2.88 17.45 3.19
C LEU B 13 3.52 17.81 4.53
N PRO B 14 2.71 18.13 5.51
CA PRO B 14 3.23 18.51 6.87
C PRO B 14 4.13 17.41 7.43
N THR A 3 -7.88 -11.73 -11.60
CA THR A 3 -6.87 -10.88 -10.98
C THR A 3 -6.27 -11.56 -9.74
N SER A 4 -4.99 -11.91 -9.83
CA SER A 4 -4.32 -12.57 -8.72
C SER A 4 -4.42 -11.71 -7.47
N THR A 5 -4.18 -12.32 -6.32
CA THR A 5 -4.26 -11.61 -5.05
C THR A 5 -3.25 -10.46 -5.05
N LEU A 6 -2.03 -10.76 -5.46
CA LEU A 6 -0.98 -9.76 -5.49
C LEU A 6 -1.28 -8.69 -6.53
N GLN A 7 -1.75 -9.14 -7.70
CA GLN A 7 -2.07 -8.22 -8.77
C GLN A 7 -3.09 -7.21 -8.29
N LYS A 8 -4.09 -7.70 -7.59
CA LYS A 8 -5.13 -6.85 -7.06
C LYS A 8 -4.52 -5.89 -6.04
N ALA A 9 -3.58 -6.41 -5.24
CA ALA A 9 -2.95 -5.57 -4.22
C ALA A 9 -2.25 -4.39 -4.89
N ILE A 10 -1.58 -4.65 -5.99
CA ILE A 10 -0.88 -3.60 -6.73
C ILE A 10 -1.88 -2.59 -7.29
N ASP A 11 -2.99 -3.09 -7.81
CA ASP A 11 -3.97 -2.20 -8.39
C ASP A 11 -4.52 -1.23 -7.32
N LEU A 12 -4.82 -1.76 -6.14
CA LEU A 12 -5.35 -0.96 -5.06
C LEU A 12 -4.35 0.08 -4.57
N VAL A 13 -3.10 -0.31 -4.43
CA VAL A 13 -2.06 0.61 -3.98
C VAL A 13 -1.80 1.69 -5.04
N THR A 14 -1.84 1.28 -6.30
CA THR A 14 -1.61 2.21 -7.39
C THR A 14 -2.63 3.35 -7.32
N LYS A 15 -3.89 2.97 -7.16
CA LYS A 15 -4.94 3.97 -7.04
C LYS A 15 -4.71 4.79 -5.77
N ALA A 16 -4.36 4.12 -4.69
CA ALA A 16 -4.14 4.82 -3.43
C ALA A 16 -3.16 5.97 -3.62
N THR A 17 -2.11 5.73 -4.37
CA THR A 17 -1.10 6.76 -4.60
C THR A 17 -1.69 7.90 -5.42
N GLU A 18 -2.54 7.56 -6.38
CA GLU A 18 -3.16 8.61 -7.20
C GLU A 18 -4.08 9.47 -6.34
N GLU A 19 -4.83 8.83 -5.45
CA GLU A 19 -5.74 9.55 -4.57
C GLU A 19 -4.96 10.42 -3.59
N ASP A 20 -3.86 9.88 -3.07
CA ASP A 20 -3.04 10.63 -2.13
C ASP A 20 -2.59 11.93 -2.78
N LYS A 21 -2.19 11.85 -4.05
CA LYS A 21 -1.76 13.03 -4.76
C LYS A 21 -2.91 14.00 -4.93
N ALA A 22 -4.10 13.45 -5.21
CA ALA A 22 -5.28 14.27 -5.39
C ALA A 22 -5.76 14.84 -4.06
N LYS A 23 -4.93 14.67 -3.03
CA LYS A 23 -5.25 15.16 -1.69
C LYS A 23 -6.42 14.38 -1.11
N ASN A 24 -6.65 13.18 -1.63
CA ASN A 24 -7.73 12.34 -1.15
C ASN A 24 -7.22 11.36 -0.08
N TYR A 25 -6.83 11.89 1.06
CA TYR A 25 -6.30 11.05 2.14
C TYR A 25 -7.33 9.99 2.54
N GLU A 26 -8.60 10.38 2.59
CA GLU A 26 -9.63 9.42 2.97
C GLU A 26 -9.70 8.26 1.99
N GLU A 27 -9.80 8.57 0.70
CA GLU A 27 -9.87 7.52 -0.31
C GLU A 27 -8.55 6.75 -0.36
N ALA A 28 -7.45 7.51 -0.37
CA ALA A 28 -6.13 6.91 -0.42
C ALA A 28 -5.94 5.95 0.74
N LEU A 29 -6.34 6.37 1.94
CA LEU A 29 -6.19 5.52 3.12
C LEU A 29 -6.94 4.23 2.94
N ARG A 30 -8.18 4.32 2.49
CA ARG A 30 -8.96 3.11 2.30
C ARG A 30 -8.27 2.15 1.36
N LEU A 31 -7.73 2.69 0.27
CA LEU A 31 -7.03 1.88 -0.71
C LEU A 31 -5.75 1.30 -0.13
N TYR A 32 -5.03 2.10 0.66
CA TYR A 32 -3.78 1.65 1.26
C TYR A 32 -4.01 0.42 2.14
N GLN A 33 -5.00 0.52 3.03
CA GLN A 33 -5.29 -0.59 3.93
C GLN A 33 -5.73 -1.82 3.16
N HIS A 34 -6.58 -1.61 2.17
CA HIS A 34 -7.08 -2.72 1.36
C HIS A 34 -5.92 -3.39 0.61
N ALA A 35 -5.13 -2.59 -0.08
CA ALA A 35 -4.00 -3.10 -0.84
C ALA A 35 -3.11 -3.96 0.04
N VAL A 36 -2.80 -3.46 1.22
CA VAL A 36 -1.95 -4.20 2.15
C VAL A 36 -2.57 -5.56 2.45
N GLU A 37 -3.88 -5.56 2.69
CA GLU A 37 -4.57 -6.80 2.99
C GLU A 37 -4.31 -7.84 1.90
N TYR A 38 -4.49 -7.43 0.65
CA TYR A 38 -4.29 -8.34 -0.47
C TYR A 38 -2.83 -8.80 -0.54
N PHE A 39 -1.91 -7.88 -0.27
CA PHE A 39 -0.48 -8.21 -0.30
C PHE A 39 -0.17 -9.30 0.72
N LEU A 40 -0.62 -9.09 1.95
CA LEU A 40 -0.38 -10.04 3.02
C LEU A 40 -1.06 -11.37 2.70
N HIS A 41 -2.28 -11.29 2.19
CA HIS A 41 -3.02 -12.50 1.83
C HIS A 41 -2.33 -13.24 0.68
N ALA A 42 -1.63 -12.51 -0.17
CA ALA A 42 -0.95 -13.10 -1.30
C ALA A 42 0.24 -13.94 -0.87
N ILE A 43 1.07 -13.39 -0.01
CA ILE A 43 2.25 -14.13 0.46
C ILE A 43 1.86 -15.40 1.23
N LYS A 44 0.72 -15.38 1.93
CA LYS A 44 0.30 -16.57 2.71
C LYS A 44 -0.44 -17.60 1.86
N TYR A 45 -1.35 -17.12 1.02
CA TYR A 45 -2.16 -18.03 0.21
C TYR A 45 -1.44 -18.39 -1.09
N GLU A 46 -0.44 -17.61 -1.48
CA GLU A 46 0.28 -17.91 -2.71
C GLU A 46 1.44 -18.87 -2.46
N ALA A 47 2.65 -18.44 -2.76
CA ALA A 47 3.84 -19.28 -2.57
C ALA A 47 5.01 -18.68 -3.35
N HIS A 48 5.04 -17.36 -3.45
CA HIS A 48 6.11 -16.68 -4.16
C HIS A 48 7.47 -17.10 -3.61
N SER A 49 8.51 -16.31 -3.91
CA SER A 49 9.87 -16.62 -3.45
C SER A 49 10.24 -15.74 -2.25
N ASP A 50 11.24 -16.19 -1.48
CA ASP A 50 11.68 -15.44 -0.31
C ASP A 50 11.92 -13.98 -0.66
N LYS A 51 12.47 -13.75 -1.85
CA LYS A 51 12.73 -12.39 -2.32
C LYS A 51 11.41 -11.64 -2.47
N ALA A 52 10.42 -12.33 -2.98
CA ALA A 52 9.13 -11.69 -3.15
C ALA A 52 8.54 -11.33 -1.80
N LYS A 53 8.40 -12.33 -0.93
CA LYS A 53 7.82 -12.12 0.40
C LYS A 53 8.44 -10.93 1.09
N GLU A 54 9.75 -10.95 1.24
CA GLU A 54 10.43 -9.87 1.92
C GLU A 54 10.04 -8.53 1.32
N SER A 55 9.95 -8.49 -0.01
CA SER A 55 9.57 -7.27 -0.68
C SER A 55 8.16 -6.87 -0.26
N ILE A 56 7.27 -7.85 -0.18
CA ILE A 56 5.88 -7.57 0.18
C ILE A 56 5.80 -7.08 1.63
N ARG A 57 6.52 -7.75 2.52
CA ARG A 57 6.50 -7.38 3.94
C ARG A 57 6.98 -5.95 4.11
N ALA A 58 8.20 -5.68 3.68
CA ALA A 58 8.76 -4.34 3.81
C ALA A 58 7.81 -3.30 3.26
N LYS A 59 7.35 -3.52 2.03
CA LYS A 59 6.44 -2.58 1.39
C LYS A 59 5.13 -2.50 2.17
N CYS A 60 4.65 -3.63 2.62
CA CYS A 60 3.40 -3.67 3.38
C CYS A 60 3.49 -2.68 4.53
N VAL A 61 4.66 -2.62 5.17
CA VAL A 61 4.85 -1.69 6.27
C VAL A 61 4.78 -0.26 5.76
N GLN A 62 5.51 0.02 4.68
CA GLN A 62 5.53 1.38 4.13
C GLN A 62 4.11 1.85 3.85
N TYR A 63 3.32 1.00 3.20
CA TYR A 63 1.95 1.35 2.89
C TYR A 63 1.15 1.58 4.17
N LEU A 64 1.25 0.64 5.10
CA LEU A 64 0.51 0.78 6.34
C LEU A 64 0.93 2.05 7.06
N ASP A 65 2.22 2.27 7.22
CA ASP A 65 2.70 3.45 7.90
C ASP A 65 2.03 4.69 7.34
N ARG A 66 1.95 4.76 6.02
CA ARG A 66 1.31 5.91 5.40
C ARG A 66 -0.16 5.95 5.82
N ALA A 67 -0.81 4.80 5.81
CA ALA A 67 -2.22 4.73 6.19
C ALA A 67 -2.39 5.18 7.64
N GLU A 68 -1.42 4.87 8.48
CA GLU A 68 -1.48 5.23 9.89
C GLU A 68 -1.46 6.74 10.07
N LYS A 69 -0.45 7.40 9.52
CA LYS A 69 -0.36 8.85 9.66
C LYS A 69 -1.56 9.53 9.00
N LEU A 70 -2.02 8.97 7.88
CA LEU A 70 -3.15 9.55 7.16
C LEU A 70 -4.37 9.56 8.05
N LYS A 71 -4.64 8.42 8.64
CA LYS A 71 -5.76 8.28 9.56
C LYS A 71 -5.50 9.01 10.88
N ASP A 72 -4.23 9.25 11.18
CA ASP A 72 -3.85 9.92 12.42
C ASP A 72 -4.28 11.38 12.46
N TYR A 73 -3.84 12.16 11.48
CA TYR A 73 -4.20 13.57 11.45
C TYR A 73 -5.62 13.72 10.95
N LEU A 74 -6.07 12.79 10.11
CA LEU A 74 -7.44 12.87 9.62
C LEU A 74 -8.40 12.76 10.79
N ARG A 75 -8.18 11.77 11.66
CA ARG A 75 -9.04 11.60 12.81
C ARG A 75 -8.95 12.81 13.73
N ILE B 3 8.90 -8.84 -9.84
CA ILE B 3 8.05 -8.16 -8.86
C ILE B 3 8.47 -6.72 -8.72
N GLU B 4 7.73 -5.83 -9.38
CA GLU B 4 8.03 -4.40 -9.32
C GLU B 4 6.87 -3.66 -8.67
N LEU B 5 7.06 -3.25 -7.42
CA LEU B 5 6.02 -2.54 -6.68
C LEU B 5 6.22 -1.02 -6.78
N PRO B 6 5.19 -0.26 -6.54
CA PRO B 6 5.28 1.23 -6.58
C PRO B 6 5.69 1.82 -5.23
N GLU B 7 6.15 3.07 -5.25
CA GLU B 7 6.57 3.76 -4.03
C GLU B 7 5.55 4.82 -3.64
N VAL B 8 5.20 4.87 -2.37
CA VAL B 8 4.22 5.83 -1.89
C VAL B 8 4.66 7.26 -2.19
N PRO B 9 3.75 8.12 -2.61
CA PRO B 9 4.10 9.55 -2.90
C PRO B 9 4.35 10.36 -1.64
N SER B 10 5.15 11.41 -1.77
CA SER B 10 5.47 12.27 -0.62
C SER B 10 4.70 13.58 -0.74
N GLU B 11 3.46 13.59 -0.27
CA GLU B 11 2.63 14.78 -0.33
C GLU B 11 2.89 15.69 0.87
N PRO B 12 2.43 16.91 0.83
CA PRO B 12 2.61 17.89 1.96
C PRO B 12 1.49 17.77 2.99
N LEU B 13 1.20 16.53 3.39
CA LEU B 13 0.13 16.28 4.35
C LEU B 13 0.20 17.29 5.51
N PRO B 14 -0.90 17.55 6.18
CA PRO B 14 -0.91 18.53 7.31
C PRO B 14 0.14 18.20 8.38
N THR A 3 -11.07 -11.53 -7.90
CA THR A 3 -9.80 -10.86 -8.13
C THR A 3 -8.73 -11.34 -7.16
N SER A 4 -7.50 -11.46 -7.64
CA SER A 4 -6.41 -11.93 -6.79
C SER A 4 -6.22 -10.99 -5.59
N THR A 5 -5.80 -11.55 -4.47
CA THR A 5 -5.60 -10.77 -3.26
C THR A 5 -4.53 -9.70 -3.49
N LEU A 6 -3.43 -10.10 -4.10
CA LEU A 6 -2.33 -9.17 -4.36
C LEU A 6 -2.77 -8.09 -5.34
N GLN A 7 -3.50 -8.50 -6.37
CA GLN A 7 -3.99 -7.55 -7.37
C GLN A 7 -4.83 -6.48 -6.69
N LYS A 8 -5.68 -6.90 -5.75
CA LYS A 8 -6.52 -5.97 -5.02
C LYS A 8 -5.64 -5.04 -4.20
N ALA A 9 -4.59 -5.59 -3.58
CA ALA A 9 -3.70 -4.79 -2.76
C ALA A 9 -3.06 -3.67 -3.60
N ILE A 10 -2.67 -4.02 -4.82
CA ILE A 10 -2.06 -3.05 -5.72
C ILE A 10 -3.09 -1.98 -6.11
N ASP A 11 -4.30 -2.41 -6.41
CA ASP A 11 -5.34 -1.47 -6.81
C ASP A 11 -5.57 -0.44 -5.71
N LEU A 12 -5.71 -0.92 -4.47
CA LEU A 12 -5.96 -0.03 -3.35
C LEU A 12 -4.80 0.92 -3.12
N VAL A 13 -3.58 0.39 -3.19
CA VAL A 13 -2.39 1.21 -2.99
C VAL A 13 -2.25 2.25 -4.10
N THR A 14 -2.54 1.83 -5.33
CA THR A 14 -2.44 2.74 -6.47
C THR A 14 -3.33 3.96 -6.23
N LYS A 15 -4.58 3.70 -5.88
CA LYS A 15 -5.50 4.78 -5.61
C LYS A 15 -4.98 5.63 -4.45
N ALA A 16 -4.45 4.97 -3.43
CA ALA A 16 -3.91 5.68 -2.28
C ALA A 16 -2.91 6.74 -2.72
N THR A 17 -2.03 6.37 -3.65
CA THR A 17 -1.02 7.30 -4.13
C THR A 17 -1.66 8.48 -4.83
N GLU A 18 -2.67 8.21 -5.64
CA GLU A 18 -3.35 9.28 -6.36
C GLU A 18 -4.02 10.25 -5.37
N GLU A 19 -4.60 9.70 -4.31
CA GLU A 19 -5.27 10.51 -3.32
C GLU A 19 -4.25 11.39 -2.60
N ASP A 20 -3.08 10.80 -2.32
CA ASP A 20 -2.02 11.54 -1.65
C ASP A 20 -1.62 12.76 -2.50
N LYS A 21 -1.60 12.57 -3.82
CA LYS A 21 -1.26 13.65 -4.73
C LYS A 21 -2.33 14.75 -4.66
N ALA A 22 -3.59 14.32 -4.59
CA ALA A 22 -4.70 15.26 -4.53
C ALA A 22 -4.80 15.87 -3.13
N LYS A 23 -3.79 15.61 -2.30
CA LYS A 23 -3.76 16.14 -0.95
C LYS A 23 -4.86 15.50 -0.10
N ASN A 24 -5.23 14.27 -0.43
CA ASN A 24 -6.26 13.56 0.31
C ASN A 24 -5.61 12.59 1.31
N TYR A 25 -4.98 13.14 2.34
CA TYR A 25 -4.33 12.31 3.34
C TYR A 25 -5.31 11.35 3.97
N GLU A 26 -6.52 11.82 4.24
CA GLU A 26 -7.53 10.98 4.86
C GLU A 26 -7.87 9.79 3.96
N GLU A 27 -8.23 10.07 2.72
CA GLU A 27 -8.57 9.01 1.78
C GLU A 27 -7.34 8.13 1.50
N ALA A 28 -6.20 8.77 1.25
CA ALA A 28 -4.98 8.05 0.97
C ALA A 28 -4.64 7.12 2.14
N LEU A 29 -4.77 7.62 3.35
CA LEU A 29 -4.45 6.82 4.53
C LEU A 29 -5.30 5.57 4.58
N ARG A 30 -6.60 5.73 4.34
CA ARG A 30 -7.51 4.59 4.39
C ARG A 30 -7.10 3.54 3.35
N LEU A 31 -6.74 4.00 2.16
CA LEU A 31 -6.34 3.10 1.09
C LEU A 31 -5.02 2.43 1.43
N TYR A 32 -4.11 3.19 2.01
CA TYR A 32 -2.80 2.66 2.37
C TYR A 32 -2.94 1.48 3.34
N GLN A 33 -3.72 1.68 4.39
CA GLN A 33 -3.92 0.63 5.38
C GLN A 33 -4.60 -0.58 4.75
N HIS A 34 -5.57 -0.32 3.89
CA HIS A 34 -6.28 -1.41 3.22
C HIS A 34 -5.34 -2.19 2.30
N ALA A 35 -4.61 -1.46 1.46
CA ALA A 35 -3.68 -2.10 0.53
C ALA A 35 -2.76 -3.05 1.29
N VAL A 36 -2.17 -2.56 2.37
CA VAL A 36 -1.25 -3.37 3.16
C VAL A 36 -1.92 -4.64 3.64
N GLU A 37 -3.16 -4.50 4.11
CA GLU A 37 -3.90 -5.65 4.60
C GLU A 37 -3.97 -6.76 3.56
N TYR A 38 -4.36 -6.39 2.34
CA TYR A 38 -4.44 -7.37 1.26
C TYR A 38 -3.07 -7.94 0.93
N PHE A 39 -2.06 -7.09 0.97
CA PHE A 39 -0.69 -7.53 0.68
C PHE A 39 -0.25 -8.63 1.65
N LEU A 40 -0.45 -8.37 2.94
CA LEU A 40 -0.07 -9.33 3.97
C LEU A 40 -0.89 -10.62 3.81
N HIS A 41 -2.15 -10.45 3.41
CA HIS A 41 -3.02 -11.61 3.22
C HIS A 41 -2.61 -12.40 2.00
N ALA A 42 -1.98 -11.74 1.04
CA ALA A 42 -1.54 -12.40 -0.18
C ALA A 42 -0.38 -13.34 0.09
N ILE A 43 0.62 -12.84 0.80
CA ILE A 43 1.80 -13.66 1.11
C ILE A 43 1.45 -14.80 2.07
N LYS A 44 0.49 -14.55 2.96
CA LYS A 44 0.09 -15.56 3.92
C LYS A 44 -0.86 -16.59 3.34
N TYR A 45 -1.92 -16.10 2.72
CA TYR A 45 -2.94 -16.98 2.15
C TYR A 45 -2.58 -17.45 0.76
N GLU A 46 -1.59 -16.80 0.16
CA GLU A 46 -1.14 -17.17 -1.19
C GLU A 46 0.34 -17.50 -1.17
N ALA A 47 0.80 -18.15 -2.22
CA ALA A 47 2.21 -18.56 -2.32
C ALA A 47 2.94 -17.71 -3.34
N HIS A 48 4.25 -17.52 -3.12
CA HIS A 48 5.06 -16.73 -4.04
C HIS A 48 6.54 -17.03 -3.84
N SER A 49 7.39 -16.33 -4.58
CA SER A 49 8.84 -16.52 -4.48
C SER A 49 9.39 -15.80 -3.25
N ASP A 50 10.68 -15.99 -2.99
CA ASP A 50 11.32 -15.33 -1.85
C ASP A 50 11.39 -13.83 -2.09
N LYS A 51 12.00 -13.44 -3.21
CA LYS A 51 12.10 -12.03 -3.55
C LYS A 51 10.72 -11.41 -3.60
N ALA A 52 9.72 -12.23 -3.90
CA ALA A 52 8.35 -11.74 -3.97
C ALA A 52 7.87 -11.37 -2.56
N LYS A 53 7.96 -12.32 -1.63
CA LYS A 53 7.54 -12.07 -0.26
C LYS A 53 8.29 -10.87 0.31
N GLU A 54 9.60 -10.88 0.14
CA GLU A 54 10.42 -9.77 0.63
C GLU A 54 9.94 -8.45 0.06
N SER A 55 9.50 -8.48 -1.20
CA SER A 55 9.01 -7.27 -1.84
C SER A 55 7.75 -6.78 -1.14
N ILE A 56 6.86 -7.71 -0.80
CA ILE A 56 5.61 -7.33 -0.15
C ILE A 56 5.88 -6.81 1.26
N ARG A 57 6.71 -7.54 1.99
CA ARG A 57 7.04 -7.14 3.36
C ARG A 57 7.68 -5.75 3.37
N ALA A 58 8.80 -5.62 2.67
CA ALA A 58 9.51 -4.35 2.61
C ALA A 58 8.56 -3.22 2.20
N LYS A 59 7.83 -3.44 1.11
CA LYS A 59 6.89 -2.45 0.62
C LYS A 59 5.80 -2.19 1.65
N CYS A 60 5.29 -3.25 2.25
CA CYS A 60 4.24 -3.13 3.24
C CYS A 60 4.66 -2.13 4.33
N VAL A 61 5.94 -2.20 4.71
CA VAL A 61 6.46 -1.28 5.71
C VAL A 61 6.40 0.14 5.18
N GLN A 62 6.87 0.34 3.94
CA GLN A 62 6.88 1.66 3.34
C GLN A 62 5.46 2.26 3.33
N TYR A 63 4.50 1.44 2.91
CA TYR A 63 3.11 1.89 2.87
C TYR A 63 2.61 2.23 4.27
N LEU A 64 2.80 1.30 5.19
CA LEU A 64 2.34 1.53 6.56
C LEU A 64 2.99 2.75 7.15
N ASP A 65 4.32 2.85 7.03
CA ASP A 65 5.04 3.99 7.57
C ASP A 65 4.39 5.28 7.10
N ARG A 66 4.09 5.37 5.80
CA ARG A 66 3.45 6.55 5.26
C ARG A 66 2.11 6.78 5.94
N ALA A 67 1.34 5.70 6.08
CA ALA A 67 0.03 5.79 6.72
C ALA A 67 0.17 6.28 8.16
N GLU A 68 1.21 5.80 8.85
CA GLU A 68 1.44 6.19 10.22
C GLU A 68 1.64 7.69 10.35
N LYS A 69 2.60 8.22 9.59
CA LYS A 69 2.88 9.65 9.63
C LYS A 69 1.67 10.45 9.19
N LEU A 70 0.94 9.92 8.20
CA LEU A 70 -0.23 10.59 7.68
C LEU A 70 -1.25 10.78 8.79
N LYS A 71 -1.52 9.72 9.51
CA LYS A 71 -2.46 9.76 10.62
C LYS A 71 -1.85 10.50 11.81
N ASP A 72 -0.53 10.55 11.85
CA ASP A 72 0.17 11.19 12.96
C ASP A 72 -0.09 12.70 13.02
N TYR A 73 0.22 13.38 11.92
CA TYR A 73 0.03 14.83 11.87
C TYR A 73 -1.43 15.17 11.63
N LEU A 74 -2.14 14.26 10.96
CA LEU A 74 -3.55 14.49 10.68
C LEU A 74 -4.32 14.63 11.99
N ARG A 75 -4.09 13.68 12.90
CA ARG A 75 -4.75 13.73 14.20
C ARG A 75 -4.20 14.89 15.02
N ILE B 3 6.25 -9.40 -10.59
CA ILE B 3 5.76 -8.60 -9.48
C ILE B 3 6.25 -7.17 -9.60
N GLU B 4 5.32 -6.25 -9.81
CA GLU B 4 5.67 -4.83 -9.93
C GLU B 4 4.78 -3.98 -9.05
N LEU B 5 5.38 -3.36 -8.02
CA LEU B 5 4.62 -2.53 -7.10
C LEU B 5 4.93 -1.05 -7.31
N PRO B 6 4.08 -0.18 -6.84
CA PRO B 6 4.28 1.29 -6.98
C PRO B 6 5.02 1.88 -5.77
N GLU B 7 5.63 3.04 -5.98
CA GLU B 7 6.35 3.72 -4.89
C GLU B 7 5.55 4.91 -4.39
N VAL B 8 5.38 4.97 -3.08
CA VAL B 8 4.62 6.05 -2.47
C VAL B 8 5.12 7.41 -2.95
N PRO B 9 4.23 8.30 -3.28
CA PRO B 9 4.60 9.67 -3.77
C PRO B 9 5.14 10.56 -2.66
N SER B 10 5.95 11.54 -3.04
CA SER B 10 6.52 12.48 -2.08
C SER B 10 5.91 13.87 -2.27
N GLU B 11 4.76 14.10 -1.66
CA GLU B 11 4.08 15.37 -1.76
C GLU B 11 4.59 16.34 -0.70
N PRO B 12 4.26 17.60 -0.82
CA PRO B 12 4.67 18.64 0.18
C PRO B 12 4.02 18.40 1.53
N LEU B 13 3.92 17.13 1.91
CA LEU B 13 3.30 16.76 3.17
C LEU B 13 3.77 17.70 4.28
N PRO B 14 2.88 18.08 5.16
CA PRO B 14 3.22 19.02 6.28
C PRO B 14 4.43 18.57 7.07
N THR A 3 -10.05 -11.91 -9.58
CA THR A 3 -8.83 -11.13 -9.42
C THR A 3 -7.91 -11.74 -8.38
N SER A 4 -6.64 -11.90 -8.74
CA SER A 4 -5.66 -12.47 -7.83
C SER A 4 -5.45 -11.56 -6.63
N THR A 5 -5.00 -12.14 -5.53
CA THR A 5 -4.76 -11.37 -4.33
C THR A 5 -3.72 -10.30 -4.58
N LEU A 6 -2.65 -10.67 -5.30
CA LEU A 6 -1.58 -9.73 -5.59
C LEU A 6 -2.08 -8.62 -6.50
N GLN A 7 -2.85 -8.99 -7.51
CA GLN A 7 -3.36 -8.00 -8.45
C GLN A 7 -4.23 -6.99 -7.73
N LYS A 8 -5.11 -7.49 -6.87
CA LYS A 8 -6.01 -6.62 -6.14
C LYS A 8 -5.22 -5.70 -5.22
N ALA A 9 -4.23 -6.28 -4.54
CA ALA A 9 -3.41 -5.50 -3.61
C ALA A 9 -2.79 -4.31 -4.34
N ILE A 10 -2.28 -4.58 -5.54
CA ILE A 10 -1.65 -3.54 -6.35
C ILE A 10 -2.68 -2.47 -6.72
N ASP A 11 -3.87 -2.91 -7.07
CA ASP A 11 -4.91 -1.99 -7.46
C ASP A 11 -5.26 -1.03 -6.32
N LEU A 12 -5.43 -1.59 -5.12
CA LEU A 12 -5.80 -0.78 -3.95
C LEU A 12 -4.73 0.25 -3.62
N VAL A 13 -3.48 -0.18 -3.63
CA VAL A 13 -2.39 0.75 -3.32
C VAL A 13 -2.21 1.78 -4.43
N THR A 14 -2.44 1.35 -5.68
CA THR A 14 -2.33 2.26 -6.81
C THR A 14 -3.27 3.44 -6.61
N LYS A 15 -4.52 3.14 -6.31
CA LYS A 15 -5.47 4.18 -6.08
C LYS A 15 -5.04 5.00 -4.87
N ALA A 16 -4.57 4.33 -3.84
CA ALA A 16 -4.15 5.03 -2.64
C ALA A 16 -3.15 6.13 -2.97
N THR A 17 -2.22 5.82 -3.86
CA THR A 17 -1.22 6.80 -4.23
C THR A 17 -1.86 7.97 -4.97
N GLU A 18 -2.85 7.67 -5.81
CA GLU A 18 -3.54 8.73 -6.53
C GLU A 18 -4.27 9.63 -5.55
N GLU A 19 -4.91 9.01 -4.56
CA GLU A 19 -5.65 9.76 -3.56
C GLU A 19 -4.72 10.61 -2.72
N ASP A 20 -3.58 10.05 -2.36
CA ASP A 20 -2.61 10.78 -1.58
C ASP A 20 -2.20 12.05 -2.32
N LYS A 21 -2.01 11.92 -3.62
CA LYS A 21 -1.64 13.08 -4.43
C LYS A 21 -2.77 14.08 -4.47
N ALA A 22 -4.00 13.57 -4.55
CA ALA A 22 -5.17 14.43 -4.59
C ALA A 22 -5.44 15.05 -3.23
N LYS A 23 -4.46 14.94 -2.34
CA LYS A 23 -4.57 15.49 -0.99
C LYS A 23 -5.67 14.77 -0.22
N ASN A 24 -5.88 13.49 -0.55
CA ASN A 24 -6.90 12.70 0.13
C ASN A 24 -6.23 11.74 1.12
N TYR A 25 -5.68 12.30 2.18
CA TYR A 25 -5.01 11.49 3.18
C TYR A 25 -5.96 10.44 3.74
N GLU A 26 -7.18 10.84 4.06
CA GLU A 26 -8.15 9.90 4.62
C GLU A 26 -8.44 8.75 3.67
N GLU A 27 -8.82 9.07 2.44
CA GLU A 27 -9.12 8.03 1.47
C GLU A 27 -7.89 7.19 1.18
N ALA A 28 -6.77 7.87 0.98
CA ALA A 28 -5.52 7.18 0.69
C ALA A 28 -5.19 6.20 1.81
N LEU A 29 -5.38 6.64 3.06
CA LEU A 29 -5.09 5.79 4.21
C LEU A 29 -5.90 4.51 4.17
N ARG A 30 -7.19 4.64 3.91
CA ARG A 30 -8.04 3.46 3.86
C ARG A 30 -7.52 2.50 2.79
N LEU A 31 -7.18 3.04 1.63
CA LEU A 31 -6.70 2.21 0.54
C LEU A 31 -5.35 1.56 0.89
N TYR A 32 -4.48 2.33 1.55
CA TYR A 32 -3.17 1.82 1.94
C TYR A 32 -3.30 0.60 2.85
N GLN A 33 -4.13 0.72 3.87
CA GLN A 33 -4.32 -0.37 4.81
C GLN A 33 -4.92 -1.59 4.12
N HIS A 34 -5.91 -1.35 3.28
CA HIS A 34 -6.56 -2.44 2.56
C HIS A 34 -5.56 -3.18 1.68
N ALA A 35 -4.81 -2.41 0.89
CA ALA A 35 -3.83 -3.00 0.01
C ALA A 35 -2.86 -3.88 0.78
N VAL A 36 -2.38 -3.38 1.92
CA VAL A 36 -1.44 -4.13 2.72
C VAL A 36 -2.04 -5.47 3.11
N GLU A 37 -3.30 -5.45 3.53
CA GLU A 37 -3.96 -6.69 3.92
C GLU A 37 -3.88 -7.72 2.79
N TYR A 38 -4.24 -7.29 1.59
CA TYR A 38 -4.20 -8.20 0.44
C TYR A 38 -2.78 -8.68 0.16
N PHE A 39 -1.82 -7.77 0.29
CA PHE A 39 -0.44 -8.13 0.05
C PHE A 39 0.04 -9.22 1.01
N LEU A 40 -0.22 -9.00 2.29
CA LEU A 40 0.17 -9.96 3.31
C LEU A 40 -0.58 -11.27 3.09
N HIS A 41 -1.85 -11.16 2.75
CA HIS A 41 -2.63 -12.34 2.51
C HIS A 41 -2.08 -13.13 1.33
N ALA A 42 -1.60 -12.43 0.32
CA ALA A 42 -1.06 -13.10 -0.85
C ALA A 42 0.19 -13.91 -0.56
N ILE A 43 1.12 -13.35 0.16
CA ILE A 43 2.32 -14.08 0.49
C ILE A 43 2.01 -15.30 1.38
N LYS A 44 1.01 -15.18 2.27
CA LYS A 44 0.65 -16.31 3.14
C LYS A 44 -0.30 -17.29 2.48
N TYR A 45 -1.35 -16.75 1.85
CA TYR A 45 -2.36 -17.61 1.23
C TYR A 45 -2.05 -17.90 -0.23
N GLU A 46 -1.17 -17.09 -0.84
CA GLU A 46 -0.80 -17.29 -2.25
C GLU A 46 0.70 -17.58 -2.33
N ALA A 47 1.04 -18.63 -3.05
CA ALA A 47 2.43 -19.05 -3.21
C ALA A 47 3.15 -18.11 -4.15
N HIS A 48 4.42 -17.85 -3.86
CA HIS A 48 5.22 -16.97 -4.71
C HIS A 48 6.71 -17.29 -4.55
N SER A 49 7.56 -16.42 -5.09
CA SER A 49 9.02 -16.61 -5.02
C SER A 49 9.61 -15.84 -3.83
N ASP A 50 10.61 -16.42 -3.18
CA ASP A 50 11.23 -15.77 -2.04
C ASP A 50 11.50 -14.30 -2.34
N LYS A 51 11.91 -14.02 -3.57
CA LYS A 51 12.19 -12.66 -3.98
C LYS A 51 10.91 -11.83 -3.91
N ALA A 52 9.79 -12.44 -4.30
CA ALA A 52 8.52 -11.74 -4.26
C ALA A 52 8.18 -11.36 -2.82
N LYS A 53 8.17 -12.36 -1.94
CA LYS A 53 7.83 -12.09 -0.53
C LYS A 53 8.64 -10.91 -0.03
N GLU A 54 9.94 -10.97 -0.18
CA GLU A 54 10.76 -9.87 0.29
C GLU A 54 10.24 -8.56 -0.27
N SER A 55 9.87 -8.58 -1.54
CA SER A 55 9.35 -7.38 -2.16
C SER A 55 8.06 -6.94 -1.48
N ILE A 56 7.17 -7.89 -1.20
CA ILE A 56 5.90 -7.58 -0.58
C ILE A 56 6.09 -7.08 0.84
N ARG A 57 6.95 -7.78 1.58
CA ARG A 57 7.21 -7.42 2.97
C ARG A 57 7.81 -6.03 3.07
N ALA A 58 8.72 -5.70 2.14
CA ALA A 58 9.35 -4.39 2.13
C ALA A 58 8.33 -3.30 1.79
N LYS A 59 7.58 -3.51 0.73
CA LYS A 59 6.59 -2.53 0.34
C LYS A 59 5.47 -2.46 1.39
N CYS A 60 5.14 -3.61 1.95
CA CYS A 60 4.10 -3.68 2.96
C CYS A 60 4.41 -2.72 4.11
N VAL A 61 5.63 -2.81 4.64
CA VAL A 61 6.02 -1.93 5.73
C VAL A 61 6.04 -0.48 5.28
N GLN A 62 6.32 -0.25 4.00
CA GLN A 62 6.32 1.12 3.47
C GLN A 62 4.91 1.69 3.42
N TYR A 63 3.97 0.89 2.92
CA TYR A 63 2.59 1.33 2.82
C TYR A 63 2.02 1.61 4.21
N LEU A 64 2.22 0.69 5.13
CA LEU A 64 1.70 0.89 6.46
C LEU A 64 2.33 2.13 7.08
N ASP A 65 3.64 2.25 7.02
CA ASP A 65 4.29 3.41 7.61
C ASP A 65 3.63 4.68 7.12
N ARG A 66 3.37 4.75 5.83
CA ARG A 66 2.72 5.92 5.28
C ARG A 66 1.35 6.09 5.91
N ALA A 67 0.60 5.01 5.99
CA ALA A 67 -0.73 5.07 6.56
C ALA A 67 -0.69 5.52 8.03
N GLU A 68 0.39 5.15 8.71
CA GLU A 68 0.56 5.52 10.12
C GLU A 68 0.77 7.01 10.29
N LYS A 69 1.77 7.56 9.60
CA LYS A 69 2.03 8.97 9.73
C LYS A 69 0.81 9.78 9.27
N LEU A 70 0.12 9.27 8.25
CA LEU A 70 -1.06 9.94 7.72
C LEU A 70 -2.11 10.09 8.81
N LYS A 71 -2.34 9.01 9.50
CA LYS A 71 -3.29 8.97 10.59
C LYS A 71 -2.77 9.73 11.80
N ASP A 72 -1.45 9.88 11.89
CA ASP A 72 -0.84 10.57 13.02
C ASP A 72 -1.14 12.05 13.04
N TYR A 73 -0.80 12.73 11.96
CA TYR A 73 -1.05 14.17 11.91
C TYR A 73 -2.52 14.43 11.66
N LEU A 74 -3.18 13.52 10.95
CA LEU A 74 -4.61 13.68 10.68
C LEU A 74 -5.37 13.77 11.98
N ARG A 75 -5.10 12.85 12.89
CA ARG A 75 -5.76 12.86 14.17
C ARG A 75 -5.34 14.08 14.97
N ILE B 3 7.32 -9.17 -10.78
CA ILE B 3 6.56 -8.39 -9.81
C ILE B 3 7.02 -6.95 -9.81
N GLU B 4 6.14 -6.06 -10.26
CA GLU B 4 6.46 -4.63 -10.30
C GLU B 4 5.47 -3.86 -9.45
N LEU B 5 5.91 -3.45 -8.26
CA LEU B 5 5.04 -2.71 -7.35
C LEU B 5 5.23 -1.21 -7.50
N PRO B 6 4.29 -0.42 -7.02
CA PRO B 6 4.39 1.07 -7.11
C PRO B 6 5.15 1.67 -5.91
N GLU B 7 5.60 2.90 -6.07
CA GLU B 7 6.33 3.59 -5.00
C GLU B 7 5.45 4.68 -4.40
N VAL B 8 5.28 4.62 -3.09
CA VAL B 8 4.44 5.58 -2.39
C VAL B 8 4.89 7.02 -2.70
N PRO B 9 3.96 7.92 -2.95
CA PRO B 9 4.29 9.35 -3.24
C PRO B 9 4.74 10.09 -1.97
N SER B 10 5.52 11.16 -2.14
CA SER B 10 5.99 11.94 -1.01
C SER B 10 5.73 13.42 -1.27
N GLU B 11 4.53 13.87 -0.96
CA GLU B 11 4.17 15.28 -1.17
C GLU B 11 4.60 16.13 0.04
N PRO B 12 4.49 17.44 -0.06
CA PRO B 12 4.84 18.35 1.07
C PRO B 12 3.82 18.26 2.20
N LEU B 13 3.43 17.04 2.53
CA LEU B 13 2.44 16.83 3.59
C LEU B 13 3.14 16.51 4.91
N PRO B 14 2.56 16.90 6.03
CA PRO B 14 3.16 16.65 7.38
C PRO B 14 3.93 15.33 7.43
N THR A 3 -7.51 -12.30 -11.22
CA THR A 3 -6.32 -11.50 -10.91
C THR A 3 -5.61 -12.06 -9.68
N SER A 4 -4.30 -12.23 -9.79
CA SER A 4 -3.51 -12.75 -8.68
C SER A 4 -3.69 -11.86 -7.45
N THR A 5 -3.49 -12.45 -6.28
CA THR A 5 -3.67 -11.71 -5.04
C THR A 5 -2.70 -10.53 -4.98
N LEU A 6 -1.44 -10.80 -5.28
CA LEU A 6 -0.44 -9.75 -5.25
C LEU A 6 -0.70 -8.73 -6.34
N GLN A 7 -1.05 -9.21 -7.52
CA GLN A 7 -1.33 -8.33 -8.64
C GLN A 7 -2.41 -7.34 -8.25
N LYS A 8 -3.45 -7.85 -7.63
CA LYS A 8 -4.54 -7.01 -7.21
C LYS A 8 -4.05 -6.01 -6.18
N ALA A 9 -3.17 -6.47 -5.29
CA ALA A 9 -2.67 -5.60 -4.26
C ALA A 9 -1.96 -4.40 -4.88
N ILE A 10 -1.17 -4.67 -5.91
CA ILE A 10 -0.45 -3.62 -6.62
C ILE A 10 -1.44 -2.68 -7.32
N ASP A 11 -2.45 -3.25 -7.92
CA ASP A 11 -3.40 -2.44 -8.64
C ASP A 11 -4.07 -1.45 -7.69
N LEU A 12 -4.50 -1.94 -6.53
CA LEU A 12 -5.16 -1.10 -5.56
C LEU A 12 -4.22 -0.02 -5.03
N VAL A 13 -2.98 -0.40 -4.74
CA VAL A 13 -2.02 0.56 -4.21
C VAL A 13 -1.68 1.61 -5.26
N THR A 14 -1.55 1.16 -6.51
CA THR A 14 -1.23 2.08 -7.59
C THR A 14 -2.29 3.16 -7.69
N LYS A 15 -3.55 2.75 -7.66
CA LYS A 15 -4.62 3.71 -7.75
C LYS A 15 -4.55 4.62 -6.53
N ALA A 16 -4.23 4.05 -5.38
CA ALA A 16 -4.15 4.85 -4.17
C ALA A 16 -3.23 6.04 -4.36
N THR A 17 -2.09 5.79 -4.97
CA THR A 17 -1.13 6.84 -5.16
C THR A 17 -1.69 7.93 -6.07
N GLU A 18 -2.43 7.52 -7.09
CA GLU A 18 -3.03 8.51 -7.98
C GLU A 18 -4.06 9.35 -7.23
N GLU A 19 -4.83 8.70 -6.36
CA GLU A 19 -5.84 9.39 -5.59
C GLU A 19 -5.21 10.32 -4.58
N ASP A 20 -4.17 9.83 -3.91
CA ASP A 20 -3.48 10.64 -2.92
C ASP A 20 -3.02 11.95 -3.56
N LYS A 21 -2.49 11.85 -4.78
CA LYS A 21 -2.05 13.04 -5.48
C LYS A 21 -3.24 13.95 -5.78
N ALA A 22 -4.35 13.32 -6.16
CA ALA A 22 -5.56 14.07 -6.49
C ALA A 22 -6.20 14.62 -5.22
N LYS A 23 -5.47 14.56 -4.12
CA LYS A 23 -5.94 15.04 -2.83
C LYS A 23 -7.14 14.23 -2.35
N ASN A 24 -7.21 12.98 -2.78
CA ASN A 24 -8.30 12.10 -2.40
C ASN A 24 -7.86 11.19 -1.24
N TYR A 25 -7.62 11.79 -0.09
CA TYR A 25 -7.19 11.03 1.08
C TYR A 25 -8.17 9.92 1.39
N GLU A 26 -9.46 10.21 1.29
CA GLU A 26 -10.48 9.20 1.58
C GLU A 26 -10.37 8.01 0.65
N GLU A 27 -10.36 8.28 -0.66
CA GLU A 27 -10.28 7.19 -1.63
C GLU A 27 -8.93 6.49 -1.51
N ALA A 28 -7.86 7.31 -1.44
CA ALA A 28 -6.52 6.77 -1.33
C ALA A 28 -6.42 5.86 -0.11
N LEU A 29 -6.98 6.29 1.02
CA LEU A 29 -6.93 5.50 2.23
C LEU A 29 -7.56 4.15 2.02
N ARG A 30 -8.74 4.14 1.41
CA ARG A 30 -9.41 2.88 1.18
C ARG A 30 -8.52 1.92 0.38
N LEU A 31 -7.93 2.42 -0.70
CA LEU A 31 -7.05 1.62 -1.52
C LEU A 31 -5.81 1.17 -0.74
N TYR A 32 -5.27 2.05 0.08
CA TYR A 32 -4.08 1.70 0.84
C TYR A 32 -4.36 0.49 1.74
N GLN A 33 -5.44 0.57 2.51
CA GLN A 33 -5.78 -0.50 3.42
C GLN A 33 -6.08 -1.79 2.64
N HIS A 34 -6.81 -1.64 1.55
CA HIS A 34 -7.15 -2.80 0.74
C HIS A 34 -5.88 -3.42 0.15
N ALA A 35 -5.06 -2.59 -0.47
CA ALA A 35 -3.81 -3.08 -1.07
C ALA A 35 -3.04 -3.91 -0.06
N VAL A 36 -2.85 -3.36 1.14
CA VAL A 36 -2.11 -4.06 2.17
C VAL A 36 -2.74 -5.42 2.46
N GLU A 37 -4.05 -5.44 2.57
CA GLU A 37 -4.76 -6.68 2.85
C GLU A 37 -4.39 -7.76 1.83
N TYR A 38 -4.47 -7.39 0.55
CA TYR A 38 -4.15 -8.34 -0.51
C TYR A 38 -2.67 -8.75 -0.44
N PHE A 39 -1.81 -7.80 -0.12
CA PHE A 39 -0.38 -8.09 -0.04
C PHE A 39 -0.11 -9.13 1.05
N LEU A 40 -0.71 -8.93 2.22
CA LEU A 40 -0.53 -9.85 3.33
C LEU A 40 -1.12 -11.21 2.96
N HIS A 41 -2.26 -11.19 2.28
CA HIS A 41 -2.89 -12.42 1.86
C HIS A 41 -2.05 -13.10 0.78
N ALA A 42 -1.23 -12.34 0.08
CA ALA A 42 -0.41 -12.92 -0.96
C ALA A 42 0.76 -13.72 -0.37
N ILE A 43 1.44 -13.13 0.59
CA ILE A 43 2.55 -13.82 1.21
C ILE A 43 2.08 -15.03 2.02
N LYS A 44 0.87 -14.95 2.58
CA LYS A 44 0.33 -16.07 3.37
C LYS A 44 -0.25 -17.16 2.51
N TYR A 45 -1.07 -16.74 1.55
CA TYR A 45 -1.74 -17.72 0.68
C TYR A 45 -0.97 -17.95 -0.61
N GLU A 46 -0.03 -17.04 -0.93
CA GLU A 46 0.78 -17.18 -2.17
C GLU A 46 2.26 -17.18 -1.83
N ALA A 47 2.60 -17.79 -0.70
CA ALA A 47 4.00 -17.89 -0.23
C ALA A 47 4.96 -17.70 -1.40
N HIS A 48 5.93 -16.81 -1.21
CA HIS A 48 6.90 -16.49 -2.25
C HIS A 48 8.33 -16.77 -1.75
N SER A 49 9.28 -15.93 -2.16
CA SER A 49 10.66 -16.06 -1.73
C SER A 49 10.92 -15.17 -0.52
N ASP A 50 11.84 -15.58 0.33
CA ASP A 50 12.16 -14.80 1.53
C ASP A 50 12.37 -13.32 1.16
N LYS A 51 13.05 -13.10 0.04
CA LYS A 51 13.30 -11.74 -0.42
C LYS A 51 12.00 -11.06 -0.74
N ALA A 52 11.09 -11.78 -1.37
CA ALA A 52 9.80 -11.22 -1.72
C ALA A 52 9.04 -10.83 -0.47
N LYS A 53 8.87 -11.80 0.44
CA LYS A 53 8.14 -11.50 1.67
C LYS A 53 8.67 -10.24 2.31
N GLU A 54 9.98 -10.17 2.50
CA GLU A 54 10.54 -8.99 3.11
C GLU A 54 10.09 -7.75 2.36
N SER A 55 10.07 -7.82 1.05
CA SER A 55 9.64 -6.69 0.26
C SER A 55 8.18 -6.33 0.56
N ILE A 56 7.33 -7.36 0.63
CA ILE A 56 5.91 -7.12 0.88
C ILE A 56 5.70 -6.57 2.29
N ARG A 57 6.38 -7.18 3.26
CA ARG A 57 6.23 -6.74 4.64
C ARG A 57 6.65 -5.27 4.77
N ALA A 58 7.89 -4.98 4.40
CA ALA A 58 8.39 -3.62 4.51
C ALA A 58 7.42 -2.64 3.86
N LYS A 59 7.07 -2.91 2.61
CA LYS A 59 6.15 -2.05 1.88
C LYS A 59 4.79 -2.01 2.56
N CYS A 60 4.33 -3.16 3.02
CA CYS A 60 3.04 -3.22 3.68
C CYS A 60 2.98 -2.18 4.79
N VAL A 61 4.08 -2.03 5.52
CA VAL A 61 4.12 -1.04 6.59
C VAL A 61 4.02 0.37 6.01
N GLN A 62 4.83 0.64 5.00
CA GLN A 62 4.83 1.98 4.39
C GLN A 62 3.42 2.37 3.98
N TYR A 63 2.72 1.45 3.32
CA TYR A 63 1.35 1.72 2.89
C TYR A 63 0.45 1.95 4.09
N LEU A 64 0.53 1.07 5.07
CA LEU A 64 -0.30 1.22 6.24
C LEU A 64 -0.01 2.54 6.93
N ASP A 65 1.26 2.84 7.17
CA ASP A 65 1.62 4.08 7.85
C ASP A 65 0.94 5.24 7.17
N ARG A 66 0.98 5.27 5.85
CA ARG A 66 0.34 6.34 5.12
C ARG A 66 -1.16 6.34 5.41
N ALA A 67 -1.75 5.16 5.40
CA ALA A 67 -3.18 5.04 5.65
C ALA A 67 -3.52 5.56 7.05
N GLU A 68 -2.63 5.31 7.99
CA GLU A 68 -2.84 5.74 9.37
C GLU A 68 -2.87 7.25 9.49
N LYS A 69 -1.82 7.91 9.01
CA LYS A 69 -1.77 9.35 9.09
C LYS A 69 -2.93 9.97 8.32
N LEU A 70 -3.29 9.35 7.19
CA LEU A 70 -4.37 9.86 6.37
C LEU A 70 -5.67 9.87 7.14
N LYS A 71 -5.94 8.76 7.77
CA LYS A 71 -7.12 8.60 8.59
C LYS A 71 -7.01 9.40 9.89
N ASP A 72 -5.78 9.71 10.29
CA ASP A 72 -5.54 10.43 11.54
C ASP A 72 -6.01 11.89 11.48
N TYR A 73 -5.51 12.61 10.49
CA TYR A 73 -5.92 14.01 10.36
C TYR A 73 -7.29 14.08 9.73
N LEU A 74 -7.64 13.08 8.93
CA LEU A 74 -8.95 13.10 8.30
C LEU A 74 -10.03 13.08 9.38
N ARG A 75 -9.89 12.16 10.33
CA ARG A 75 -10.87 12.06 11.39
C ARG A 75 -10.78 13.28 12.30
N ILE B 3 8.56 -9.85 -7.79
CA ILE B 3 7.85 -8.88 -6.95
C ILE B 3 8.32 -7.47 -7.26
N GLU B 4 7.37 -6.62 -7.61
CA GLU B 4 7.66 -5.23 -7.91
C GLU B 4 6.66 -4.32 -7.21
N LEU B 5 7.14 -3.53 -6.26
CA LEU B 5 6.25 -2.64 -5.51
C LEU B 5 6.48 -1.16 -5.90
N PRO B 6 5.47 -0.34 -5.75
CA PRO B 6 5.61 1.12 -6.06
C PRO B 6 6.01 1.92 -4.84
N GLU B 7 6.18 3.23 -5.02
CA GLU B 7 6.56 4.11 -3.92
C GLU B 7 5.43 5.08 -3.62
N VAL B 8 5.08 5.18 -2.34
CA VAL B 8 3.99 6.06 -1.92
C VAL B 8 4.35 7.52 -2.18
N PRO B 9 3.41 8.30 -2.69
CA PRO B 9 3.67 9.76 -2.96
C PRO B 9 3.72 10.58 -1.66
N SER B 10 4.50 11.66 -1.69
CA SER B 10 4.63 12.55 -0.53
C SER B 10 4.08 13.92 -0.85
N GLU B 11 2.77 14.06 -0.70
CA GLU B 11 2.11 15.33 -0.96
C GLU B 11 2.10 16.21 0.29
N PRO B 12 1.72 17.46 0.16
CA PRO B 12 1.65 18.40 1.32
C PRO B 12 0.30 18.31 2.01
N LEU B 13 0.15 17.34 2.91
CA LEU B 13 -1.11 17.17 3.61
C LEU B 13 -1.30 18.28 4.65
N PRO B 14 -2.51 18.79 4.79
CA PRO B 14 -2.81 19.88 5.76
C PRO B 14 -1.93 19.82 7.01
N THR A 3 -10.86 -11.46 -9.12
CA THR A 3 -9.55 -10.84 -9.19
C THR A 3 -8.61 -11.43 -8.14
N SER A 4 -7.31 -11.38 -8.42
CA SER A 4 -6.32 -11.92 -7.50
C SER A 4 -6.16 -11.00 -6.29
N THR A 5 -5.78 -11.58 -5.16
CA THR A 5 -5.60 -10.81 -3.94
C THR A 5 -4.51 -9.79 -4.12
N LEU A 6 -3.42 -10.20 -4.76
CA LEU A 6 -2.30 -9.30 -4.97
C LEU A 6 -2.72 -8.13 -5.87
N GLN A 7 -3.43 -8.44 -6.93
CA GLN A 7 -3.89 -7.41 -7.85
C GLN A 7 -4.66 -6.35 -7.07
N LYS A 8 -5.56 -6.80 -6.23
CA LYS A 8 -6.33 -5.87 -5.43
C LYS A 8 -5.37 -5.04 -4.57
N ALA A 9 -4.34 -5.68 -4.03
CA ALA A 9 -3.40 -4.97 -3.20
C ALA A 9 -2.77 -3.80 -3.98
N ILE A 10 -2.28 -4.10 -5.18
CA ILE A 10 -1.69 -3.09 -6.03
C ILE A 10 -2.75 -2.06 -6.43
N ASP A 11 -3.93 -2.53 -6.78
CA ASP A 11 -4.97 -1.62 -7.20
C ASP A 11 -5.29 -0.62 -6.09
N LEU A 12 -5.47 -1.14 -4.88
CA LEU A 12 -5.79 -0.31 -3.73
C LEU A 12 -4.66 0.66 -3.42
N VAL A 13 -3.43 0.17 -3.46
CA VAL A 13 -2.28 1.02 -3.16
C VAL A 13 -2.17 2.15 -4.20
N THR A 14 -2.46 1.80 -5.45
CA THR A 14 -2.39 2.79 -6.51
C THR A 14 -3.35 3.93 -6.19
N LYS A 15 -4.56 3.57 -5.77
CA LYS A 15 -5.53 4.58 -5.41
C LYS A 15 -4.99 5.40 -4.26
N ALA A 16 -4.38 4.75 -3.29
CA ALA A 16 -3.84 5.46 -2.15
C ALA A 16 -2.95 6.60 -2.60
N THR A 17 -2.08 6.31 -3.54
CA THR A 17 -1.16 7.31 -4.03
C THR A 17 -1.90 8.47 -4.67
N GLU A 18 -2.94 8.15 -5.44
CA GLU A 18 -3.71 9.19 -6.11
C GLU A 18 -4.38 10.09 -5.06
N GLU A 19 -4.92 9.46 -4.01
CA GLU A 19 -5.60 10.20 -2.96
C GLU A 19 -4.62 11.06 -2.19
N ASP A 20 -3.45 10.50 -1.91
CA ASP A 20 -2.43 11.23 -1.18
C ASP A 20 -2.06 12.50 -1.93
N LYS A 21 -1.95 12.38 -3.25
CA LYS A 21 -1.62 13.53 -4.08
C LYS A 21 -2.75 14.55 -4.02
N ALA A 22 -3.98 14.05 -4.04
CA ALA A 22 -5.15 14.92 -3.99
C ALA A 22 -5.32 15.50 -2.60
N LYS A 23 -4.35 15.23 -1.74
CA LYS A 23 -4.38 15.72 -0.36
C LYS A 23 -5.47 15.02 0.45
N ASN A 24 -5.80 13.79 0.04
CA ASN A 24 -6.81 13.00 0.73
C ASN A 24 -6.15 12.04 1.72
N TYR A 25 -5.57 12.57 2.77
CA TYR A 25 -4.90 11.74 3.77
C TYR A 25 -5.87 10.71 4.33
N GLU A 26 -7.11 11.10 4.58
CA GLU A 26 -8.09 10.17 5.13
C GLU A 26 -8.33 9.01 4.16
N GLU A 27 -8.65 9.34 2.92
CA GLU A 27 -8.90 8.29 1.94
C GLU A 27 -7.63 7.52 1.67
N ALA A 28 -6.55 8.24 1.40
CA ALA A 28 -5.27 7.62 1.12
C ALA A 28 -4.94 6.61 2.20
N LEU A 29 -5.16 6.98 3.45
CA LEU A 29 -4.89 6.09 4.57
C LEU A 29 -5.70 4.82 4.44
N ARG A 30 -6.97 4.96 4.08
CA ARG A 30 -7.81 3.79 3.93
C ARG A 30 -7.22 2.83 2.91
N LEU A 31 -6.81 3.35 1.76
CA LEU A 31 -6.24 2.53 0.73
C LEU A 31 -4.91 1.91 1.17
N TYR A 32 -4.09 2.68 1.87
CA TYR A 32 -2.81 2.16 2.30
C TYR A 32 -2.99 0.94 3.19
N GLN A 33 -3.84 1.08 4.20
CA GLN A 33 -4.09 -0.01 5.13
C GLN A 33 -4.71 -1.21 4.39
N HIS A 34 -5.64 -0.91 3.49
CA HIS A 34 -6.29 -1.96 2.73
C HIS A 34 -5.29 -2.68 1.83
N ALA A 35 -4.55 -1.91 1.05
CA ALA A 35 -3.57 -2.48 0.14
C ALA A 35 -2.64 -3.44 0.90
N VAL A 36 -2.10 -2.96 2.01
CA VAL A 36 -1.18 -3.78 2.79
C VAL A 36 -1.85 -5.08 3.22
N GLU A 37 -3.09 -4.99 3.66
CA GLU A 37 -3.81 -6.17 4.09
C GLU A 37 -3.82 -7.23 2.98
N TYR A 38 -4.18 -6.81 1.78
CA TYR A 38 -4.23 -7.75 0.65
C TYR A 38 -2.83 -8.30 0.33
N PHE A 39 -1.83 -7.44 0.44
CA PHE A 39 -0.46 -7.85 0.16
C PHE A 39 -0.01 -8.97 1.11
N LEU A 40 -0.24 -8.77 2.39
CA LEU A 40 0.14 -9.74 3.40
C LEU A 40 -0.63 -11.03 3.19
N HIS A 41 -1.90 -10.88 2.81
CA HIS A 41 -2.72 -12.06 2.56
C HIS A 41 -2.20 -12.82 1.34
N ALA A 42 -1.70 -12.11 0.35
CA ALA A 42 -1.20 -12.76 -0.84
C ALA A 42 0.02 -13.63 -0.54
N ILE A 43 0.96 -13.09 0.20
CA ILE A 43 2.14 -13.88 0.52
C ILE A 43 1.79 -15.08 1.40
N LYS A 44 0.80 -14.93 2.28
CA LYS A 44 0.40 -16.03 3.16
C LYS A 44 -0.54 -17.00 2.48
N TYR A 45 -1.56 -16.44 1.82
CA TYR A 45 -2.56 -17.28 1.17
C TYR A 45 -2.19 -17.59 -0.28
N GLU A 46 -1.24 -16.81 -0.85
CA GLU A 46 -0.80 -17.03 -2.23
C GLU A 46 0.70 -17.29 -2.24
N ALA A 47 1.11 -18.27 -3.03
CA ALA A 47 2.53 -18.64 -3.11
C ALA A 47 3.23 -17.78 -4.13
N HIS A 48 4.49 -17.45 -3.85
CA HIS A 48 5.28 -16.63 -4.75
C HIS A 48 6.77 -16.80 -4.47
N SER A 49 7.60 -16.51 -5.47
CA SER A 49 9.04 -16.66 -5.31
C SER A 49 9.54 -15.80 -4.15
N ASP A 50 10.68 -16.20 -3.60
CA ASP A 50 11.26 -15.47 -2.47
C ASP A 50 11.50 -14.02 -2.84
N LYS A 51 11.77 -13.77 -4.12
CA LYS A 51 12.01 -12.42 -4.62
C LYS A 51 10.71 -11.61 -4.55
N ALA A 52 9.62 -12.25 -4.92
CA ALA A 52 8.32 -11.58 -4.89
C ALA A 52 7.92 -11.34 -3.44
N LYS A 53 8.09 -12.34 -2.58
CA LYS A 53 7.70 -12.21 -1.18
C LYS A 53 8.42 -11.06 -0.50
N GLU A 54 9.75 -11.08 -0.57
CA GLU A 54 10.54 -10.05 0.05
C GLU A 54 10.10 -8.69 -0.44
N SER A 55 9.74 -8.63 -1.73
CA SER A 55 9.29 -7.38 -2.29
C SER A 55 8.04 -6.90 -1.58
N ILE A 56 7.13 -7.84 -1.29
CA ILE A 56 5.87 -7.47 -0.63
C ILE A 56 6.13 -6.95 0.78
N ARG A 57 6.95 -7.67 1.52
CA ARG A 57 7.25 -7.29 2.89
C ARG A 57 7.81 -5.86 2.93
N ALA A 58 8.90 -5.65 2.20
CA ALA A 58 9.52 -4.33 2.18
C ALA A 58 8.49 -3.25 1.84
N LYS A 59 7.78 -3.45 0.73
CA LYS A 59 6.78 -2.48 0.30
C LYS A 59 5.71 -2.29 1.36
N CYS A 60 5.28 -3.41 1.94
CA CYS A 60 4.24 -3.37 2.96
C CYS A 60 4.65 -2.40 4.06
N VAL A 61 5.92 -2.42 4.42
CA VAL A 61 6.41 -1.52 5.45
C VAL A 61 6.29 -0.08 4.98
N GLN A 62 6.77 0.18 3.76
CA GLN A 62 6.73 1.54 3.21
C GLN A 62 5.30 2.07 3.23
N TYR A 63 4.36 1.24 2.77
CA TYR A 63 2.96 1.64 2.74
C TYR A 63 2.44 1.91 4.14
N LEU A 64 2.66 0.95 5.04
CA LEU A 64 2.19 1.12 6.41
C LEU A 64 2.81 2.35 7.04
N ASP A 65 4.12 2.51 6.91
CA ASP A 65 4.78 3.65 7.50
C ASP A 65 4.09 4.93 7.07
N ARG A 66 3.82 5.05 5.78
CA ARG A 66 3.15 6.24 5.29
C ARG A 66 1.79 6.38 5.96
N ALA A 67 1.07 5.28 6.05
CA ALA A 67 -0.24 5.31 6.66
C ALA A 67 -0.15 5.74 8.13
N GLU A 68 0.87 5.25 8.81
CA GLU A 68 1.08 5.57 10.21
C GLU A 68 1.26 7.07 10.42
N LYS A 69 2.21 7.65 9.72
CA LYS A 69 2.44 9.08 9.87
C LYS A 69 1.19 9.86 9.48
N LEU A 70 0.46 9.36 8.49
CA LEU A 70 -0.75 10.03 8.03
C LEU A 70 -1.75 10.11 9.16
N LYS A 71 -1.96 8.99 9.82
CA LYS A 71 -2.84 8.91 10.96
C LYS A 71 -2.27 9.68 12.15
N ASP A 72 -0.95 9.79 12.20
CA ASP A 72 -0.30 10.46 13.33
C ASP A 72 -0.67 11.93 13.44
N TYR A 73 -0.44 12.67 12.36
CA TYR A 73 -0.75 14.09 12.39
C TYR A 73 -2.25 14.30 12.21
N LEU A 74 -2.90 13.39 11.48
CA LEU A 74 -4.34 13.51 11.26
C LEU A 74 -5.06 13.48 12.60
N ARG A 75 -4.74 12.50 13.42
CA ARG A 75 -5.34 12.37 14.73
C ARG A 75 -4.97 13.57 15.58
N ILE B 3 7.24 -9.34 -10.09
CA ILE B 3 6.37 -8.42 -9.36
C ILE B 3 6.95 -7.02 -9.42
N GLU B 4 6.09 -6.06 -9.78
CA GLU B 4 6.49 -4.66 -9.85
C GLU B 4 5.49 -3.79 -9.11
N LEU B 5 5.85 -3.38 -7.89
CA LEU B 5 4.95 -2.55 -7.09
C LEU B 5 5.18 -1.07 -7.39
N PRO B 6 4.27 -0.22 -6.98
CA PRO B 6 4.40 1.26 -7.19
C PRO B 6 5.13 1.94 -6.03
N GLU B 7 5.51 3.19 -6.24
CA GLU B 7 6.21 3.97 -5.22
C GLU B 7 5.25 4.89 -4.51
N VAL B 8 5.51 5.14 -3.23
CA VAL B 8 4.65 6.00 -2.45
C VAL B 8 5.02 7.48 -2.66
N PRO B 9 4.02 8.34 -2.84
CA PRO B 9 4.27 9.80 -3.04
C PRO B 9 4.72 10.48 -1.74
N SER B 10 5.46 11.57 -1.88
CA SER B 10 5.94 12.33 -0.72
C SER B 10 5.54 13.79 -0.85
N GLU B 11 4.33 14.12 -0.42
CA GLU B 11 3.85 15.48 -0.51
C GLU B 11 4.29 16.30 0.72
N PRO B 12 4.19 17.61 0.67
CA PRO B 12 4.55 18.49 1.83
C PRO B 12 3.53 18.40 2.96
N LEU B 13 3.48 17.24 3.61
CA LEU B 13 2.53 17.03 4.71
C LEU B 13 3.28 16.65 5.99
N PRO B 14 2.76 17.03 7.14
CA PRO B 14 3.41 16.72 8.45
C PRO B 14 4.18 15.41 8.42
#